data_7BMG
# 
_entry.id   7BMG 
# 
_audit_conform.dict_name       mmcif_pdbx.dic 
_audit_conform.dict_version    5.392 
_audit_conform.dict_location   http://mmcif.pdb.org/dictionaries/ascii/mmcif_pdbx.dic 
# 
loop_
_database_2.database_id 
_database_2.database_code 
_database_2.pdbx_database_accession 
_database_2.pdbx_DOI 
PDB   7BMG         pdb_00007bmg 10.2210/pdb7bmg/pdb 
WWPDB D_1292113598 ?            ?                   
# 
loop_
_pdbx_audit_revision_history.ordinal 
_pdbx_audit_revision_history.data_content_type 
_pdbx_audit_revision_history.major_revision 
_pdbx_audit_revision_history.minor_revision 
_pdbx_audit_revision_history.revision_date 
1 'Structure model' 1 0 2021-04-07 
2 'Structure model' 2 0 2021-04-21 
3 'Structure model' 2 1 2024-05-15 
# 
_pdbx_audit_revision_details.ordinal             1 
_pdbx_audit_revision_details.revision_ordinal    1 
_pdbx_audit_revision_details.data_content_type   'Structure model' 
_pdbx_audit_revision_details.provider            repository 
_pdbx_audit_revision_details.type                'Initial release' 
_pdbx_audit_revision_details.description         ? 
_pdbx_audit_revision_details.details             ? 
# 
loop_
_pdbx_audit_revision_group.ordinal 
_pdbx_audit_revision_group.revision_ordinal 
_pdbx_audit_revision_group.data_content_type 
_pdbx_audit_revision_group.group 
1  2 'Structure model' Advisory                   
2  2 'Structure model' 'Atomic model'             
3  2 'Structure model' 'Database references'      
4  2 'Structure model' 'Derived calculations'     
5  2 'Structure model' 'Experimental preparation' 
6  2 'Structure model' 'Non-polymer description'  
7  2 'Structure model' 'Polymer sequence'         
8  2 'Structure model' 'Source and taxonomy'      
9  2 'Structure model' 'Structure summary'        
10 3 'Structure model' 'Data collection'          
11 3 'Structure model' 'Database references'      
# 
loop_
_pdbx_audit_revision_category.ordinal 
_pdbx_audit_revision_category.revision_ordinal 
_pdbx_audit_revision_category.data_content_type 
_pdbx_audit_revision_category.category 
1  2 'Structure model' atom_site                       
2  2 'Structure model' atom_site_anisotrop             
3  2 'Structure model' chem_comp                       
4  2 'Structure model' citation                        
5  2 'Structure model' citation_author                 
6  2 'Structure model' entity                          
7  2 'Structure model' entity_poly                     
8  2 'Structure model' entity_poly_seq                 
9  2 'Structure model' entity_src_gen                  
10 2 'Structure model' exptl_crystal                   
11 2 'Structure model' pdbx_poly_seq_scheme            
12 2 'Structure model' pdbx_struct_sheet_hbond         
13 2 'Structure model' pdbx_unobs_or_zero_occ_residues 
14 2 'Structure model' struct_conf                     
15 2 'Structure model' struct_ref                      
16 2 'Structure model' struct_ref_seq                  
17 2 'Structure model' struct_ref_seq_dif              
18 2 'Structure model' struct_sheet_range              
19 2 'Structure model' struct_site_gen                 
20 3 'Structure model' chem_comp_atom                  
21 3 'Structure model' chem_comp_bond                  
22 3 'Structure model' database_2                      
# 
loop_
_pdbx_audit_revision_item.ordinal 
_pdbx_audit_revision_item.revision_ordinal 
_pdbx_audit_revision_item.data_content_type 
_pdbx_audit_revision_item.item 
1  2 'Structure model' '_atom_site.label_seq_id'                       
2  2 'Structure model' '_atom_site_anisotrop.pdbx_label_seq_id'        
3  2 'Structure model' '_chem_comp.formula'                            
4  2 'Structure model' '_chem_comp.formula_weight'                     
5  2 'Structure model' '_chem_comp.id'                                 
6  2 'Structure model' '_chem_comp.mon_nstd_flag'                      
7  2 'Structure model' '_chem_comp.name'                               
8  2 'Structure model' '_chem_comp.type'                               
9  2 'Structure model' '_citation.journal_volume'                      
10 2 'Structure model' '_citation.page_first'                          
11 2 'Structure model' '_citation.page_last'                           
12 2 'Structure model' '_citation_author.identifier_ORCID'             
13 2 'Structure model' '_entity.formula_weight'                        
14 2 'Structure model' '_entity.pdbx_description'                      
15 2 'Structure model' '_entity.pdbx_ec'                               
16 2 'Structure model' '_entity_poly.pdbx_seq_one_letter_code'         
17 2 'Structure model' '_entity_poly.pdbx_seq_one_letter_code_can'     
18 2 'Structure model' '_exptl_crystal.density_Matthews'               
19 2 'Structure model' '_exptl_crystal.density_percent_sol'            
20 2 'Structure model' '_pdbx_struct_sheet_hbond.range_1_label_seq_id' 
21 2 'Structure model' '_pdbx_struct_sheet_hbond.range_2_label_seq_id' 
22 2 'Structure model' '_struct_conf.beg_label_seq_id'                 
23 2 'Structure model' '_struct_conf.end_label_seq_id'                 
24 2 'Structure model' '_struct_sheet_range.beg_label_seq_id'          
25 2 'Structure model' '_struct_sheet_range.end_label_seq_id'          
26 2 'Structure model' '_struct_site_gen.label_seq_id'                 
27 3 'Structure model' '_database_2.pdbx_DOI'                          
28 3 'Structure model' '_database_2.pdbx_database_accession'           
# 
_pdbx_database_status.status_code                     REL 
_pdbx_database_status.status_code_sf                  REL 
_pdbx_database_status.status_code_mr                  ? 
_pdbx_database_status.entry_id                        7BMG 
_pdbx_database_status.recvd_initial_deposition_date   2021-01-20 
_pdbx_database_status.SG_entry                        N 
_pdbx_database_status.deposit_site                    PDBE 
_pdbx_database_status.process_site                    PDBE 
_pdbx_database_status.status_code_cs                  ? 
_pdbx_database_status.status_code_nmr_data            ? 
_pdbx_database_status.methods_development_category    ? 
_pdbx_database_status.pdb_format_compatible           Y 
# 
_audit_author.name               'Williams, P.A.' 
_audit_author.pdbx_ordinal       1 
_audit_author.identifier_ORCID   0000-0002-1257-2351 
# 
_citation.abstract                  ? 
_citation.abstract_id_CAS           ? 
_citation.book_id_ISBN              ? 
_citation.book_publisher            ? 
_citation.book_publisher_city       ? 
_citation.book_title                ? 
_citation.coordinate_linkage        ? 
_citation.country                   US 
_citation.database_id_Medline       ? 
_citation.details                   ? 
_citation.id                        primary 
_citation.journal_abbrev            J.Med.Chem. 
_citation.journal_id_ASTM           JMCMAR 
_citation.journal_id_CSD            0151 
_citation.journal_id_ISSN           0022-2623 
_citation.journal_full              ? 
_citation.journal_issue             ? 
_citation.journal_volume            64 
_citation.language                  ? 
_citation.page_first                4071 
_citation.page_last                 4088 
_citation.title                     
'Structure-Based Design of Potent and Orally Active Isoindolinone Inhibitors of MDM2-p53 Protein-Protein Interaction.' 
_citation.year                      2021 
_citation.database_id_CSD           ? 
_citation.pdbx_database_id_DOI      10.1021/acs.jmedchem.0c02188 
_citation.pdbx_database_id_PubMed   33761253 
_citation.unpublished_flag          ? 
# 
loop_
_citation_author.citation_id 
_citation_author.name 
_citation_author.ordinal 
_citation_author.identifier_ORCID 
primary 'Chessari, G.'     1  ? 
primary 'Hardcastle, I.R.' 2  ? 
primary 'Ahn, J.S.'        3  ? 
primary 'Anil, B.'         4  ? 
primary 'Anscombe, E.'     5  ? 
primary 'Bawn, R.H.'       6  ? 
primary 'Bevan, L.D.'      7  ? 
primary 'Blackburn, T.J.'  8  ? 
primary 'Buck, I.'         9  ? 
primary 'Cano, C.'         10 ? 
primary 'Carbain, B.'      11 ? 
primary 'Castro, J.'       12 ? 
primary 'Cons, B.'         13 ? 
primary 'Cully, S.J.'      14 ? 
primary 'Endicott, J.A.'   15 ? 
primary 'Fazal, L.'        16 ? 
primary 'Golding, B.T.'    17 ? 
primary 'Griffin, R.J.'    18 ? 
primary 'Haggerty, K.'     19 ? 
primary 'Harnor, S.J.'     20 ? 
primary 'Hearn, K.'        21 ? 
primary 'Hobson, S.'       22 ? 
primary 'Holvey, R.S.'     23 ? 
primary 'Howard, S.'       24 ? 
primary 'Jennings, C.E.'   25 ? 
primary 'Johnson, C.N.'    26 ? 
primary 'Lunec, J.'        27 ? 
primary 'Miller, D.C.'     28 ? 
primary 'Newell, D.R.'     29 ? 
primary 'Noble, M.E.M.'    30 ? 
primary 'Reeks, J.'        31 ? 
primary 'Revill, C.H.'     32 ? 
primary 'Riedinger, C.'    33 ? 
primary 'St Denis, J.D.'   34 ? 
primary 'Tamanini, E.'     35 ? 
primary 'Thomas, H.'       36 ? 
primary 'Thompson, N.T.'   37 ? 
primary 'Vinkovic, M.'     38 ? 
primary 'Wedge, S.R.'      39 ? 
primary 'Williams, P.A.'   40 ? 
primary 'Wilsher, N.E.'    41 ? 
primary 'Zhang, B.'        42 ? 
primary 'Zhao, Y.'         43 ? 
# 
loop_
_entity.id 
_entity.type 
_entity.src_method 
_entity.pdbx_description 
_entity.formula_weight 
_entity.pdbx_number_of_molecules 
_entity.pdbx_ec 
_entity.pdbx_mutation 
_entity.pdbx_fragment 
_entity.details 
1 polymer     man 'E3 ubiquitin-protein ligase Mdm2' 11181.083 1   2.3.2.27 E69A,K70A ? ? 
2 non-polymer syn 1,2-ETHANEDIOL 62.068    3   ?        ?         ? ? 
3 non-polymer syn 
;(3~{R})-3-(4-chlorophenyl)-2-[(4-ethynylphenyl)methyl]-3-[[1-(hydroxymethyl)cyclopropyl]methoxy]-6-(2-oxidanylpropan-2-yl)isoindol-1-one
;
516.027   1   ?        ?         ? ? 
4 water       nat water 18.015    105 ?        ?         ? ? 
# 
_entity_name_com.entity_id   1 
_entity_name_com.name        
'Double minute 2 protein,Hdm2,Oncoprotein Mdm2,RING-type E3 ubiquitin transferase Mdm2,p53-binding protein Mdm2' 
# 
_entity_poly.entity_id                      1 
_entity_poly.type                           'polypeptide(L)' 
_entity_poly.nstd_linkage                   no 
_entity_poly.nstd_monomer                   no 
_entity_poly.pdbx_seq_one_letter_code       
;GPLGSSQIPASEQETLVRPKPLLLKLLKSVGAQKDTYTMKEVLFYLGQYIMTKRLYDAAQQHIVYCSNDLLGDLFGVPSF
SVKEHRKIYTMIYRNLVV
;
_entity_poly.pdbx_seq_one_letter_code_can   
;GPLGSSQIPASEQETLVRPKPLLLKLLKSVGAQKDTYTMKEVLFYLGQYIMTKRLYDAAQQHIVYCSNDLLGDLFGVPSF
SVKEHRKIYTMIYRNLVV
;
_entity_poly.pdbx_strand_id                 A 
_entity_poly.pdbx_target_identifier         ? 
# 
loop_
_pdbx_entity_nonpoly.entity_id 
_pdbx_entity_nonpoly.name 
_pdbx_entity_nonpoly.comp_id 
2 1,2-ETHANEDIOL EDO 
3 
;(3~{R})-3-(4-chlorophenyl)-2-[(4-ethynylphenyl)methyl]-3-[[1-(hydroxymethyl)cyclopropyl]methoxy]-6-(2-oxidanylpropan-2-yl)isoindol-1-one
;
U3Z 
4 water HOH 
# 
loop_
_entity_poly_seq.entity_id 
_entity_poly_seq.num 
_entity_poly_seq.mon_id 
_entity_poly_seq.hetero 
1 1  GLY n 
1 2  PRO n 
1 3  LEU n 
1 4  GLY n 
1 5  SER n 
1 6  SER n 
1 7  GLN n 
1 8  ILE n 
1 9  PRO n 
1 10 ALA n 
1 11 SER n 
1 12 GLU n 
1 13 GLN n 
1 14 GLU n 
1 15 THR n 
1 16 LEU n 
1 17 VAL n 
1 18 ARG n 
1 19 PRO n 
1 20 LYS n 
1 21 PRO n 
1 22 LEU n 
1 23 LEU n 
1 24 LEU n 
1 25 LYS n 
1 26 LEU n 
1 27 LEU n 
1 28 LYS n 
1 29 SER n 
1 30 VAL n 
1 31 GLY n 
1 32 ALA n 
1 33 GLN n 
1 34 LYS n 
1 35 ASP n 
1 36 THR n 
1 37 TYR n 
1 38 THR n 
1 39 MET n 
1 40 LYS n 
1 41 GLU n 
1 42 VAL n 
1 43 LEU n 
1 44 PHE n 
1 45 TYR n 
1 46 LEU n 
1 47 GLY n 
1 48 GLN n 
1 49 TYR n 
1 50 ILE n 
1 51 MET n 
1 52 THR n 
1 53 LYS n 
1 54 ARG n 
1 55 LEU n 
1 56 TYR n 
1 57 ASP n 
1 58 ALA n 
1 59 ALA n 
1 60 GLN n 
1 61 GLN n 
1 62 HIS n 
1 63 ILE n 
1 64 VAL n 
1 65 TYR n 
1 66 CYS n 
1 67 SER n 
1 68 ASN n 
1 69 ASP n 
1 70 LEU n 
1 71 LEU n 
1 72 GLY n 
1 73 ASP n 
1 74 LEU n 
1 75 PHE n 
1 76 GLY n 
1 77 VAL n 
1 78 PRO n 
1 79 SER n 
1 80 PHE n 
1 81 SER n 
1 82 VAL n 
1 83 LYS n 
1 84 GLU n 
1 85 HIS n 
1 86 ARG n 
1 87 LYS n 
1 88 ILE n 
1 89 TYR n 
1 90 THR n 
1 91 MET n 
1 92 ILE n 
1 93 TYR n 
1 94 ARG n 
1 95 ASN n 
1 96 LEU n 
1 97 VAL n 
1 98 VAL n 
# 
_entity_src_gen.entity_id                          1 
_entity_src_gen.pdbx_src_id                        1 
_entity_src_gen.pdbx_alt_source_flag               sample 
_entity_src_gen.pdbx_seq_type                      'Biological sequence' 
_entity_src_gen.pdbx_beg_seq_num                   1 
_entity_src_gen.pdbx_end_seq_num                   98 
_entity_src_gen.gene_src_common_name               Human 
_entity_src_gen.gene_src_genus                     ? 
_entity_src_gen.pdbx_gene_src_gene                 MDM2 
_entity_src_gen.gene_src_species                   ? 
_entity_src_gen.gene_src_strain                    ? 
_entity_src_gen.gene_src_tissue                    ? 
_entity_src_gen.gene_src_tissue_fraction           ? 
_entity_src_gen.gene_src_details                   ? 
_entity_src_gen.pdbx_gene_src_fragment             ? 
_entity_src_gen.pdbx_gene_src_scientific_name      'Homo sapiens' 
_entity_src_gen.pdbx_gene_src_ncbi_taxonomy_id     9606 
_entity_src_gen.pdbx_gene_src_variant              ? 
_entity_src_gen.pdbx_gene_src_cell_line            ? 
_entity_src_gen.pdbx_gene_src_atcc                 ? 
_entity_src_gen.pdbx_gene_src_organ                ? 
_entity_src_gen.pdbx_gene_src_organelle            ? 
_entity_src_gen.pdbx_gene_src_cell                 ? 
_entity_src_gen.pdbx_gene_src_cellular_location    ? 
_entity_src_gen.host_org_common_name               ? 
_entity_src_gen.pdbx_host_org_scientific_name      'Escherichia coli BL21(DE3)' 
_entity_src_gen.pdbx_host_org_ncbi_taxonomy_id     469008 
_entity_src_gen.host_org_genus                     ? 
_entity_src_gen.pdbx_host_org_gene                 ? 
_entity_src_gen.pdbx_host_org_organ                ? 
_entity_src_gen.host_org_species                   ? 
_entity_src_gen.pdbx_host_org_tissue               ? 
_entity_src_gen.pdbx_host_org_tissue_fraction      ? 
_entity_src_gen.pdbx_host_org_strain               ? 
_entity_src_gen.pdbx_host_org_variant              pLysS 
_entity_src_gen.pdbx_host_org_cell_line            ? 
_entity_src_gen.pdbx_host_org_atcc                 ? 
_entity_src_gen.pdbx_host_org_culture_collection   ? 
_entity_src_gen.pdbx_host_org_cell                 ? 
_entity_src_gen.pdbx_host_org_organelle            ? 
_entity_src_gen.pdbx_host_org_cellular_location    ? 
_entity_src_gen.pdbx_host_org_vector_type          ? 
_entity_src_gen.pdbx_host_org_vector               ? 
_entity_src_gen.host_org_details                   ? 
_entity_src_gen.expression_system_id               ? 
_entity_src_gen.plasmid_name                       ? 
_entity_src_gen.plasmid_details                    ? 
_entity_src_gen.pdbx_description                   ? 
# 
loop_
_chem_comp.id 
_chem_comp.type 
_chem_comp.mon_nstd_flag 
_chem_comp.name 
_chem_comp.pdbx_synonyms 
_chem_comp.formula 
_chem_comp.formula_weight 
ALA 'L-peptide linking' y ALANINE ?                 'C3 H7 N O2'      89.093  
ARG 'L-peptide linking' y ARGININE ?                 'C6 H15 N4 O2 1'  175.209 
ASN 'L-peptide linking' y ASPARAGINE ?                 'C4 H8 N2 O3'     132.118 
ASP 'L-peptide linking' y 'ASPARTIC ACID' ?                 'C4 H7 N O4'      133.103 
CYS 'L-peptide linking' y CYSTEINE ?                 'C3 H7 N O2 S'    121.158 
EDO non-polymer         . 1,2-ETHANEDIOL 'ETHYLENE GLYCOL' 'C2 H6 O2'        62.068  
GLN 'L-peptide linking' y GLUTAMINE ?                 'C5 H10 N2 O3'    146.144 
GLU 'L-peptide linking' y 'GLUTAMIC ACID' ?                 'C5 H9 N O4'      147.129 
GLY 'peptide linking'   y GLYCINE ?                 'C2 H5 N O2'      75.067  
HIS 'L-peptide linking' y HISTIDINE ?                 'C6 H10 N3 O2 1'  156.162 
HOH non-polymer         . WATER ?                 'H2 O'            18.015  
ILE 'L-peptide linking' y ISOLEUCINE ?                 'C6 H13 N O2'     131.173 
LEU 'L-peptide linking' y LEUCINE ?                 'C6 H13 N O2'     131.173 
LYS 'L-peptide linking' y LYSINE ?                 'C6 H15 N2 O2 1'  147.195 
MET 'L-peptide linking' y METHIONINE ?                 'C5 H11 N O2 S'   149.211 
PHE 'L-peptide linking' y PHENYLALANINE ?                 'C9 H11 N O2'     165.189 
PRO 'L-peptide linking' y PROLINE ?                 'C5 H9 N O2'      115.130 
SER 'L-peptide linking' y SERINE ?                 'C3 H7 N O3'      105.093 
THR 'L-peptide linking' y THREONINE ?                 'C4 H9 N O3'      119.119 
TYR 'L-peptide linking' y TYROSINE ?                 'C9 H11 N O3'     181.189 
U3Z non-polymer         . 
;(3~{R})-3-(4-chlorophenyl)-2-[(4-ethynylphenyl)methyl]-3-[[1-(hydroxymethyl)cyclopropyl]methoxy]-6-(2-oxidanylpropan-2-yl)isoindol-1-one
;
?                 'C31 H30 Cl N O4' 516.027 
VAL 'L-peptide linking' y VALINE ?                 'C5 H11 N O2'     117.146 
# 
loop_
_pdbx_poly_seq_scheme.asym_id 
_pdbx_poly_seq_scheme.entity_id 
_pdbx_poly_seq_scheme.seq_id 
_pdbx_poly_seq_scheme.mon_id 
_pdbx_poly_seq_scheme.ndb_seq_num 
_pdbx_poly_seq_scheme.pdb_seq_num 
_pdbx_poly_seq_scheme.auth_seq_num 
_pdbx_poly_seq_scheme.pdb_mon_id 
_pdbx_poly_seq_scheme.auth_mon_id 
_pdbx_poly_seq_scheme.pdb_strand_id 
_pdbx_poly_seq_scheme.pdb_ins_code 
_pdbx_poly_seq_scheme.hetero 
A 1 1  GLY 1  12  ?   ?   ?   A . n 
A 1 2  PRO 2  13  ?   ?   ?   A . n 
A 1 3  LEU 3  14  ?   ?   ?   A . n 
A 1 4  GLY 4  15  ?   ?   ?   A . n 
A 1 5  SER 5  16  ?   ?   ?   A . n 
A 1 6  SER 6  17  17  SER SER A . n 
A 1 7  GLN 7  18  18  GLN GLN A . n 
A 1 8  ILE 8  19  19  ILE ILE A . n 
A 1 9  PRO 9  20  20  PRO PRO A . n 
A 1 10 ALA 10 21  21  ALA ALA A . n 
A 1 11 SER 11 22  22  SER SER A . n 
A 1 12 GLU 12 23  23  GLU GLU A . n 
A 1 13 GLN 13 24  24  GLN GLN A . n 
A 1 14 GLU 14 25  25  GLU GLU A . n 
A 1 15 THR 15 26  26  THR THR A . n 
A 1 16 LEU 16 27  27  LEU LEU A . n 
A 1 17 VAL 17 28  28  VAL VAL A . n 
A 1 18 ARG 18 29  29  ARG ARG A . n 
A 1 19 PRO 19 30  30  PRO PRO A . n 
A 1 20 LYS 20 31  31  LYS LYS A . n 
A 1 21 PRO 21 32  32  PRO PRO A . n 
A 1 22 LEU 22 33  33  LEU LEU A . n 
A 1 23 LEU 23 34  34  LEU LEU A . n 
A 1 24 LEU 24 35  35  LEU LEU A . n 
A 1 25 LYS 25 36  36  LYS LYS A . n 
A 1 26 LEU 26 37  37  LEU LEU A . n 
A 1 27 LEU 27 38  38  LEU LEU A . n 
A 1 28 LYS 28 39  39  LYS LYS A . n 
A 1 29 SER 29 40  40  SER SER A . n 
A 1 30 VAL 30 41  41  VAL VAL A . n 
A 1 31 GLY 31 42  42  GLY GLY A . n 
A 1 32 ALA 32 43  43  ALA ALA A . n 
A 1 33 GLN 33 44  44  GLN GLN A . n 
A 1 34 LYS 34 45  45  LYS LYS A . n 
A 1 35 ASP 35 46  46  ASP ASP A . n 
A 1 36 THR 36 47  47  THR THR A . n 
A 1 37 TYR 37 48  48  TYR TYR A . n 
A 1 38 THR 38 49  49  THR THR A . n 
A 1 39 MET 39 50  50  MET MET A . n 
A 1 40 LYS 40 51  51  LYS LYS A . n 
A 1 41 GLU 41 52  52  GLU GLU A . n 
A 1 42 VAL 42 53  53  VAL VAL A . n 
A 1 43 LEU 43 54  54  LEU LEU A . n 
A 1 44 PHE 44 55  55  PHE PHE A . n 
A 1 45 TYR 45 56  56  TYR TYR A . n 
A 1 46 LEU 46 57  57  LEU LEU A . n 
A 1 47 GLY 47 58  58  GLY GLY A . n 
A 1 48 GLN 48 59  59  GLN GLN A . n 
A 1 49 TYR 49 60  60  TYR TYR A . n 
A 1 50 ILE 50 61  61  ILE ILE A . n 
A 1 51 MET 51 62  62  MET MET A . n 
A 1 52 THR 52 63  63  THR THR A . n 
A 1 53 LYS 53 64  64  LYS LYS A . n 
A 1 54 ARG 54 65  65  ARG ARG A . n 
A 1 55 LEU 55 66  66  LEU LEU A . n 
A 1 56 TYR 56 67  67  TYR TYR A . n 
A 1 57 ASP 57 68  68  ASP ASP A . n 
A 1 58 ALA 58 69  69  ALA ALA A . n 
A 1 59 ALA 59 70  70  ALA ALA A . n 
A 1 60 GLN 60 71  71  GLN GLN A . n 
A 1 61 GLN 61 72  72  GLN GLN A . n 
A 1 62 HIS 62 73  73  HIS HIS A . n 
A 1 63 ILE 63 74  74  ILE ILE A . n 
A 1 64 VAL 64 75  75  VAL VAL A . n 
A 1 65 TYR 65 76  76  TYR TYR A . n 
A 1 66 CYS 66 77  77  CYS CYS A . n 
A 1 67 SER 67 78  78  SER SER A . n 
A 1 68 ASN 68 79  79  ASN ASN A . n 
A 1 69 ASP 69 80  80  ASP ASP A . n 
A 1 70 LEU 70 81  81  LEU LEU A . n 
A 1 71 LEU 71 82  82  LEU LEU A . n 
A 1 72 GLY 72 83  83  GLY GLY A . n 
A 1 73 ASP 73 84  84  ASP ASP A . n 
A 1 74 LEU 74 85  85  LEU LEU A . n 
A 1 75 PHE 75 86  86  PHE PHE A . n 
A 1 76 GLY 76 87  87  GLY GLY A . n 
A 1 77 VAL 77 88  88  VAL VAL A . n 
A 1 78 PRO 78 89  89  PRO PRO A . n 
A 1 79 SER 79 90  90  SER SER A . n 
A 1 80 PHE 80 91  91  PHE PHE A . n 
A 1 81 SER 81 92  92  SER SER A . n 
A 1 82 VAL 82 93  93  VAL VAL A . n 
A 1 83 LYS 83 94  94  LYS LYS A . n 
A 1 84 GLU 84 95  95  GLU GLU A . n 
A 1 85 HIS 85 96  96  HIS HIS A . n 
A 1 86 ARG 86 97  97  ARG ARG A . n 
A 1 87 LYS 87 98  98  LYS LYS A . n 
A 1 88 ILE 88 99  99  ILE ILE A . n 
A 1 89 TYR 89 100 100 TYR TYR A . n 
A 1 90 THR 90 101 101 THR THR A . n 
A 1 91 MET 91 102 102 MET MET A . n 
A 1 92 ILE 92 103 103 ILE ILE A . n 
A 1 93 TYR 93 104 104 TYR TYR A . n 
A 1 94 ARG 94 105 105 ARG ARG A . n 
A 1 95 ASN 95 106 106 ASN ASN A . n 
A 1 96 LEU 96 107 107 LEU LEU A . n 
A 1 97 VAL 97 108 108 VAL VAL A . n 
A 1 98 VAL 98 109 ?   ?   ?   A . n 
# 
loop_
_pdbx_nonpoly_scheme.asym_id 
_pdbx_nonpoly_scheme.entity_id 
_pdbx_nonpoly_scheme.mon_id 
_pdbx_nonpoly_scheme.ndb_seq_num 
_pdbx_nonpoly_scheme.pdb_seq_num 
_pdbx_nonpoly_scheme.auth_seq_num 
_pdbx_nonpoly_scheme.pdb_mon_id 
_pdbx_nonpoly_scheme.auth_mon_id 
_pdbx_nonpoly_scheme.pdb_strand_id 
_pdbx_nonpoly_scheme.pdb_ins_code 
B 2 EDO 1   201 1  EDO EDO A . 
C 2 EDO 1   202 2  EDO EDO A . 
D 2 EDO 1   203 3  EDO EDO A . 
E 3 U3Z 1   204 1  U3Z L01 A . 
F 4 HOH 1   301 3  HOH HOH A . 
F 4 HOH 2   302 13 HOH HOH A . 
F 4 HOH 3   303 13 HOH HOH A . 
F 4 HOH 4   304 1  HOH HOH A . 
F 4 HOH 5   305 19 HOH HOH A . 
F 4 HOH 6   306 62 HOH HOH A . 
F 4 HOH 7   307 6  HOH HOH A . 
F 4 HOH 8   308 1  HOH HOH A . 
F 4 HOH 9   309 5  HOH HOH A . 
F 4 HOH 10  310 20 HOH HOH A . 
F 4 HOH 11  311 41 HOH HOH A . 
F 4 HOH 12  312 28 HOH HOH A . 
F 4 HOH 13  313 48 HOH HOH A . 
F 4 HOH 14  314 69 HOH HOH A . 
F 4 HOH 15  315 78 HOH HOH A . 
F 4 HOH 16  316 7  HOH HOH A . 
F 4 HOH 17  317 40 HOH HOH A . 
F 4 HOH 18  318 34 HOH HOH A . 
F 4 HOH 19  319 82 HOH HOH A . 
F 4 HOH 20  320 12 HOH HOH A . 
F 4 HOH 21  321 14 HOH HOH A . 
F 4 HOH 22  322 37 HOH HOH A . 
F 4 HOH 23  323 79 HOH HOH A . 
F 4 HOH 24  324 81 HOH HOH A . 
F 4 HOH 25  325 21 HOH HOH A . 
F 4 HOH 26  326 83 HOH HOH A . 
F 4 HOH 27  327 31 HOH HOH A . 
F 4 HOH 28  328 61 HOH HOH A . 
F 4 HOH 29  329 10 HOH HOH A . 
F 4 HOH 30  330 22 HOH HOH A . 
F 4 HOH 31  331 2  HOH HOH A . 
F 4 HOH 32  332 8  HOH HOH A . 
F 4 HOH 33  333 80 HOH HOH A . 
F 4 HOH 34  334 17 HOH HOH A . 
F 4 HOH 35  335 4  HOH HOH A . 
F 4 HOH 36  336 23 HOH HOH A . 
F 4 HOH 37  337 9  HOH HOH A . 
F 4 HOH 38  338 22 HOH HOH A . 
F 4 HOH 39  339 36 HOH HOH A . 
F 4 HOH 40  340 18 HOH HOH A . 
F 4 HOH 41  341 70 HOH HOH A . 
F 4 HOH 42  342 33 HOH HOH A . 
F 4 HOH 43  343 35 HOH HOH A . 
F 4 HOH 44  344 24 HOH HOH A . 
F 4 HOH 45  345 15 HOH HOH A . 
F 4 HOH 46  346 7  HOH HOH A . 
F 4 HOH 47  347 3  HOH HOH A . 
F 4 HOH 48  348 63 HOH HOH A . 
F 4 HOH 49  349 25 HOH HOH A . 
F 4 HOH 50  350 49 HOH HOH A . 
F 4 HOH 51  351 2  HOH HOH A . 
F 4 HOH 52  352 64 HOH HOH A . 
F 4 HOH 53  353 26 HOH HOH A . 
F 4 HOH 54  354 4  HOH HOH A . 
F 4 HOH 55  355 26 HOH HOH A . 
F 4 HOH 56  356 50 HOH HOH A . 
F 4 HOH 57  357 16 HOH HOH A . 
F 4 HOH 58  358 27 HOH HOH A . 
F 4 HOH 59  359 11 HOH HOH A . 
F 4 HOH 60  360 16 HOH HOH A . 
F 4 HOH 61  361 68 HOH HOH A . 
F 4 HOH 62  362 43 HOH HOH A . 
F 4 HOH 63  363 19 HOH HOH A . 
F 4 HOH 64  364 28 HOH HOH A . 
F 4 HOH 65  365 29 HOH HOH A . 
F 4 HOH 66  366 46 HOH HOH A . 
F 4 HOH 67  367 75 HOH HOH A . 
F 4 HOH 68  368 27 HOH HOH A . 
F 4 HOH 69  369 84 HOH HOH A . 
F 4 HOH 70  370 67 HOH HOH A . 
F 4 HOH 71  371 39 HOH HOH A . 
F 4 HOH 72  372 44 HOH HOH A . 
F 4 HOH 73  373 11 HOH HOH A . 
F 4 HOH 74  374 56 HOH HOH A . 
F 4 HOH 75  375 76 HOH HOH A . 
F 4 HOH 76  376 71 HOH HOH A . 
F 4 HOH 77  377 10 HOH HOH A . 
F 4 HOH 78  378 6  HOH HOH A . 
F 4 HOH 79  379 53 HOH HOH A . 
F 4 HOH 80  380 51 HOH HOH A . 
F 4 HOH 81  381 52 HOH HOH A . 
F 4 HOH 82  382 85 HOH HOH A . 
F 4 HOH 83  383 24 HOH HOH A . 
F 4 HOH 84  384 20 HOH HOH A . 
F 4 HOH 85  385 55 HOH HOH A . 
F 4 HOH 86  386 86 HOH HOH A . 
F 4 HOH 87  387 59 HOH HOH A . 
F 4 HOH 88  388 58 HOH HOH A . 
F 4 HOH 89  389 73 HOH HOH A . 
F 4 HOH 90  390 65 HOH HOH A . 
F 4 HOH 91  391 45 HOH HOH A . 
F 4 HOH 92  392 21 HOH HOH A . 
F 4 HOH 93  393 77 HOH HOH A . 
F 4 HOH 94  394 5  HOH HOH A . 
F 4 HOH 95  395 38 HOH HOH A . 
F 4 HOH 96  396 18 HOH HOH A . 
F 4 HOH 97  397 72 HOH HOH A . 
F 4 HOH 98  398 9  HOH HOH A . 
F 4 HOH 99  399 42 HOH HOH A . 
F 4 HOH 100 400 54 HOH HOH A . 
F 4 HOH 101 401 15 HOH HOH A . 
F 4 HOH 102 402 29 HOH HOH A . 
F 4 HOH 103 403 25 HOH HOH A . 
F 4 HOH 104 404 60 HOH HOH A . 
F 4 HOH 105 405 47 HOH HOH A . 
# 
loop_
_software.citation_id 
_software.classification 
_software.compiler_name 
_software.compiler_version 
_software.contact_author 
_software.contact_author_email 
_software.date 
_software.description 
_software.dependencies 
_software.hardware 
_software.language 
_software.location 
_software.mods 
_software.name 
_software.os 
_software.os_version 
_software.type 
_software.version 
_software.pdbx_ordinal 
? refinement        ? ? ? ? ? ? ? ? ? ? ? BUSTER      ? ? ? 2.11.7 1 
? 'data extraction' ? ? ? ? ? ? ? ? ? ? ? PDB_EXTRACT ? ? ? 3.25   2 
? 'data reduction'  ? ? ? ? ? ? ? ? ? ? ? xia2        ? ? ? .      3 
? 'data scaling'    ? ? ? ? ? ? ? ? ? ? ? Aimless     ? ? ? .      4 
? phasing           ? ? ? ? ? ? ? ? ? ? ? BUSTER      ? ? ? .      5 
# 
_cell.angle_alpha                  90.000 
_cell.angle_alpha_esd              ? 
_cell.angle_beta                   90.000 
_cell.angle_beta_esd               ? 
_cell.angle_gamma                  120.000 
_cell.angle_gamma_esd              ? 
_cell.entry_id                     7BMG 
_cell.details                      ? 
_cell.formula_units_Z              ? 
_cell.length_a                     71.530 
_cell.length_a_esd                 ? 
_cell.length_b                     71.530 
_cell.length_b_esd                 ? 
_cell.length_c                     100.430 
_cell.length_c_esd                 ? 
_cell.volume                       ? 
_cell.volume_esd                   ? 
_cell.Z_PDB                        12 
_cell.reciprocal_angle_alpha       ? 
_cell.reciprocal_angle_beta        ? 
_cell.reciprocal_angle_gamma       ? 
_cell.reciprocal_angle_alpha_esd   ? 
_cell.reciprocal_angle_beta_esd    ? 
_cell.reciprocal_angle_gamma_esd   ? 
_cell.reciprocal_length_a          ? 
_cell.reciprocal_length_b          ? 
_cell.reciprocal_length_c          ? 
_cell.reciprocal_length_a_esd      ? 
_cell.reciprocal_length_b_esd      ? 
_cell.reciprocal_length_c_esd      ? 
_cell.pdbx_unique_axis             ? 
# 
_symmetry.entry_id                         7BMG 
_symmetry.cell_setting                     ? 
_symmetry.Int_Tables_number                179 
_symmetry.space_group_name_Hall            ? 
_symmetry.space_group_name_H-M             'P 65 2 2' 
_symmetry.pdbx_full_space_group_name_H-M   ? 
# 
_exptl.absorpt_coefficient_mu     ? 
_exptl.absorpt_correction_T_max   ? 
_exptl.absorpt_correction_T_min   ? 
_exptl.absorpt_correction_type    ? 
_exptl.absorpt_process_details    ? 
_exptl.entry_id                   7BMG 
_exptl.crystals_number            1 
_exptl.details                    ? 
_exptl.method                     'X-RAY DIFFRACTION' 
_exptl.method_details             ? 
# 
_exptl_crystal.colour                      ? 
_exptl_crystal.density_diffrn              ? 
_exptl_crystal.density_Matthews            3.32 
_exptl_crystal.density_method              ? 
_exptl_crystal.density_percent_sol         62.91 
_exptl_crystal.description                 ? 
_exptl_crystal.F_000                       ? 
_exptl_crystal.id                          1 
_exptl_crystal.preparation                 ? 
_exptl_crystal.size_max                    ? 
_exptl_crystal.size_mid                    ? 
_exptl_crystal.size_min                    ? 
_exptl_crystal.size_rad                    ? 
_exptl_crystal.colour_lustre               ? 
_exptl_crystal.colour_modifier             ? 
_exptl_crystal.colour_primary              ? 
_exptl_crystal.density_meas                ? 
_exptl_crystal.density_meas_esd            ? 
_exptl_crystal.density_meas_gt             ? 
_exptl_crystal.density_meas_lt             ? 
_exptl_crystal.density_meas_temp           ? 
_exptl_crystal.density_meas_temp_esd       ? 
_exptl_crystal.density_meas_temp_gt        ? 
_exptl_crystal.density_meas_temp_lt        ? 
_exptl_crystal.pdbx_crystal_image_url      ? 
_exptl_crystal.pdbx_crystal_image_format   ? 
_exptl_crystal.pdbx_mosaicity              ? 
_exptl_crystal.pdbx_mosaicity_esd          ? 
# 
_exptl_crystal_grow.apparatus       ? 
_exptl_crystal_grow.atmosphere      ? 
_exptl_crystal_grow.crystal_id      1 
_exptl_crystal_grow.details         ? 
_exptl_crystal_grow.method          'VAPOR DIFFUSION, SITTING DROP' 
_exptl_crystal_grow.method_ref      ? 
_exptl_crystal_grow.pH              ? 
_exptl_crystal_grow.pressure        ? 
_exptl_crystal_grow.pressure_esd    ? 
_exptl_crystal_grow.seeding         ? 
_exptl_crystal_grow.seeding_ref     ? 
_exptl_crystal_grow.temp            277 
_exptl_crystal_grow.temp_details    ? 
_exptl_crystal_grow.temp_esd        ? 
_exptl_crystal_grow.time            ? 
_exptl_crystal_grow.pdbx_details    '2.2M (NH4)2SO4' 
_exptl_crystal_grow.pdbx_pH_range   ? 
# 
_diffrn.ambient_environment              ? 
_diffrn.ambient_temp                     100 
_diffrn.ambient_temp_details             ? 
_diffrn.ambient_temp_esd                 ? 
_diffrn.crystal_id                       1 
_diffrn.crystal_support                  ? 
_diffrn.crystal_treatment                ? 
_diffrn.details                          ? 
_diffrn.id                               1 
_diffrn.ambient_pressure                 ? 
_diffrn.ambient_pressure_esd             ? 
_diffrn.ambient_pressure_gt              ? 
_diffrn.ambient_pressure_lt              ? 
_diffrn.ambient_temp_gt                  ? 
_diffrn.ambient_temp_lt                  ? 
_diffrn.pdbx_serial_crystal_experiment   N 
# 
_diffrn_detector.details                      ? 
_diffrn_detector.detector                     PIXEL 
_diffrn_detector.diffrn_id                    1 
_diffrn_detector.type                         'DECTRIS PILATUS 6M' 
_diffrn_detector.area_resol_mean              ? 
_diffrn_detector.dtime                        ? 
_diffrn_detector.pdbx_frames_total            ? 
_diffrn_detector.pdbx_collection_time_total   ? 
_diffrn_detector.pdbx_collection_date         2013-12-20 
_diffrn_detector.pdbx_frequency               ? 
# 
_diffrn_radiation.collimation                      ? 
_diffrn_radiation.diffrn_id                        1 
_diffrn_radiation.filter_edge                      ? 
_diffrn_radiation.inhomogeneity                    ? 
_diffrn_radiation.monochromator                    ? 
_diffrn_radiation.polarisn_norm                    ? 
_diffrn_radiation.polarisn_ratio                   ? 
_diffrn_radiation.probe                            ? 
_diffrn_radiation.type                             ? 
_diffrn_radiation.xray_symbol                      ? 
_diffrn_radiation.wavelength_id                    1 
_diffrn_radiation.pdbx_monochromatic_or_laue_m_l   M 
_diffrn_radiation.pdbx_wavelength_list             ? 
_diffrn_radiation.pdbx_wavelength                  ? 
_diffrn_radiation.pdbx_diffrn_protocol             'SINGLE WAVELENGTH' 
_diffrn_radiation.pdbx_analyzer                    ? 
_diffrn_radiation.pdbx_scattering_type             x-ray 
# 
_diffrn_radiation_wavelength.id           1 
_diffrn_radiation_wavelength.wavelength   0.97957 
_diffrn_radiation_wavelength.wt           1.0 
# 
_diffrn_source.current                     ? 
_diffrn_source.details                     ? 
_diffrn_source.diffrn_id                   1 
_diffrn_source.power                       ? 
_diffrn_source.size                        ? 
_diffrn_source.source                      SYNCHROTRON 
_diffrn_source.target                      ? 
_diffrn_source.type                        'DIAMOND BEAMLINE I02' 
_diffrn_source.voltage                     ? 
_diffrn_source.take-off_angle              ? 
_diffrn_source.pdbx_wavelength_list        0.97957 
_diffrn_source.pdbx_wavelength             ? 
_diffrn_source.pdbx_synchrotron_beamline   I02 
_diffrn_source.pdbx_synchrotron_site       Diamond 
# 
_reflns.B_iso_Wilson_estimate            ? 
_reflns.entry_id                         7BMG 
_reflns.data_reduction_details           ? 
_reflns.data_reduction_method            ? 
_reflns.d_resolution_high                1.83 
_reflns.d_resolution_low                 61.95 
_reflns.details                          ? 
_reflns.limit_h_max                      ? 
_reflns.limit_h_min                      ? 
_reflns.limit_k_max                      ? 
_reflns.limit_k_min                      ? 
_reflns.limit_l_max                      ? 
_reflns.limit_l_min                      ? 
_reflns.number_all                       ? 
_reflns.number_obs                       14020 
_reflns.observed_criterion               ? 
_reflns.observed_criterion_F_max         ? 
_reflns.observed_criterion_F_min         ? 
_reflns.observed_criterion_I_max         ? 
_reflns.observed_criterion_I_min         ? 
_reflns.observed_criterion_sigma_F       ? 
_reflns.observed_criterion_sigma_I       ? 
_reflns.percent_possible_obs             100 
_reflns.R_free_details                   ? 
_reflns.Rmerge_F_all                     ? 
_reflns.Rmerge_F_obs                     ? 
_reflns.Friedel_coverage                 ? 
_reflns.number_gt                        ? 
_reflns.threshold_expression             ? 
_reflns.pdbx_redundancy                  10.1 
_reflns.pdbx_Rmerge_I_obs                0.044 
_reflns.pdbx_Rmerge_I_all                ? 
_reflns.pdbx_Rsym_value                  ? 
_reflns.pdbx_netI_over_av_sigmaI         ? 
_reflns.pdbx_netI_over_sigmaI            29.3 
_reflns.pdbx_res_netI_over_av_sigmaI_2   ? 
_reflns.pdbx_res_netI_over_sigmaI_2      ? 
_reflns.pdbx_chi_squared                 ? 
_reflns.pdbx_scaling_rejects             ? 
_reflns.pdbx_d_res_high_opt              ? 
_reflns.pdbx_d_res_low_opt               ? 
_reflns.pdbx_d_res_opt_method            ? 
_reflns.phase_calculation_details        ? 
_reflns.pdbx_Rrim_I_all                  ? 
_reflns.pdbx_Rpim_I_all                  ? 
_reflns.pdbx_d_opt                       ? 
_reflns.pdbx_number_measured_all         ? 
_reflns.pdbx_diffrn_id                   1 
_reflns.pdbx_ordinal                     1 
_reflns.pdbx_CC_half                     ? 
_reflns.pdbx_CC_star                     ? 
_reflns.pdbx_R_split                     ? 
# 
_reflns_shell.d_res_high                  1.83 
_reflns_shell.d_res_low                   1.88 
_reflns_shell.meanI_over_sigI_all         ? 
_reflns_shell.meanI_over_sigI_obs         ? 
_reflns_shell.number_measured_all         ? 
_reflns_shell.number_measured_obs         ? 
_reflns_shell.number_possible             ? 
_reflns_shell.number_unique_all           ? 
_reflns_shell.number_unique_obs           1007 
_reflns_shell.percent_possible_all        ? 
_reflns_shell.percent_possible_obs        ? 
_reflns_shell.Rmerge_F_all                ? 
_reflns_shell.Rmerge_F_obs                ? 
_reflns_shell.Rmerge_I_all                ? 
_reflns_shell.Rmerge_I_obs                0.592 
_reflns_shell.meanI_over_sigI_gt          ? 
_reflns_shell.meanI_over_uI_all           ? 
_reflns_shell.meanI_over_uI_gt            ? 
_reflns_shell.number_measured_gt          ? 
_reflns_shell.number_unique_gt            ? 
_reflns_shell.percent_possible_gt         ? 
_reflns_shell.Rmerge_F_gt                 ? 
_reflns_shell.Rmerge_I_gt                 ? 
_reflns_shell.pdbx_redundancy             ? 
_reflns_shell.pdbx_Rsym_value             ? 
_reflns_shell.pdbx_chi_squared            ? 
_reflns_shell.pdbx_netI_over_sigmaI_all   ? 
_reflns_shell.pdbx_netI_over_sigmaI_obs   ? 
_reflns_shell.pdbx_Rrim_I_all             ? 
_reflns_shell.pdbx_Rpim_I_all             ? 
_reflns_shell.pdbx_rejects                ? 
_reflns_shell.pdbx_ordinal                1 
_reflns_shell.pdbx_diffrn_id              1 
_reflns_shell.pdbx_CC_half                ? 
_reflns_shell.pdbx_CC_star                ? 
_reflns_shell.pdbx_R_split                ? 
# 
_refine.aniso_B[1][1]                            1.3104 
_refine.aniso_B[1][2]                            0.0000 
_refine.aniso_B[1][3]                            0.0000 
_refine.aniso_B[2][2]                            1.3104 
_refine.aniso_B[2][3]                            0.0000 
_refine.aniso_B[3][3]                            -2.6209 
_refine.B_iso_max                                96.570 
_refine.B_iso_mean                               35.8550 
_refine.B_iso_min                                21.280 
_refine.correlation_coeff_Fo_to_Fc               0.9110 
_refine.correlation_coeff_Fo_to_Fc_free          0.9070 
_refine.details                                  ? 
_refine.diff_density_max                         ? 
_refine.diff_density_max_esd                     ? 
_refine.diff_density_min                         ? 
_refine.diff_density_min_esd                     ? 
_refine.diff_density_rms                         ? 
_refine.diff_density_rms_esd                     ? 
_refine.entry_id                                 7BMG 
_refine.pdbx_refine_id                           'X-RAY DIFFRACTION' 
_refine.ls_abs_structure_details                 ? 
_refine.ls_abs_structure_Flack                   ? 
_refine.ls_abs_structure_Flack_esd               ? 
_refine.ls_abs_structure_Rogers                  ? 
_refine.ls_abs_structure_Rogers_esd              ? 
_refine.ls_d_res_high                            1.8300 
_refine.ls_d_res_low                             61.9500 
_refine.ls_extinction_coef                       ? 
_refine.ls_extinction_coef_esd                   ? 
_refine.ls_extinction_expression                 ? 
_refine.ls_extinction_method                     ? 
_refine.ls_goodness_of_fit_all                   ? 
_refine.ls_goodness_of_fit_all_esd               ? 
_refine.ls_goodness_of_fit_obs                   ? 
_refine.ls_goodness_of_fit_obs_esd               ? 
_refine.ls_hydrogen_treatment                    ? 
_refine.ls_matrix_type                           ? 
_refine.ls_number_constraints                    ? 
_refine.ls_number_parameters                     ? 
_refine.ls_number_reflns_all                     ? 
_refine.ls_number_reflns_obs                     13977 
_refine.ls_number_reflns_R_free                  696 
_refine.ls_number_reflns_R_work                  ? 
_refine.ls_number_restraints                     ? 
_refine.ls_percent_reflns_obs                    100.0000 
_refine.ls_percent_reflns_R_free                 4.9800 
_refine.ls_R_factor_all                          ? 
_refine.ls_R_factor_obs                          0.2300 
_refine.ls_R_factor_R_free                       0.2510 
_refine.ls_R_factor_R_free_error                 ? 
_refine.ls_R_factor_R_free_error_details         ? 
_refine.ls_R_factor_R_work                       0.2290 
_refine.ls_R_Fsqd_factor_obs                     ? 
_refine.ls_R_I_factor_obs                        ? 
_refine.ls_redundancy_reflns_all                 ? 
_refine.ls_redundancy_reflns_obs                 ? 
_refine.ls_restrained_S_all                      ? 
_refine.ls_restrained_S_obs                      ? 
_refine.ls_shift_over_esd_max                    ? 
_refine.ls_shift_over_esd_mean                   ? 
_refine.ls_structure_factor_coef                 ? 
_refine.ls_weighting_details                     ? 
_refine.ls_weighting_scheme                      ? 
_refine.ls_wR_factor_all                         ? 
_refine.ls_wR_factor_obs                         ? 
_refine.ls_wR_factor_R_free                      ? 
_refine.ls_wR_factor_R_work                      ? 
_refine.occupancy_max                            ? 
_refine.occupancy_min                            ? 
_refine.solvent_model_details                    ? 
_refine.solvent_model_param_bsol                 ? 
_refine.solvent_model_param_ksol                 ? 
_refine.pdbx_R_complete                          ? 
_refine.ls_R_factor_gt                           ? 
_refine.ls_goodness_of_fit_gt                    ? 
_refine.ls_goodness_of_fit_ref                   ? 
_refine.ls_shift_over_su_max                     ? 
_refine.ls_shift_over_su_max_lt                  ? 
_refine.ls_shift_over_su_mean                    ? 
_refine.ls_shift_over_su_mean_lt                 ? 
_refine.pdbx_ls_sigma_I                          ? 
_refine.pdbx_ls_sigma_F                          0.000 
_refine.pdbx_ls_sigma_Fsqd                       ? 
_refine.pdbx_data_cutoff_high_absF               ? 
_refine.pdbx_data_cutoff_high_rms_absF           ? 
_refine.pdbx_data_cutoff_low_absF                ? 
_refine.pdbx_isotropic_thermal_model             ? 
_refine.pdbx_ls_cross_valid_method               THROUGHOUT 
_refine.pdbx_method_to_determine_struct          'FOURIER SYNTHESIS' 
_refine.pdbx_starting_model                      ? 
_refine.pdbx_stereochemistry_target_values       ? 
_refine.pdbx_R_Free_selection_details            RANDOM 
_refine.pdbx_stereochem_target_val_spec_case     ? 
_refine.pdbx_overall_ESU_R                       ? 
_refine.pdbx_overall_ESU_R_Free                  ? 
_refine.pdbx_solvent_vdw_probe_radii             ? 
_refine.pdbx_solvent_ion_probe_radii             ? 
_refine.pdbx_solvent_shrinkage_radii             ? 
_refine.pdbx_real_space_R                        ? 
_refine.pdbx_density_correlation                 ? 
_refine.pdbx_pd_number_of_powder_patterns        ? 
_refine.pdbx_pd_number_of_points                 ? 
_refine.pdbx_pd_meas_number_of_points            ? 
_refine.pdbx_pd_proc_ls_prof_R_factor            ? 
_refine.pdbx_pd_proc_ls_prof_wR_factor           ? 
_refine.pdbx_pd_Marquardt_correlation_coeff      ? 
_refine.pdbx_pd_Fsqrd_R_factor                   ? 
_refine.pdbx_pd_ls_matrix_band_width             ? 
_refine.pdbx_overall_phase_error                 ? 
_refine.pdbx_overall_SU_R_free_Cruickshank_DPI   0.1170 
_refine.pdbx_overall_SU_R_free_Blow_DPI          0.1250 
_refine.pdbx_overall_SU_R_Blow_DPI               0.1370 
_refine.pdbx_TLS_residual_ADP_flag               ? 
_refine.pdbx_diffrn_id                           1 
_refine.overall_SU_B                             ? 
_refine.overall_SU_ML                            ? 
_refine.overall_SU_R_Cruickshank_DPI             0.1490 
_refine.overall_SU_R_free                        ? 
_refine.overall_FOM_free_R_set                   ? 
_refine.overall_FOM_work_R_set                   ? 
_refine.pdbx_average_fsc_overall                 ? 
_refine.pdbx_average_fsc_work                    ? 
_refine.pdbx_average_fsc_free                    ? 
# 
_refine_analyze.entry_id                        7BMG 
_refine_analyze.pdbx_refine_id                  'X-RAY DIFFRACTION' 
_refine_analyze.Luzzati_coordinate_error_free   ? 
_refine_analyze.Luzzati_coordinate_error_obs    0.300 
_refine_analyze.Luzzati_d_res_low_free          ? 
_refine_analyze.Luzzati_d_res_low_obs           ? 
_refine_analyze.Luzzati_sigma_a_free            ? 
_refine_analyze.Luzzati_sigma_a_free_details    ? 
_refine_analyze.Luzzati_sigma_a_obs             ? 
_refine_analyze.Luzzati_sigma_a_obs_details     ? 
_refine_analyze.number_disordered_residues      ? 
_refine_analyze.occupancy_sum_hydrogen          ? 
_refine_analyze.occupancy_sum_non_hydrogen      ? 
_refine_analyze.RG_d_res_high                   ? 
_refine_analyze.RG_d_res_low                    ? 
_refine_analyze.RG_free                         ? 
_refine_analyze.RG_work                         ? 
_refine_analyze.RG_free_work_ratio              ? 
_refine_analyze.pdbx_Luzzati_d_res_high_obs     ? 
# 
_refine_hist.pdbx_refine_id                   'X-RAY DIFFRACTION' 
_refine_hist.cycle_id                         final 
_refine_hist.details                          ? 
_refine_hist.d_res_high                       1.8300 
_refine_hist.d_res_low                        61.9500 
_refine_hist.number_atoms_solvent             105 
_refine_hist.number_atoms_total               904 
_refine_hist.number_reflns_all                ? 
_refine_hist.number_reflns_obs                ? 
_refine_hist.number_reflns_R_free             ? 
_refine_hist.number_reflns_R_work             ? 
_refine_hist.R_factor_all                     ? 
_refine_hist.R_factor_obs                     ? 
_refine_hist.R_factor_R_free                  ? 
_refine_hist.R_factor_R_work                  ? 
_refine_hist.pdbx_number_residues_total       92 
_refine_hist.pdbx_B_iso_mean_ligand           35.12 
_refine_hist.pdbx_B_iso_mean_solvent          49.52 
_refine_hist.pdbx_number_atoms_protein        750 
_refine_hist.pdbx_number_atoms_nucleic_acid   0 
_refine_hist.pdbx_number_atoms_ligand         49 
_refine_hist.pdbx_number_atoms_lipid          ? 
_refine_hist.pdbx_number_atoms_carb           ? 
_refine_hist.pdbx_pseudo_atom_details         ? 
# 
loop_
_refine_ls_restr.pdbx_refine_id 
_refine_ls_restr.criterion 
_refine_ls_restr.dev_ideal 
_refine_ls_restr.dev_ideal_target 
_refine_ls_restr.number 
_refine_ls_restr.rejects 
_refine_ls_restr.type 
_refine_ls_restr.weight 
_refine_ls_restr.pdbx_restraint_function 
'X-RAY DIFFRACTION' ? ?      ? 373  ? t_dihedral_angle_d        2.000  SINUSOIDAL   
'X-RAY DIFFRACTION' ? ?      ? ?    ? t_trig_c_planes           ?      ?            
'X-RAY DIFFRACTION' ? ?      ? 242  ? t_gen_planes              16.000 HARMONIC     
'X-RAY DIFFRACTION' ? ?      ? 1618 ? t_it                      20.000 HARMONIC     
'X-RAY DIFFRACTION' ? ?      ? ?    ? t_nbd                     ?      ?            
'X-RAY DIFFRACTION' ? ?      ? ?    ? t_improper_torsion        ?      ?            
'X-RAY DIFFRACTION' ? ?      ? ?    ? t_pseud_angle             ?      ?            
'X-RAY DIFFRACTION' ? ?      ? 102  ? t_chiral_improper_torsion 5.000  SEMIHARMONIC 
'X-RAY DIFFRACTION' ? ?      ? ?    ? t_sum_occupancies         ?      ?            
'X-RAY DIFFRACTION' ? ?      ? ?    ? t_utility_distance        ?      ?            
'X-RAY DIFFRACTION' ? ?      ? ?    ? t_utility_angle           ?      ?            
'X-RAY DIFFRACTION' ? ?      ? ?    ? t_utility_torsion         ?      ?            
'X-RAY DIFFRACTION' ? ?      ? 1756 ? t_ideal_dist_contact      4.000  SEMIHARMONIC 
'X-RAY DIFFRACTION' ? 0.013  ? 1618 ? t_bond_d                  2.000  HARMONIC     
'X-RAY DIFFRACTION' ? 1.040  ? 2921 ? t_angle_deg               2.000  HARMONIC     
'X-RAY DIFFRACTION' ? 5.890  ? ?    ? t_omega_torsion           ?      ?            
'X-RAY DIFFRACTION' ? 15.760 ? ?    ? t_other_torsion           ?      ?            
# 
_refine_ls_shell.pdbx_refine_id                   'X-RAY DIFFRACTION' 
_refine_ls_shell.d_res_high                       1.8300 
_refine_ls_shell.d_res_low                        1.8500 
_refine_ls_shell.number_reflns_all                412 
_refine_ls_shell.number_reflns_obs                ? 
_refine_ls_shell.number_reflns_R_free             17 
_refine_ls_shell.number_reflns_R_work             395 
_refine_ls_shell.percent_reflns_obs               100.0000 
_refine_ls_shell.percent_reflns_R_free            4.1300 
_refine_ls_shell.R_factor_all                     0.2046 
_refine_ls_shell.R_factor_obs                     ? 
_refine_ls_shell.R_factor_R_free                  0.1975 
_refine_ls_shell.R_factor_R_free_error            0.0000 
_refine_ls_shell.R_factor_R_work                  0.2049 
_refine_ls_shell.redundancy_reflns_all            ? 
_refine_ls_shell.redundancy_reflns_obs            ? 
_refine_ls_shell.wR_factor_all                    ? 
_refine_ls_shell.wR_factor_obs                    ? 
_refine_ls_shell.wR_factor_R_free                 ? 
_refine_ls_shell.wR_factor_R_work                 ? 
_refine_ls_shell.pdbx_R_complete                  ? 
_refine_ls_shell.pdbx_total_number_of_bins_used   34 
_refine_ls_shell.pdbx_phase_error                 ? 
_refine_ls_shell.pdbx_fsc_work                    ? 
_refine_ls_shell.pdbx_fsc_free                    ? 
# 
_struct.entry_id                     7BMG 
_struct.title                        'Inhibitor of MDM2-p53 Interaction' 
_struct.pdbx_model_details           ? 
_struct.pdbx_formula_weight          ? 
_struct.pdbx_formula_weight_method   ? 
_struct.pdbx_model_type_details      ? 
_struct.pdbx_CASP_flag               N 
# 
_struct_keywords.entry_id        7BMG 
_struct_keywords.text            'ligase, cell cycle, apoptosis, protein binding' 
_struct_keywords.pdbx_keywords   APOPTOSIS 
# 
loop_
_struct_asym.id 
_struct_asym.pdbx_blank_PDB_chainid_flag 
_struct_asym.pdbx_modified 
_struct_asym.entity_id 
_struct_asym.details 
A N N 1 ? 
B N N 2 ? 
C N N 2 ? 
D N N 2 ? 
E N N 3 ? 
F N N 4 ? 
# 
_struct_ref.id                         1 
_struct_ref.db_name                    UNP 
_struct_ref.db_code                    MDM2_HUMAN 
_struct_ref.pdbx_db_accession          Q00987 
_struct_ref.pdbx_db_isoform            ? 
_struct_ref.entity_id                  1 
_struct_ref.pdbx_seq_one_letter_code   
;SQIPASEQETLVRPKPLLLKLLKSVGAQKDTYTMKEVLFYLGQYIMTKRLYDEKQQHIVYCSNDLLGDLFGVPSFSVKEH
RKIYTMIYRNLVV
;
_struct_ref.pdbx_align_begin           17 
# 
_struct_ref_seq.align_id                      1 
_struct_ref_seq.ref_id                        1 
_struct_ref_seq.pdbx_PDB_id_code              7BMG 
_struct_ref_seq.pdbx_strand_id                A 
_struct_ref_seq.seq_align_beg                 6 
_struct_ref_seq.pdbx_seq_align_beg_ins_code   ? 
_struct_ref_seq.seq_align_end                 98 
_struct_ref_seq.pdbx_seq_align_end_ins_code   ? 
_struct_ref_seq.pdbx_db_accession             Q00987 
_struct_ref_seq.db_align_beg                  17 
_struct_ref_seq.pdbx_db_align_beg_ins_code    ? 
_struct_ref_seq.db_align_end                  109 
_struct_ref_seq.pdbx_db_align_end_ins_code    ? 
_struct_ref_seq.pdbx_auth_seq_align_beg       17 
_struct_ref_seq.pdbx_auth_seq_align_end       109 
# 
loop_
_struct_ref_seq_dif.align_id 
_struct_ref_seq_dif.pdbx_pdb_id_code 
_struct_ref_seq_dif.mon_id 
_struct_ref_seq_dif.pdbx_pdb_strand_id 
_struct_ref_seq_dif.seq_num 
_struct_ref_seq_dif.pdbx_pdb_ins_code 
_struct_ref_seq_dif.pdbx_seq_db_name 
_struct_ref_seq_dif.pdbx_seq_db_accession_code 
_struct_ref_seq_dif.db_mon_id 
_struct_ref_seq_dif.pdbx_seq_db_seq_num 
_struct_ref_seq_dif.details 
_struct_ref_seq_dif.pdbx_auth_seq_num 
_struct_ref_seq_dif.pdbx_ordinal 
1 7BMG GLY A 1  ? UNP Q00987 ?   ?  'expression tag'      12 1 
1 7BMG PRO A 2  ? UNP Q00987 ?   ?  'expression tag'      13 2 
1 7BMG LEU A 3  ? UNP Q00987 ?   ?  'expression tag'      14 3 
1 7BMG GLY A 4  ? UNP Q00987 ?   ?  'expression tag'      15 4 
1 7BMG SER A 5  ? UNP Q00987 ?   ?  'expression tag'      16 5 
1 7BMG ALA A 58 ? UNP Q00987 GLU 69 'engineered mutation' 69 6 
1 7BMG ALA A 59 ? UNP Q00987 LYS 70 'engineered mutation' 70 7 
# 
_pdbx_struct_assembly.id                   1 
_pdbx_struct_assembly.details              author_and_software_defined_assembly 
_pdbx_struct_assembly.method_details       PISA 
_pdbx_struct_assembly.oligomeric_details   monomeric 
_pdbx_struct_assembly.oligomeric_count     1 
# 
loop_
_pdbx_struct_assembly_prop.biol_id 
_pdbx_struct_assembly_prop.type 
_pdbx_struct_assembly_prop.value 
_pdbx_struct_assembly_prop.details 
1 'ABSA (A^2)' 500  ? 
1 MORE         5    ? 
1 'SSA (A^2)'  5640 ? 
# 
_pdbx_struct_assembly_gen.assembly_id       1 
_pdbx_struct_assembly_gen.oper_expression   1 
_pdbx_struct_assembly_gen.asym_id_list      A,B,C,D,E,F 
# 
_pdbx_struct_assembly_auth_evidence.id                     1 
_pdbx_struct_assembly_auth_evidence.assembly_id            1 
_pdbx_struct_assembly_auth_evidence.experimental_support   'gel filtration' 
_pdbx_struct_assembly_auth_evidence.details                ? 
# 
_pdbx_struct_oper_list.id                   1 
_pdbx_struct_oper_list.type                 'identity operation' 
_pdbx_struct_oper_list.name                 1_555 
_pdbx_struct_oper_list.symmetry_operation   x,y,z 
_pdbx_struct_oper_list.matrix[1][1]         1.0000000000 
_pdbx_struct_oper_list.matrix[1][2]         0.0000000000 
_pdbx_struct_oper_list.matrix[1][3]         0.0000000000 
_pdbx_struct_oper_list.vector[1]            0.0000000000 
_pdbx_struct_oper_list.matrix[2][1]         0.0000000000 
_pdbx_struct_oper_list.matrix[2][2]         1.0000000000 
_pdbx_struct_oper_list.matrix[2][3]         0.0000000000 
_pdbx_struct_oper_list.vector[2]            0.0000000000 
_pdbx_struct_oper_list.matrix[3][1]         0.0000000000 
_pdbx_struct_oper_list.matrix[3][2]         0.0000000000 
_pdbx_struct_oper_list.matrix[3][3]         1.0000000000 
_pdbx_struct_oper_list.vector[3]            0.0000000000 
# 
loop_
_struct_conf.conf_type_id 
_struct_conf.id 
_struct_conf.pdbx_PDB_helix_id 
_struct_conf.beg_label_comp_id 
_struct_conf.beg_label_asym_id 
_struct_conf.beg_label_seq_id 
_struct_conf.pdbx_beg_PDB_ins_code 
_struct_conf.end_label_comp_id 
_struct_conf.end_label_asym_id 
_struct_conf.end_label_seq_id 
_struct_conf.pdbx_end_PDB_ins_code 
_struct_conf.beg_auth_comp_id 
_struct_conf.beg_auth_asym_id 
_struct_conf.beg_auth_seq_id 
_struct_conf.end_auth_comp_id 
_struct_conf.end_auth_asym_id 
_struct_conf.end_auth_seq_id 
_struct_conf.pdbx_PDB_helix_class 
_struct_conf.details 
_struct_conf.pdbx_PDB_helix_length 
HELX_P HELX_P1 AA1 PRO A 9  ? GLU A 14 ? PRO A 20 GLU A 25  1 ? 6  
HELX_P HELX_P2 AA2 LYS A 20 ? VAL A 30 ? LYS A 31 VAL A 41  1 ? 11 
HELX_P HELX_P3 AA3 MET A 39 ? LYS A 53 ? MET A 50 LYS A 64  1 ? 15 
HELX_P HELX_P4 AA4 ASP A 69 ? GLY A 76 ? ASP A 80 GLY A 87  1 ? 8  
HELX_P HELX_P5 AA5 GLU A 84 ? ARG A 94 ? GLU A 95 ARG A 105 1 ? 11 
# 
_struct_conf_type.id          HELX_P 
_struct_conf_type.criteria    ? 
_struct_conf_type.reference   ? 
# 
loop_
_struct_sheet.id 
_struct_sheet.type 
_struct_sheet.number_strands 
_struct_sheet.details 
AA1 ? 2 ? 
AA2 ? 2 ? 
# 
loop_
_struct_sheet_order.sheet_id 
_struct_sheet_order.range_id_1 
_struct_sheet_order.range_id_2 
_struct_sheet_order.offset 
_struct_sheet_order.sense 
AA1 1 2 ? anti-parallel 
AA2 1 2 ? anti-parallel 
# 
loop_
_struct_sheet_range.sheet_id 
_struct_sheet_range.id 
_struct_sheet_range.beg_label_comp_id 
_struct_sheet_range.beg_label_asym_id 
_struct_sheet_range.beg_label_seq_id 
_struct_sheet_range.pdbx_beg_PDB_ins_code 
_struct_sheet_range.end_label_comp_id 
_struct_sheet_range.end_label_asym_id 
_struct_sheet_range.end_label_seq_id 
_struct_sheet_range.pdbx_end_PDB_ins_code 
_struct_sheet_range.beg_auth_comp_id 
_struct_sheet_range.beg_auth_asym_id 
_struct_sheet_range.beg_auth_seq_id 
_struct_sheet_range.end_auth_comp_id 
_struct_sheet_range.end_auth_asym_id 
_struct_sheet_range.end_auth_seq_id 
AA1 1 LEU A 16 ? VAL A 17 ? LEU A 27 VAL A 28 
AA1 2 TYR A 37 ? THR A 38 ? TYR A 48 THR A 49 
AA2 1 ILE A 63 ? TYR A 65 ? ILE A 74 TYR A 76 
AA2 2 SER A 79 ? SER A 81 ? SER A 90 SER A 92 
# 
loop_
_pdbx_struct_sheet_hbond.sheet_id 
_pdbx_struct_sheet_hbond.range_id_1 
_pdbx_struct_sheet_hbond.range_id_2 
_pdbx_struct_sheet_hbond.range_1_label_atom_id 
_pdbx_struct_sheet_hbond.range_1_label_comp_id 
_pdbx_struct_sheet_hbond.range_1_label_asym_id 
_pdbx_struct_sheet_hbond.range_1_label_seq_id 
_pdbx_struct_sheet_hbond.range_1_PDB_ins_code 
_pdbx_struct_sheet_hbond.range_1_auth_atom_id 
_pdbx_struct_sheet_hbond.range_1_auth_comp_id 
_pdbx_struct_sheet_hbond.range_1_auth_asym_id 
_pdbx_struct_sheet_hbond.range_1_auth_seq_id 
_pdbx_struct_sheet_hbond.range_2_label_atom_id 
_pdbx_struct_sheet_hbond.range_2_label_comp_id 
_pdbx_struct_sheet_hbond.range_2_label_asym_id 
_pdbx_struct_sheet_hbond.range_2_label_seq_id 
_pdbx_struct_sheet_hbond.range_2_PDB_ins_code 
_pdbx_struct_sheet_hbond.range_2_auth_atom_id 
_pdbx_struct_sheet_hbond.range_2_auth_comp_id 
_pdbx_struct_sheet_hbond.range_2_auth_asym_id 
_pdbx_struct_sheet_hbond.range_2_auth_seq_id 
AA1 1 2 N VAL A 17 ? N VAL A 28 O TYR A 37 ? O TYR A 48 
AA2 1 2 N VAL A 64 ? N VAL A 75 O PHE A 80 ? O PHE A 91 
# 
loop_
_struct_site.id 
_struct_site.pdbx_evidence_code 
_struct_site.pdbx_auth_asym_id 
_struct_site.pdbx_auth_comp_id 
_struct_site.pdbx_auth_seq_id 
_struct_site.pdbx_auth_ins_code 
_struct_site.pdbx_num_residues 
_struct_site.details 
AC1 Software A EDO 201 ? 3  'binding site for residue EDO A 201' 
AC2 Software A EDO 202 ? 5  'binding site for residue EDO A 202' 
AC3 Software A EDO 203 ? 3  'binding site for residue EDO A 203' 
AC4 Software A U3Z 204 ? 15 'binding site for residue U3Z A 204' 
# 
loop_
_struct_site_gen.id 
_struct_site_gen.site_id 
_struct_site_gen.pdbx_num_res 
_struct_site_gen.label_comp_id 
_struct_site_gen.label_asym_id 
_struct_site_gen.label_seq_id 
_struct_site_gen.pdbx_auth_ins_code 
_struct_site_gen.auth_comp_id 
_struct_site_gen.auth_asym_id 
_struct_site_gen.auth_seq_id 
_struct_site_gen.label_atom_id 
_struct_site_gen.label_alt_id 
_struct_site_gen.symmetry 
_struct_site_gen.details 
1  AC1 3  LYS A 40 ? LYS A 51  . ? 1_555 ? 
2  AC1 3  PHE A 44 ? PHE A 55  . ? 1_555 ? 
3  AC1 3  HOH F .  ? HOH A 318 . ? 1_555 ? 
4  AC2 5  LYS A 20 ? LYS A 31  . ? 5_555 ? 
5  AC2 5  ALA A 59 ? ALA A 70  . ? 1_555 ? 
6  AC2 5  GLN A 60 ? GLN A 71  . ? 1_555 ? 
7  AC2 5  GLN A 61 ? GLN A 72  . ? 1_555 ? 
8  AC2 5  HIS A 62 ? HIS A 73  . ? 1_555 ? 
9  AC3 3  LYS A 34 ? LYS A 45  . ? 1_555 ? 
10 AC3 3  ASP A 35 ? ASP A 46  . ? 1_555 ? 
11 AC3 3  THR A 36 ? THR A 47  . ? 1_555 ? 
12 AC4 15 PRO A 21 ? PRO A 32  . ? 5_555 ? 
13 AC4 15 LEU A 22 ? LEU A 33  . ? 5_555 ? 
14 AC4 15 LEU A 43 ? LEU A 54  . ? 1_555 ? 
15 AC4 15 PHE A 44 ? PHE A 55  . ? 1_555 ? 
16 AC4 15 GLY A 47 ? GLY A 58  . ? 1_555 ? 
17 AC4 15 GLN A 48 ? GLN A 59  . ? 1_555 ? 
18 AC4 15 ILE A 50 ? ILE A 61  . ? 1_555 ? 
19 AC4 15 MET A 51 ? MET A 62  . ? 1_555 ? 
20 AC4 15 GLN A 61 ? GLN A 72  . ? 1_555 ? 
21 AC4 15 ILE A 63 ? ILE A 74  . ? 1_555 ? 
22 AC4 15 VAL A 82 ? VAL A 93  . ? 1_555 ? 
23 AC4 15 HIS A 85 ? HIS A 96  . ? 1_555 ? 
24 AC4 15 TYR A 89 ? TYR A 100 . ? 1_555 ? 
25 AC4 15 HOH F .  ? HOH A 315 . ? 1_555 ? 
26 AC4 15 HOH F .  ? HOH A 328 . ? 1_555 ? 
# 
_pdbx_struct_special_symmetry.id              1 
_pdbx_struct_special_symmetry.PDB_model_num   1 
_pdbx_struct_special_symmetry.auth_asym_id    A 
_pdbx_struct_special_symmetry.auth_comp_id    HOH 
_pdbx_struct_special_symmetry.auth_seq_id     309 
_pdbx_struct_special_symmetry.PDB_ins_code    ? 
_pdbx_struct_special_symmetry.label_asym_id   F 
_pdbx_struct_special_symmetry.label_comp_id   HOH 
_pdbx_struct_special_symmetry.label_seq_id    . 
# 
_pdbx_refine_tls.id               1 
_pdbx_refine_tls.pdbx_refine_id   'X-RAY DIFFRACTION' 
_pdbx_refine_tls.details          ? 
_pdbx_refine_tls.method           refined 
_pdbx_refine_tls.origin_x         -0.0515 
_pdbx_refine_tls.origin_y         0.2748 
_pdbx_refine_tls.origin_z         0.1786 
_pdbx_refine_tls.T[1][1]          -0.0087 
_pdbx_refine_tls.T[1][1]_esd      ? 
_pdbx_refine_tls.T[1][2]          -0.0207 
_pdbx_refine_tls.T[1][2]_esd      ? 
_pdbx_refine_tls.T[1][3]          0.0575 
_pdbx_refine_tls.T[1][3]_esd      ? 
_pdbx_refine_tls.T[2][2]          0.0186 
_pdbx_refine_tls.T[2][2]_esd      ? 
_pdbx_refine_tls.T[2][3]          -0.0594 
_pdbx_refine_tls.T[2][3]_esd      ? 
_pdbx_refine_tls.T[3][3]          -0.0647 
_pdbx_refine_tls.T[3][3]_esd      ? 
_pdbx_refine_tls.L[1][1]          0.6751 
_pdbx_refine_tls.L[1][1]_esd      ? 
_pdbx_refine_tls.L[1][2]          0.3149 
_pdbx_refine_tls.L[1][2]_esd      ? 
_pdbx_refine_tls.L[1][3]          0.1096 
_pdbx_refine_tls.L[1][3]_esd      ? 
_pdbx_refine_tls.L[2][2]          2.5161 
_pdbx_refine_tls.L[2][2]_esd      ? 
_pdbx_refine_tls.L[2][3]          0.6672 
_pdbx_refine_tls.L[2][3]_esd      ? 
_pdbx_refine_tls.L[3][3]          0.9956 
_pdbx_refine_tls.L[3][3]_esd      ? 
_pdbx_refine_tls.S[1][1]          0.0677 
_pdbx_refine_tls.S[1][1]_esd      ? 
_pdbx_refine_tls.S[1][2]          -0.2155 
_pdbx_refine_tls.S[1][2]_esd      ? 
_pdbx_refine_tls.S[1][3]          -0.0003 
_pdbx_refine_tls.S[1][3]_esd      ? 
_pdbx_refine_tls.S[2][1]          -0.0583 
_pdbx_refine_tls.S[2][1]_esd      ? 
_pdbx_refine_tls.S[2][2]          -0.0754 
_pdbx_refine_tls.S[2][2]_esd      ? 
_pdbx_refine_tls.S[2][3]          0.1958 
_pdbx_refine_tls.S[2][3]_esd      ? 
_pdbx_refine_tls.S[3][1]          -0.1501 
_pdbx_refine_tls.S[3][1]_esd      ? 
_pdbx_refine_tls.S[3][2]          -0.1463 
_pdbx_refine_tls.S[3][2]_esd      ? 
_pdbx_refine_tls.S[3][3]          0.0077 
_pdbx_refine_tls.S[3][3]_esd      ? 
# 
_pdbx_refine_tls_group.id                  1 
_pdbx_refine_tls_group.pdbx_refine_id      'X-RAY DIFFRACTION' 
_pdbx_refine_tls_group.refine_tls_id       1 
_pdbx_refine_tls_group.beg_label_asym_id   ? 
_pdbx_refine_tls_group.beg_label_seq_id    ? 
_pdbx_refine_tls_group.beg_auth_asym_id    A 
_pdbx_refine_tls_group.beg_auth_seq_id     17 
_pdbx_refine_tls_group.beg_PDB_ins_code    ? 
_pdbx_refine_tls_group.end_label_asym_id   ? 
_pdbx_refine_tls_group.end_label_seq_id    ? 
_pdbx_refine_tls_group.end_auth_asym_id    A 
_pdbx_refine_tls_group.end_auth_seq_id     108 
_pdbx_refine_tls_group.end_PDB_ins_code    ? 
_pdbx_refine_tls_group.selection           ? 
_pdbx_refine_tls_group.selection_details   '{ A|17 - A|108 }' 
# 
_pdbx_entry_details.entry_id                 7BMG 
_pdbx_entry_details.has_ligand_of_interest   Y 
_pdbx_entry_details.compound_details         ? 
_pdbx_entry_details.source_details           ? 
_pdbx_entry_details.nonpolymer_details       ? 
_pdbx_entry_details.sequence_details         ? 
# 
_pdbx_distant_solvent_atoms.id                                1 
_pdbx_distant_solvent_atoms.PDB_model_num                     1 
_pdbx_distant_solvent_atoms.auth_atom_id                      O 
_pdbx_distant_solvent_atoms.label_alt_id                      ? 
_pdbx_distant_solvent_atoms.auth_asym_id                      A 
_pdbx_distant_solvent_atoms.auth_comp_id                      HOH 
_pdbx_distant_solvent_atoms.auth_seq_id                       405 
_pdbx_distant_solvent_atoms.PDB_ins_code                      ? 
_pdbx_distant_solvent_atoms.neighbor_macromolecule_distance   6.27 
_pdbx_distant_solvent_atoms.neighbor_ligand_distance          . 
# 
loop_
_pdbx_unobs_or_zero_occ_residues.id 
_pdbx_unobs_or_zero_occ_residues.PDB_model_num 
_pdbx_unobs_or_zero_occ_residues.polymer_flag 
_pdbx_unobs_or_zero_occ_residues.occupancy_flag 
_pdbx_unobs_or_zero_occ_residues.auth_asym_id 
_pdbx_unobs_or_zero_occ_residues.auth_comp_id 
_pdbx_unobs_or_zero_occ_residues.auth_seq_id 
_pdbx_unobs_or_zero_occ_residues.PDB_ins_code 
_pdbx_unobs_or_zero_occ_residues.label_asym_id 
_pdbx_unobs_or_zero_occ_residues.label_comp_id 
_pdbx_unobs_or_zero_occ_residues.label_seq_id 
1 1 Y 1 A GLY 12  ? A GLY 1  
2 1 Y 1 A PRO 13  ? A PRO 2  
3 1 Y 1 A LEU 14  ? A LEU 3  
4 1 Y 1 A GLY 15  ? A GLY 4  
5 1 Y 1 A SER 16  ? A SER 5  
6 1 Y 1 A VAL 109 ? A VAL 98 
# 
loop_
_chem_comp_atom.comp_id 
_chem_comp_atom.atom_id 
_chem_comp_atom.type_symbol 
_chem_comp_atom.pdbx_aromatic_flag 
_chem_comp_atom.pdbx_stereo_config 
_chem_comp_atom.pdbx_ordinal 
ALA N    N  N N 1   
ALA CA   C  N S 2   
ALA C    C  N N 3   
ALA O    O  N N 4   
ALA CB   C  N N 5   
ALA OXT  O  N N 6   
ALA H    H  N N 7   
ALA H2   H  N N 8   
ALA HA   H  N N 9   
ALA HB1  H  N N 10  
ALA HB2  H  N N 11  
ALA HB3  H  N N 12  
ALA HXT  H  N N 13  
ARG N    N  N N 14  
ARG CA   C  N S 15  
ARG C    C  N N 16  
ARG O    O  N N 17  
ARG CB   C  N N 18  
ARG CG   C  N N 19  
ARG CD   C  N N 20  
ARG NE   N  N N 21  
ARG CZ   C  N N 22  
ARG NH1  N  N N 23  
ARG NH2  N  N N 24  
ARG OXT  O  N N 25  
ARG H    H  N N 26  
ARG H2   H  N N 27  
ARG HA   H  N N 28  
ARG HB2  H  N N 29  
ARG HB3  H  N N 30  
ARG HG2  H  N N 31  
ARG HG3  H  N N 32  
ARG HD2  H  N N 33  
ARG HD3  H  N N 34  
ARG HE   H  N N 35  
ARG HH11 H  N N 36  
ARG HH12 H  N N 37  
ARG HH21 H  N N 38  
ARG HH22 H  N N 39  
ARG HXT  H  N N 40  
ASN N    N  N N 41  
ASN CA   C  N S 42  
ASN C    C  N N 43  
ASN O    O  N N 44  
ASN CB   C  N N 45  
ASN CG   C  N N 46  
ASN OD1  O  N N 47  
ASN ND2  N  N N 48  
ASN OXT  O  N N 49  
ASN H    H  N N 50  
ASN H2   H  N N 51  
ASN HA   H  N N 52  
ASN HB2  H  N N 53  
ASN HB3  H  N N 54  
ASN HD21 H  N N 55  
ASN HD22 H  N N 56  
ASN HXT  H  N N 57  
ASP N    N  N N 58  
ASP CA   C  N S 59  
ASP C    C  N N 60  
ASP O    O  N N 61  
ASP CB   C  N N 62  
ASP CG   C  N N 63  
ASP OD1  O  N N 64  
ASP OD2  O  N N 65  
ASP OXT  O  N N 66  
ASP H    H  N N 67  
ASP H2   H  N N 68  
ASP HA   H  N N 69  
ASP HB2  H  N N 70  
ASP HB3  H  N N 71  
ASP HD2  H  N N 72  
ASP HXT  H  N N 73  
CYS N    N  N N 74  
CYS CA   C  N R 75  
CYS C    C  N N 76  
CYS O    O  N N 77  
CYS CB   C  N N 78  
CYS SG   S  N N 79  
CYS OXT  O  N N 80  
CYS H    H  N N 81  
CYS H2   H  N N 82  
CYS HA   H  N N 83  
CYS HB2  H  N N 84  
CYS HB3  H  N N 85  
CYS HG   H  N N 86  
CYS HXT  H  N N 87  
EDO C1   C  N N 88  
EDO O1   O  N N 89  
EDO C2   C  N N 90  
EDO O2   O  N N 91  
EDO H11  H  N N 92  
EDO H12  H  N N 93  
EDO HO1  H  N N 94  
EDO H21  H  N N 95  
EDO H22  H  N N 96  
EDO HO2  H  N N 97  
GLN N    N  N N 98  
GLN CA   C  N S 99  
GLN C    C  N N 100 
GLN O    O  N N 101 
GLN CB   C  N N 102 
GLN CG   C  N N 103 
GLN CD   C  N N 104 
GLN OE1  O  N N 105 
GLN NE2  N  N N 106 
GLN OXT  O  N N 107 
GLN H    H  N N 108 
GLN H2   H  N N 109 
GLN HA   H  N N 110 
GLN HB2  H  N N 111 
GLN HB3  H  N N 112 
GLN HG2  H  N N 113 
GLN HG3  H  N N 114 
GLN HE21 H  N N 115 
GLN HE22 H  N N 116 
GLN HXT  H  N N 117 
GLU N    N  N N 118 
GLU CA   C  N S 119 
GLU C    C  N N 120 
GLU O    O  N N 121 
GLU CB   C  N N 122 
GLU CG   C  N N 123 
GLU CD   C  N N 124 
GLU OE1  O  N N 125 
GLU OE2  O  N N 126 
GLU OXT  O  N N 127 
GLU H    H  N N 128 
GLU H2   H  N N 129 
GLU HA   H  N N 130 
GLU HB2  H  N N 131 
GLU HB3  H  N N 132 
GLU HG2  H  N N 133 
GLU HG3  H  N N 134 
GLU HE2  H  N N 135 
GLU HXT  H  N N 136 
GLY N    N  N N 137 
GLY CA   C  N N 138 
GLY C    C  N N 139 
GLY O    O  N N 140 
GLY OXT  O  N N 141 
GLY H    H  N N 142 
GLY H2   H  N N 143 
GLY HA2  H  N N 144 
GLY HA3  H  N N 145 
GLY HXT  H  N N 146 
HIS N    N  N N 147 
HIS CA   C  N S 148 
HIS C    C  N N 149 
HIS O    O  N N 150 
HIS CB   C  N N 151 
HIS CG   C  Y N 152 
HIS ND1  N  Y N 153 
HIS CD2  C  Y N 154 
HIS CE1  C  Y N 155 
HIS NE2  N  Y N 156 
HIS OXT  O  N N 157 
HIS H    H  N N 158 
HIS H2   H  N N 159 
HIS HA   H  N N 160 
HIS HB2  H  N N 161 
HIS HB3  H  N N 162 
HIS HD1  H  N N 163 
HIS HD2  H  N N 164 
HIS HE1  H  N N 165 
HIS HE2  H  N N 166 
HIS HXT  H  N N 167 
HOH O    O  N N 168 
HOH H1   H  N N 169 
HOH H2   H  N N 170 
ILE N    N  N N 171 
ILE CA   C  N S 172 
ILE C    C  N N 173 
ILE O    O  N N 174 
ILE CB   C  N S 175 
ILE CG1  C  N N 176 
ILE CG2  C  N N 177 
ILE CD1  C  N N 178 
ILE OXT  O  N N 179 
ILE H    H  N N 180 
ILE H2   H  N N 181 
ILE HA   H  N N 182 
ILE HB   H  N N 183 
ILE HG12 H  N N 184 
ILE HG13 H  N N 185 
ILE HG21 H  N N 186 
ILE HG22 H  N N 187 
ILE HG23 H  N N 188 
ILE HD11 H  N N 189 
ILE HD12 H  N N 190 
ILE HD13 H  N N 191 
ILE HXT  H  N N 192 
LEU N    N  N N 193 
LEU CA   C  N S 194 
LEU C    C  N N 195 
LEU O    O  N N 196 
LEU CB   C  N N 197 
LEU CG   C  N N 198 
LEU CD1  C  N N 199 
LEU CD2  C  N N 200 
LEU OXT  O  N N 201 
LEU H    H  N N 202 
LEU H2   H  N N 203 
LEU HA   H  N N 204 
LEU HB2  H  N N 205 
LEU HB3  H  N N 206 
LEU HG   H  N N 207 
LEU HD11 H  N N 208 
LEU HD12 H  N N 209 
LEU HD13 H  N N 210 
LEU HD21 H  N N 211 
LEU HD22 H  N N 212 
LEU HD23 H  N N 213 
LEU HXT  H  N N 214 
LYS N    N  N N 215 
LYS CA   C  N S 216 
LYS C    C  N N 217 
LYS O    O  N N 218 
LYS CB   C  N N 219 
LYS CG   C  N N 220 
LYS CD   C  N N 221 
LYS CE   C  N N 222 
LYS NZ   N  N N 223 
LYS OXT  O  N N 224 
LYS H    H  N N 225 
LYS H2   H  N N 226 
LYS HA   H  N N 227 
LYS HB2  H  N N 228 
LYS HB3  H  N N 229 
LYS HG2  H  N N 230 
LYS HG3  H  N N 231 
LYS HD2  H  N N 232 
LYS HD3  H  N N 233 
LYS HE2  H  N N 234 
LYS HE3  H  N N 235 
LYS HZ1  H  N N 236 
LYS HZ2  H  N N 237 
LYS HZ3  H  N N 238 
LYS HXT  H  N N 239 
MET N    N  N N 240 
MET CA   C  N S 241 
MET C    C  N N 242 
MET O    O  N N 243 
MET CB   C  N N 244 
MET CG   C  N N 245 
MET SD   S  N N 246 
MET CE   C  N N 247 
MET OXT  O  N N 248 
MET H    H  N N 249 
MET H2   H  N N 250 
MET HA   H  N N 251 
MET HB2  H  N N 252 
MET HB3  H  N N 253 
MET HG2  H  N N 254 
MET HG3  H  N N 255 
MET HE1  H  N N 256 
MET HE2  H  N N 257 
MET HE3  H  N N 258 
MET HXT  H  N N 259 
PHE N    N  N N 260 
PHE CA   C  N S 261 
PHE C    C  N N 262 
PHE O    O  N N 263 
PHE CB   C  N N 264 
PHE CG   C  Y N 265 
PHE CD1  C  Y N 266 
PHE CD2  C  Y N 267 
PHE CE1  C  Y N 268 
PHE CE2  C  Y N 269 
PHE CZ   C  Y N 270 
PHE OXT  O  N N 271 
PHE H    H  N N 272 
PHE H2   H  N N 273 
PHE HA   H  N N 274 
PHE HB2  H  N N 275 
PHE HB3  H  N N 276 
PHE HD1  H  N N 277 
PHE HD2  H  N N 278 
PHE HE1  H  N N 279 
PHE HE2  H  N N 280 
PHE HZ   H  N N 281 
PHE HXT  H  N N 282 
PRO N    N  N N 283 
PRO CA   C  N S 284 
PRO C    C  N N 285 
PRO O    O  N N 286 
PRO CB   C  N N 287 
PRO CG   C  N N 288 
PRO CD   C  N N 289 
PRO OXT  O  N N 290 
PRO H    H  N N 291 
PRO HA   H  N N 292 
PRO HB2  H  N N 293 
PRO HB3  H  N N 294 
PRO HG2  H  N N 295 
PRO HG3  H  N N 296 
PRO HD2  H  N N 297 
PRO HD3  H  N N 298 
PRO HXT  H  N N 299 
SER N    N  N N 300 
SER CA   C  N S 301 
SER C    C  N N 302 
SER O    O  N N 303 
SER CB   C  N N 304 
SER OG   O  N N 305 
SER OXT  O  N N 306 
SER H    H  N N 307 
SER H2   H  N N 308 
SER HA   H  N N 309 
SER HB2  H  N N 310 
SER HB3  H  N N 311 
SER HG   H  N N 312 
SER HXT  H  N N 313 
THR N    N  N N 314 
THR CA   C  N S 315 
THR C    C  N N 316 
THR O    O  N N 317 
THR CB   C  N R 318 
THR OG1  O  N N 319 
THR CG2  C  N N 320 
THR OXT  O  N N 321 
THR H    H  N N 322 
THR H2   H  N N 323 
THR HA   H  N N 324 
THR HB   H  N N 325 
THR HG1  H  N N 326 
THR HG21 H  N N 327 
THR HG22 H  N N 328 
THR HG23 H  N N 329 
THR HXT  H  N N 330 
TYR N    N  N N 331 
TYR CA   C  N S 332 
TYR C    C  N N 333 
TYR O    O  N N 334 
TYR CB   C  N N 335 
TYR CG   C  Y N 336 
TYR CD1  C  Y N 337 
TYR CD2  C  Y N 338 
TYR CE1  C  Y N 339 
TYR CE2  C  Y N 340 
TYR CZ   C  Y N 341 
TYR OH   O  N N 342 
TYR OXT  O  N N 343 
TYR H    H  N N 344 
TYR H2   H  N N 345 
TYR HA   H  N N 346 
TYR HB2  H  N N 347 
TYR HB3  H  N N 348 
TYR HD1  H  N N 349 
TYR HD2  H  N N 350 
TYR HE1  H  N N 351 
TYR HE2  H  N N 352 
TYR HH   H  N N 353 
TYR HXT  H  N N 354 
U3Z C11  C  N N 355 
U3Z C13  C  Y N 356 
U3Z C14  C  Y N 357 
U3Z C15  C  Y N 358 
U3Z C16  C  N N 359 
U3Z C21  C  Y N 360 
U3Z C22  C  Y N 361 
U3Z C23  C  N R 362 
U3Z C25  C  N N 363 
U3Z C26  C  N N 364 
U3Z C27  C  N N 365 
U3Z C28  C  N N 366 
U3Z O30  O  N N 367 
U3Z C31  C  Y N 368 
U3Z C36  C  Y N 369 
U3Z C37  C  Y N 370 
U3Z C01  C  Y N 371 
U3Z C02  C  Y N 372 
U3Z C03  C  Y N 373 
U3Z C04  C  N N 374 
U3Z C05  C  N N 375 
U3Z C06  C  Y N 376 
U3Z C07  C  Y N 377 
U3Z C08  C  Y N 378 
U3Z C09  C  N N 379 
U3Z N10  N  N N 380 
U3Z O12  O  N N 381 
U3Z C17  C  N N 382 
U3Z C18  C  N N 383 
U3Z O19  O  N N 384 
U3Z C20  C  Y N 385 
U3Z O24  O  N N 386 
U3Z C29  C  N N 387 
U3Z C32  C  Y N 388 
U3Z C33  C  Y N 389 
U3Z C34  C  Y N 390 
U3Z CL1  CL N N 391 
U3Z H1   H  N N 392 
U3Z H2   H  N N 393 
U3Z H3   H  N N 394 
U3Z H4   H  N N 395 
U3Z H5   H  N N 396 
U3Z H6   H  N N 397 
U3Z H7   H  N N 398 
U3Z H8   H  N N 399 
U3Z H9   H  N N 400 
U3Z H10  H  N N 401 
U3Z H11  H  N N 402 
U3Z H12  H  N N 403 
U3Z H13  H  N N 404 
U3Z H14  H  N N 405 
U3Z H15  H  N N 406 
U3Z H16  H  N N 407 
U3Z H17  H  N N 408 
U3Z H18  H  N N 409 
U3Z H19  H  N N 410 
U3Z H20  H  N N 411 
U3Z H21  H  N N 412 
U3Z H22  H  N N 413 
U3Z H23  H  N N 414 
U3Z H24  H  N N 415 
U3Z H25  H  N N 416 
U3Z H26  H  N N 417 
U3Z H27  H  N N 418 
U3Z H28  H  N N 419 
U3Z H29  H  N N 420 
U3Z H30  H  N N 421 
VAL N    N  N N 422 
VAL CA   C  N S 423 
VAL C    C  N N 424 
VAL O    O  N N 425 
VAL CB   C  N N 426 
VAL CG1  C  N N 427 
VAL CG2  C  N N 428 
VAL OXT  O  N N 429 
VAL H    H  N N 430 
VAL H2   H  N N 431 
VAL HA   H  N N 432 
VAL HB   H  N N 433 
VAL HG11 H  N N 434 
VAL HG12 H  N N 435 
VAL HG13 H  N N 436 
VAL HG21 H  N N 437 
VAL HG22 H  N N 438 
VAL HG23 H  N N 439 
VAL HXT  H  N N 440 
# 
loop_
_chem_comp_bond.comp_id 
_chem_comp_bond.atom_id_1 
_chem_comp_bond.atom_id_2 
_chem_comp_bond.value_order 
_chem_comp_bond.pdbx_aromatic_flag 
_chem_comp_bond.pdbx_stereo_config 
_chem_comp_bond.pdbx_ordinal 
ALA N   CA   sing N N 1   
ALA N   H    sing N N 2   
ALA N   H2   sing N N 3   
ALA CA  C    sing N N 4   
ALA CA  CB   sing N N 5   
ALA CA  HA   sing N N 6   
ALA C   O    doub N N 7   
ALA C   OXT  sing N N 8   
ALA CB  HB1  sing N N 9   
ALA CB  HB2  sing N N 10  
ALA CB  HB3  sing N N 11  
ALA OXT HXT  sing N N 12  
ARG N   CA   sing N N 13  
ARG N   H    sing N N 14  
ARG N   H2   sing N N 15  
ARG CA  C    sing N N 16  
ARG CA  CB   sing N N 17  
ARG CA  HA   sing N N 18  
ARG C   O    doub N N 19  
ARG C   OXT  sing N N 20  
ARG CB  CG   sing N N 21  
ARG CB  HB2  sing N N 22  
ARG CB  HB3  sing N N 23  
ARG CG  CD   sing N N 24  
ARG CG  HG2  sing N N 25  
ARG CG  HG3  sing N N 26  
ARG CD  NE   sing N N 27  
ARG CD  HD2  sing N N 28  
ARG CD  HD3  sing N N 29  
ARG NE  CZ   sing N N 30  
ARG NE  HE   sing N N 31  
ARG CZ  NH1  sing N N 32  
ARG CZ  NH2  doub N N 33  
ARG NH1 HH11 sing N N 34  
ARG NH1 HH12 sing N N 35  
ARG NH2 HH21 sing N N 36  
ARG NH2 HH22 sing N N 37  
ARG OXT HXT  sing N N 38  
ASN N   CA   sing N N 39  
ASN N   H    sing N N 40  
ASN N   H2   sing N N 41  
ASN CA  C    sing N N 42  
ASN CA  CB   sing N N 43  
ASN CA  HA   sing N N 44  
ASN C   O    doub N N 45  
ASN C   OXT  sing N N 46  
ASN CB  CG   sing N N 47  
ASN CB  HB2  sing N N 48  
ASN CB  HB3  sing N N 49  
ASN CG  OD1  doub N N 50  
ASN CG  ND2  sing N N 51  
ASN ND2 HD21 sing N N 52  
ASN ND2 HD22 sing N N 53  
ASN OXT HXT  sing N N 54  
ASP N   CA   sing N N 55  
ASP N   H    sing N N 56  
ASP N   H2   sing N N 57  
ASP CA  C    sing N N 58  
ASP CA  CB   sing N N 59  
ASP CA  HA   sing N N 60  
ASP C   O    doub N N 61  
ASP C   OXT  sing N N 62  
ASP CB  CG   sing N N 63  
ASP CB  HB2  sing N N 64  
ASP CB  HB3  sing N N 65  
ASP CG  OD1  doub N N 66  
ASP CG  OD2  sing N N 67  
ASP OD2 HD2  sing N N 68  
ASP OXT HXT  sing N N 69  
CYS N   CA   sing N N 70  
CYS N   H    sing N N 71  
CYS N   H2   sing N N 72  
CYS CA  C    sing N N 73  
CYS CA  CB   sing N N 74  
CYS CA  HA   sing N N 75  
CYS C   O    doub N N 76  
CYS C   OXT  sing N N 77  
CYS CB  SG   sing N N 78  
CYS CB  HB2  sing N N 79  
CYS CB  HB3  sing N N 80  
CYS SG  HG   sing N N 81  
CYS OXT HXT  sing N N 82  
EDO C1  O1   sing N N 83  
EDO C1  C2   sing N N 84  
EDO C1  H11  sing N N 85  
EDO C1  H12  sing N N 86  
EDO O1  HO1  sing N N 87  
EDO C2  O2   sing N N 88  
EDO C2  H21  sing N N 89  
EDO C2  H22  sing N N 90  
EDO O2  HO2  sing N N 91  
GLN N   CA   sing N N 92  
GLN N   H    sing N N 93  
GLN N   H2   sing N N 94  
GLN CA  C    sing N N 95  
GLN CA  CB   sing N N 96  
GLN CA  HA   sing N N 97  
GLN C   O    doub N N 98  
GLN C   OXT  sing N N 99  
GLN CB  CG   sing N N 100 
GLN CB  HB2  sing N N 101 
GLN CB  HB3  sing N N 102 
GLN CG  CD   sing N N 103 
GLN CG  HG2  sing N N 104 
GLN CG  HG3  sing N N 105 
GLN CD  OE1  doub N N 106 
GLN CD  NE2  sing N N 107 
GLN NE2 HE21 sing N N 108 
GLN NE2 HE22 sing N N 109 
GLN OXT HXT  sing N N 110 
GLU N   CA   sing N N 111 
GLU N   H    sing N N 112 
GLU N   H2   sing N N 113 
GLU CA  C    sing N N 114 
GLU CA  CB   sing N N 115 
GLU CA  HA   sing N N 116 
GLU C   O    doub N N 117 
GLU C   OXT  sing N N 118 
GLU CB  CG   sing N N 119 
GLU CB  HB2  sing N N 120 
GLU CB  HB3  sing N N 121 
GLU CG  CD   sing N N 122 
GLU CG  HG2  sing N N 123 
GLU CG  HG3  sing N N 124 
GLU CD  OE1  doub N N 125 
GLU CD  OE2  sing N N 126 
GLU OE2 HE2  sing N N 127 
GLU OXT HXT  sing N N 128 
GLY N   CA   sing N N 129 
GLY N   H    sing N N 130 
GLY N   H2   sing N N 131 
GLY CA  C    sing N N 132 
GLY CA  HA2  sing N N 133 
GLY CA  HA3  sing N N 134 
GLY C   O    doub N N 135 
GLY C   OXT  sing N N 136 
GLY OXT HXT  sing N N 137 
HIS N   CA   sing N N 138 
HIS N   H    sing N N 139 
HIS N   H2   sing N N 140 
HIS CA  C    sing N N 141 
HIS CA  CB   sing N N 142 
HIS CA  HA   sing N N 143 
HIS C   O    doub N N 144 
HIS C   OXT  sing N N 145 
HIS CB  CG   sing N N 146 
HIS CB  HB2  sing N N 147 
HIS CB  HB3  sing N N 148 
HIS CG  ND1  sing Y N 149 
HIS CG  CD2  doub Y N 150 
HIS ND1 CE1  doub Y N 151 
HIS ND1 HD1  sing N N 152 
HIS CD2 NE2  sing Y N 153 
HIS CD2 HD2  sing N N 154 
HIS CE1 NE2  sing Y N 155 
HIS CE1 HE1  sing N N 156 
HIS NE2 HE2  sing N N 157 
HIS OXT HXT  sing N N 158 
HOH O   H1   sing N N 159 
HOH O   H2   sing N N 160 
ILE N   CA   sing N N 161 
ILE N   H    sing N N 162 
ILE N   H2   sing N N 163 
ILE CA  C    sing N N 164 
ILE CA  CB   sing N N 165 
ILE CA  HA   sing N N 166 
ILE C   O    doub N N 167 
ILE C   OXT  sing N N 168 
ILE CB  CG1  sing N N 169 
ILE CB  CG2  sing N N 170 
ILE CB  HB   sing N N 171 
ILE CG1 CD1  sing N N 172 
ILE CG1 HG12 sing N N 173 
ILE CG1 HG13 sing N N 174 
ILE CG2 HG21 sing N N 175 
ILE CG2 HG22 sing N N 176 
ILE CG2 HG23 sing N N 177 
ILE CD1 HD11 sing N N 178 
ILE CD1 HD12 sing N N 179 
ILE CD1 HD13 sing N N 180 
ILE OXT HXT  sing N N 181 
LEU N   CA   sing N N 182 
LEU N   H    sing N N 183 
LEU N   H2   sing N N 184 
LEU CA  C    sing N N 185 
LEU CA  CB   sing N N 186 
LEU CA  HA   sing N N 187 
LEU C   O    doub N N 188 
LEU C   OXT  sing N N 189 
LEU CB  CG   sing N N 190 
LEU CB  HB2  sing N N 191 
LEU CB  HB3  sing N N 192 
LEU CG  CD1  sing N N 193 
LEU CG  CD2  sing N N 194 
LEU CG  HG   sing N N 195 
LEU CD1 HD11 sing N N 196 
LEU CD1 HD12 sing N N 197 
LEU CD1 HD13 sing N N 198 
LEU CD2 HD21 sing N N 199 
LEU CD2 HD22 sing N N 200 
LEU CD2 HD23 sing N N 201 
LEU OXT HXT  sing N N 202 
LYS N   CA   sing N N 203 
LYS N   H    sing N N 204 
LYS N   H2   sing N N 205 
LYS CA  C    sing N N 206 
LYS CA  CB   sing N N 207 
LYS CA  HA   sing N N 208 
LYS C   O    doub N N 209 
LYS C   OXT  sing N N 210 
LYS CB  CG   sing N N 211 
LYS CB  HB2  sing N N 212 
LYS CB  HB3  sing N N 213 
LYS CG  CD   sing N N 214 
LYS CG  HG2  sing N N 215 
LYS CG  HG3  sing N N 216 
LYS CD  CE   sing N N 217 
LYS CD  HD2  sing N N 218 
LYS CD  HD3  sing N N 219 
LYS CE  NZ   sing N N 220 
LYS CE  HE2  sing N N 221 
LYS CE  HE3  sing N N 222 
LYS NZ  HZ1  sing N N 223 
LYS NZ  HZ2  sing N N 224 
LYS NZ  HZ3  sing N N 225 
LYS OXT HXT  sing N N 226 
MET N   CA   sing N N 227 
MET N   H    sing N N 228 
MET N   H2   sing N N 229 
MET CA  C    sing N N 230 
MET CA  CB   sing N N 231 
MET CA  HA   sing N N 232 
MET C   O    doub N N 233 
MET C   OXT  sing N N 234 
MET CB  CG   sing N N 235 
MET CB  HB2  sing N N 236 
MET CB  HB3  sing N N 237 
MET CG  SD   sing N N 238 
MET CG  HG2  sing N N 239 
MET CG  HG3  sing N N 240 
MET SD  CE   sing N N 241 
MET CE  HE1  sing N N 242 
MET CE  HE2  sing N N 243 
MET CE  HE3  sing N N 244 
MET OXT HXT  sing N N 245 
PHE N   CA   sing N N 246 
PHE N   H    sing N N 247 
PHE N   H2   sing N N 248 
PHE CA  C    sing N N 249 
PHE CA  CB   sing N N 250 
PHE CA  HA   sing N N 251 
PHE C   O    doub N N 252 
PHE C   OXT  sing N N 253 
PHE CB  CG   sing N N 254 
PHE CB  HB2  sing N N 255 
PHE CB  HB3  sing N N 256 
PHE CG  CD1  doub Y N 257 
PHE CG  CD2  sing Y N 258 
PHE CD1 CE1  sing Y N 259 
PHE CD1 HD1  sing N N 260 
PHE CD2 CE2  doub Y N 261 
PHE CD2 HD2  sing N N 262 
PHE CE1 CZ   doub Y N 263 
PHE CE1 HE1  sing N N 264 
PHE CE2 CZ   sing Y N 265 
PHE CE2 HE2  sing N N 266 
PHE CZ  HZ   sing N N 267 
PHE OXT HXT  sing N N 268 
PRO N   CA   sing N N 269 
PRO N   CD   sing N N 270 
PRO N   H    sing N N 271 
PRO CA  C    sing N N 272 
PRO CA  CB   sing N N 273 
PRO CA  HA   sing N N 274 
PRO C   O    doub N N 275 
PRO C   OXT  sing N N 276 
PRO CB  CG   sing N N 277 
PRO CB  HB2  sing N N 278 
PRO CB  HB3  sing N N 279 
PRO CG  CD   sing N N 280 
PRO CG  HG2  sing N N 281 
PRO CG  HG3  sing N N 282 
PRO CD  HD2  sing N N 283 
PRO CD  HD3  sing N N 284 
PRO OXT HXT  sing N N 285 
SER N   CA   sing N N 286 
SER N   H    sing N N 287 
SER N   H2   sing N N 288 
SER CA  C    sing N N 289 
SER CA  CB   sing N N 290 
SER CA  HA   sing N N 291 
SER C   O    doub N N 292 
SER C   OXT  sing N N 293 
SER CB  OG   sing N N 294 
SER CB  HB2  sing N N 295 
SER CB  HB3  sing N N 296 
SER OG  HG   sing N N 297 
SER OXT HXT  sing N N 298 
THR N   CA   sing N N 299 
THR N   H    sing N N 300 
THR N   H2   sing N N 301 
THR CA  C    sing N N 302 
THR CA  CB   sing N N 303 
THR CA  HA   sing N N 304 
THR C   O    doub N N 305 
THR C   OXT  sing N N 306 
THR CB  OG1  sing N N 307 
THR CB  CG2  sing N N 308 
THR CB  HB   sing N N 309 
THR OG1 HG1  sing N N 310 
THR CG2 HG21 sing N N 311 
THR CG2 HG22 sing N N 312 
THR CG2 HG23 sing N N 313 
THR OXT HXT  sing N N 314 
TYR N   CA   sing N N 315 
TYR N   H    sing N N 316 
TYR N   H2   sing N N 317 
TYR CA  C    sing N N 318 
TYR CA  CB   sing N N 319 
TYR CA  HA   sing N N 320 
TYR C   O    doub N N 321 
TYR C   OXT  sing N N 322 
TYR CB  CG   sing N N 323 
TYR CB  HB2  sing N N 324 
TYR CB  HB3  sing N N 325 
TYR CG  CD1  doub Y N 326 
TYR CG  CD2  sing Y N 327 
TYR CD1 CE1  sing Y N 328 
TYR CD1 HD1  sing N N 329 
TYR CD2 CE2  doub Y N 330 
TYR CD2 HD2  sing N N 331 
TYR CE1 CZ   doub Y N 332 
TYR CE1 HE1  sing N N 333 
TYR CE2 CZ   sing Y N 334 
TYR CE2 HE2  sing N N 335 
TYR CZ  OH   sing N N 336 
TYR OH  HH   sing N N 337 
TYR OXT HXT  sing N N 338 
U3Z CL1 C34  sing N N 339 
U3Z C34 C36  doub Y N 340 
U3Z C34 C33  sing Y N 341 
U3Z C36 C37  sing Y N 342 
U3Z C18 C16  sing N N 343 
U3Z C33 C32  doub Y N 344 
U3Z C37 C31  doub Y N 345 
U3Z C05 C04  trip N N 346 
U3Z C04 C03  sing N N 347 
U3Z C20 C21  doub Y N 348 
U3Z C20 C15  sing Y N 349 
U3Z C32 C31  sing Y N 350 
U3Z C16 C15  sing N N 351 
U3Z C16 O19  sing N N 352 
U3Z C16 C17  sing N N 353 
U3Z C31 C23  sing N N 354 
U3Z C21 C22  sing Y N 355 
U3Z C06 C03  doub Y N 356 
U3Z C06 C07  sing Y N 357 
U3Z C15 C14  doub Y N 358 
U3Z C03 C02  sing Y N 359 
U3Z C22 C23  sing N N 360 
U3Z C22 C13  doub Y N 361 
U3Z C07 C08  doub Y N 362 
U3Z C14 C13  sing Y N 363 
U3Z C02 C01  doub Y N 364 
U3Z C23 O24  sing N N 365 
U3Z C23 N10  sing N N 366 
U3Z C13 C11  sing N N 367 
U3Z C08 C01  sing Y N 368 
U3Z C08 C09  sing N N 369 
U3Z O24 C25  sing N N 370 
U3Z N10 C11  sing N N 371 
U3Z N10 C09  sing N N 372 
U3Z C11 O12  doub N N 373 
U3Z C27 C26  sing N N 374 
U3Z C27 C28  sing N N 375 
U3Z C25 C26  sing N N 376 
U3Z C26 C29  sing N N 377 
U3Z C26 C28  sing N N 378 
U3Z C29 O30  sing N N 379 
U3Z C14 H1   sing N N 380 
U3Z C21 H2   sing N N 381 
U3Z C25 H3   sing N N 382 
U3Z C25 H4   sing N N 383 
U3Z C27 H5   sing N N 384 
U3Z C27 H6   sing N N 385 
U3Z C28 H7   sing N N 386 
U3Z C28 H8   sing N N 387 
U3Z O30 H9   sing N N 388 
U3Z C36 H10  sing N N 389 
U3Z C37 H11  sing N N 390 
U3Z C01 H12  sing N N 391 
U3Z C02 H13  sing N N 392 
U3Z C05 H14  sing N N 393 
U3Z C06 H15  sing N N 394 
U3Z C07 H16  sing N N 395 
U3Z C09 H17  sing N N 396 
U3Z C09 H18  sing N N 397 
U3Z C17 H19  sing N N 398 
U3Z C17 H20  sing N N 399 
U3Z C17 H21  sing N N 400 
U3Z C18 H22  sing N N 401 
U3Z C18 H23  sing N N 402 
U3Z C18 H24  sing N N 403 
U3Z O19 H25  sing N N 404 
U3Z C20 H26  sing N N 405 
U3Z C29 H27  sing N N 406 
U3Z C29 H28  sing N N 407 
U3Z C32 H29  sing N N 408 
U3Z C33 H30  sing N N 409 
VAL N   CA   sing N N 410 
VAL N   H    sing N N 411 
VAL N   H2   sing N N 412 
VAL CA  C    sing N N 413 
VAL CA  CB   sing N N 414 
VAL CA  HA   sing N N 415 
VAL C   O    doub N N 416 
VAL C   OXT  sing N N 417 
VAL CB  CG1  sing N N 418 
VAL CB  CG2  sing N N 419 
VAL CB  HB   sing N N 420 
VAL CG1 HG11 sing N N 421 
VAL CG1 HG12 sing N N 422 
VAL CG1 HG13 sing N N 423 
VAL CG2 HG21 sing N N 424 
VAL CG2 HG22 sing N N 425 
VAL CG2 HG23 sing N N 426 
VAL OXT HXT  sing N N 427 
# 
_pdbx_entity_instance_feature.ordinal        1 
_pdbx_entity_instance_feature.comp_id        U3Z 
_pdbx_entity_instance_feature.asym_id        ? 
_pdbx_entity_instance_feature.seq_num        ? 
_pdbx_entity_instance_feature.auth_comp_id   U3Z 
_pdbx_entity_instance_feature.auth_asym_id   ? 
_pdbx_entity_instance_feature.auth_seq_num   ? 
_pdbx_entity_instance_feature.feature_type   'SUBJECT OF INVESTIGATION' 
_pdbx_entity_instance_feature.details        ? 
# 
_atom_sites.entry_id                    7BMG 
_atom_sites.Cartn_transf_matrix[1][1]   ? 
_atom_sites.Cartn_transf_matrix[1][2]   ? 
_atom_sites.Cartn_transf_matrix[1][3]   ? 
_atom_sites.Cartn_transf_matrix[2][1]   ? 
_atom_sites.Cartn_transf_matrix[2][2]   ? 
_atom_sites.Cartn_transf_matrix[2][3]   ? 
_atom_sites.Cartn_transf_matrix[3][1]   ? 
_atom_sites.Cartn_transf_matrix[3][2]   ? 
_atom_sites.Cartn_transf_matrix[3][3]   ? 
_atom_sites.Cartn_transf_vector[1]      ? 
_atom_sites.Cartn_transf_vector[2]      ? 
_atom_sites.Cartn_transf_vector[3]      ? 
_atom_sites.fract_transf_matrix[1][1]   -0.00889390 
_atom_sites.fract_transf_matrix[1][2]   -0.00311528 
_atom_sites.fract_transf_matrix[1][3]   -0.01310630 
_atom_sites.fract_transf_matrix[2][1]   -0.00399183 
_atom_sites.fract_transf_matrix[2][2]   -0.01521822 
_atom_sites.fract_transf_matrix[2][3]   -0.00361492 
_atom_sites.fract_transf_matrix[3][1]   -0.00830310 
_atom_sites.fract_transf_matrix[3][2]   0.00088978 
_atom_sites.fract_transf_matrix[3][3]   0.00542297 
_atom_sites.fract_transf_vector[1]      -0.386150 
_atom_sites.fract_transf_vector[2]      -0.223777 
_atom_sites.fract_transf_vector[3]      0.072757 
_atom_sites.solution_primary            ? 
_atom_sites.solution_secondary          ? 
_atom_sites.solution_hydrogens          ? 
_atom_sites.special_details             ? 
# 
loop_
_atom_type.symbol 
C  
CL 
N  
O  
S  
# 
loop_
_atom_site.group_PDB 
_atom_site.id 
_atom_site.type_symbol 
_atom_site.label_atom_id 
_atom_site.label_alt_id 
_atom_site.label_comp_id 
_atom_site.label_asym_id 
_atom_site.label_entity_id 
_atom_site.label_seq_id 
_atom_site.pdbx_PDB_ins_code 
_atom_site.Cartn_x 
_atom_site.Cartn_y 
_atom_site.Cartn_z 
_atom_site.occupancy 
_atom_site.B_iso_or_equiv 
_atom_site.pdbx_formal_charge 
_atom_site.auth_seq_id 
_atom_site.auth_comp_id 
_atom_site.auth_asym_id 
_atom_site.auth_atom_id 
_atom_site.pdbx_PDB_model_num 
ATOM   1   N  N   . SER A 1 6  ? -3.032  0.004   15.240  1.00 74.15 ? 17  SER A N   1 
ATOM   2   C  CA  . SER A 1 6  ? -2.727  -1.250  15.934  1.00 73.08 ? 17  SER A CA  1 
ATOM   3   C  C   . SER A 1 6  ? -1.274  -1.229  16.474  1.00 70.84 ? 17  SER A C   1 
ATOM   4   O  O   . SER A 1 6  ? -1.067  -1.060  17.680  1.00 71.15 ? 17  SER A O   1 
ATOM   5   C  CB  . SER A 1 6  ? -2.974  -2.441  15.006  1.00 77.08 ? 17  SER A CB  1 
ATOM   6   O  OG  . SER A 1 6  ? -2.536  -3.668  15.574  1.00 87.18 ? 17  SER A OG  1 
ATOM   7   N  N   . GLN A 1 7  ? -0.293  -1.398  15.573  1.00 61.01 ? 18  GLN A N   1 
ATOM   8   C  CA  . GLN A 1 7  ? 1.143   -1.295  15.838  1.00 57.06 ? 18  GLN A CA  1 
ATOM   9   C  C   . GLN A 1 7  ? 1.647   0.127   15.458  1.00 53.78 ? 18  GLN A C   1 
ATOM   10  O  O   . GLN A 1 7  ? 2.761   0.493   15.820  1.00 54.10 ? 18  GLN A O   1 
ATOM   11  C  CB  . GLN A 1 7  ? 1.907   -2.325  14.966  1.00 57.39 ? 18  GLN A CB  1 
ATOM   12  C  CG  . GLN A 1 7  ? 1.594   -3.809  15.237  1.00 62.43 ? 18  GLN A CG  1 
ATOM   13  C  CD  . GLN A 1 7  ? 1.805   -4.685  14.001  1.00 74.62 ? 18  GLN A CD  1 
ATOM   14  O  OE1 . GLN A 1 7  ? 2.794   -4.546  13.268  1.00 61.23 ? 18  GLN A OE1 1 
ATOM   15  N  NE2 . GLN A 1 7  ? 0.880   -5.617  13.732  1.00 63.97 ? 18  GLN A NE2 1 
ATOM   16  N  N   . ILE A 1 8  ? 0.844   0.912   14.703  1.00 43.00 ? 19  ILE A N   1 
ATOM   17  C  CA  . ILE A 1 8  ? 1.263   2.227   14.237  1.00 38.04 ? 19  ILE A CA  1 
ATOM   18  C  C   . ILE A 1 8  ? 0.504   3.262   15.048  1.00 38.38 ? 19  ILE A C   1 
ATOM   19  O  O   . ILE A 1 8  ? -0.722  3.180   15.162  1.00 33.67 ? 19  ILE A O   1 
ATOM   20  C  CB  . ILE A 1 8  ? 0.979   2.455   12.732  1.00 37.84 ? 19  ILE A CB  1 
ATOM   21  C  CG1 . ILE A 1 8  ? 1.604   1.357   11.853  1.00 38.73 ? 19  ILE A CG1 1 
ATOM   22  C  CG2 . ILE A 1 8  ? 1.419   3.850   12.323  1.00 34.75 ? 19  ILE A CG2 1 
ATOM   23  C  CD1 . ILE A 1 8  ? 3.178   1.173   11.990  1.00 40.07 ? 19  ILE A CD1 1 
ATOM   24  N  N   . PRO A 1 9  ? 1.195   4.259   15.617  1.00 36.45 ? 20  PRO A N   1 
ATOM   25  C  CA  . PRO A 1 9  ? 0.459   5.270   16.377  1.00 35.25 ? 20  PRO A CA  1 
ATOM   26  C  C   . PRO A 1 9  ? -0.601  5.989   15.558  1.00 37.14 ? 20  PRO A C   1 
ATOM   27  O  O   . PRO A 1 9  ? -0.371  6.284   14.386  1.00 37.49 ? 20  PRO A O   1 
ATOM   28  C  CB  . PRO A 1 9  ? 1.535   6.243   16.853  1.00 38.46 ? 20  PRO A CB  1 
ATOM   29  C  CG  . PRO A 1 9  ? 2.843   5.555   16.663  1.00 41.51 ? 20  PRO A CG  1 
ATOM   30  C  CD  . PRO A 1 9  ? 2.661   4.495   15.632  1.00 38.06 ? 20  PRO A CD  1 
ATOM   31  N  N   . ALA A 1 10 ? -1.750  6.291   16.181  1.00 32.40 ? 21  ALA A N   1 
ATOM   32  C  CA  . ALA A 1 10 ? -2.864  6.967   15.507  1.00 35.38 ? 21  ALA A CA  1 
ATOM   33  C  C   . ALA A 1 10 ? -2.415  8.235   14.846  1.00 35.79 ? 21  ALA A C   1 
ATOM   34  O  O   . ALA A 1 10 ? -2.849  8.520   13.746  1.00 35.27 ? 21  ALA A O   1 
ATOM   35  C  CB  . ALA A 1 10 ? -3.975  7.295   16.503  1.00 36.93 ? 21  ALA A CB  1 
ATOM   36  N  N   . SER A 1 11 ? -1.550  9.013   15.506  1.00 33.45 ? 22  SER A N   1 
ATOM   37  C  CA  . SER A 1 11 ? -1.128  10.312  14.967  1.00 32.29 ? 22  SER A CA  1 
ATOM   38  C  C   . SER A 1 11 ? -0.349  10.188  13.651  1.00 32.57 ? 22  SER A C   1 
ATOM   39  O  O   . SER A 1 11 ? -0.468  11.036  12.775  1.00 33.80 ? 22  SER A O   1 
ATOM   40  C  CB  . SER A 1 11 ? -0.294  11.068  15.997  1.00 35.94 ? 22  SER A CB  1 
ATOM   41  O  OG  . SER A 1 11 ? 0.850   10.312  16.371  1.00 39.84 ? 22  SER A OG  1 
ATOM   42  N  N   . GLU A 1 12 ? 0.447   9.123   13.535  1.00 27.88 ? 23  GLU A N   1 
ATOM   43  C  CA  . GLU A 1 12 ? 1.231   8.817   12.385  1.00 28.52 ? 23  GLU A CA  1 
ATOM   44  C  C   . GLU A 1 12 ? 0.264   8.398   11.227  1.00 32.84 ? 23  GLU A C   1 
ATOM   45  O  O   . GLU A 1 12 ? 0.425   8.830   10.087  1.00 33.06 ? 23  GLU A O   1 
ATOM   46  C  CB  . GLU A 1 12 ? 2.230   7.719   12.714  1.00 27.35 ? 23  GLU A CB  1 
ATOM   47  C  CG  . GLU A 1 12 ? 3.121   7.410   11.511  1.00 28.40 ? 23  GLU A CG  1 
ATOM   48  C  CD  . GLU A 1 12 ? 4.196   6.393   11.783  1.00 29.49 ? 23  GLU A CD  1 
ATOM   49  O  OE1 . GLU A 1 12 ? 4.317   5.936   12.945  1.00 30.78 ? 23  GLU A OE1 1 
ATOM   50  O  OE2 . GLU A 1 12 ? 4.932   6.065   10.816  1.00 29.61 ? 23  GLU A OE2 1 
ATOM   51  N  N   . GLN A 1 13 ? -0.765  7.598   11.562  1.00 30.90 ? 24  GLN A N   1 
ATOM   52  C  CA  . GLN A 1 13 ? -1.773  7.186   10.601  1.00 28.71 ? 24  GLN A CA  1 
ATOM   53  C  C   . GLN A 1 13 ? -2.585  8.361   10.036  1.00 34.67 ? 24  GLN A C   1 
ATOM   54  O  O   . GLN A 1 13 ? -3.019  8.336   8.878   1.00 31.80 ? 24  GLN A O   1 
ATOM   55  C  CB  . GLN A 1 13 ? -2.738  6.195   11.239  1.00 31.61 ? 24  GLN A CB  1 
ATOM   56  C  CG  . GLN A 1 13 ? -2.094  4.910   11.787  1.00 32.65 ? 24  GLN A CG  1 
ATOM   57  C  CD  . GLN A 1 13 ? -3.167  3.920   12.182  1.00 51.65 ? 24  GLN A CD  1 
ATOM   58  O  OE1 . GLN A 1 13 ? -4.101  3.664   11.423  1.00 43.63 ? 24  GLN A OE1 1 
ATOM   59  N  NE2 . GLN A 1 13 ? -3.052  3.347   13.369  1.00 44.53 ? 24  GLN A NE2 1 
ATOM   60  N  N   . GLU A 1 14 ? -2.813  9.386   10.865  1.00 33.67 ? 25  GLU A N   1 
ATOM   61  C  CA  . GLU A 1 14 ? -3.664  10.498  10.485  1.00 35.71 ? 25  GLU A CA  1 
ATOM   62  C  C   . GLU A 1 14 ? -2.906  11.607  9.769   1.00 40.48 ? 25  GLU A C   1 
ATOM   63  O  O   . GLU A 1 14 ? -3.537  12.571  9.397   1.00 43.05 ? 25  GLU A O   1 
ATOM   64  C  CB  . GLU A 1 14 ? -4.461  10.994  11.702  1.00 37.42 ? 25  GLU A CB  1 
ATOM   65  C  CG  . GLU A 1 14 ? -5.523  9.978   12.141  1.00 52.52 ? 25  GLU A CG  1 
ATOM   66  C  CD  . GLU A 1 14 ? -6.579  9.604   11.104  1.00 81.44 ? 25  GLU A CD  1 
ATOM   67  O  OE1 . GLU A 1 14 ? -6.909  10.457  10.245  1.00 73.12 ? 25  GLU A OE1 1 
ATOM   68  O  OE2 . GLU A 1 14 ? -7.075  8.453   11.150  1.00 69.71 ? 25  GLU A OE2 1 
ATOM   69  N  N   . THR A 1 15 ? -1.567  11.474  9.516   1.00 36.28 ? 26  THR A N   1 
ATOM   70  C  CA  . THR A 1 15 ? -0.771  12.547  8.934   1.00 32.99 ? 26  THR A CA  1 
ATOM   71  C  C   . THR A 1 15 ? -1.034  12.670  7.413   1.00 33.28 ? 26  THR A C   1 
ATOM   72  O  O   . THR A 1 15 ? -1.119  11.670  6.730   1.00 33.17 ? 26  THR A O   1 
ATOM   73  C  CB  . THR A 1 15 ? 0.726   12.350  9.330   1.00 38.72 ? 26  THR A CB  1 
ATOM   74  O  OG1 . THR A 1 15 ? 0.806   12.524  10.763  1.00 40.04 ? 26  THR A OG1 1 
ATOM   75  C  CG2 . THR A 1 15 ? 1.675   13.368  8.659   1.00 36.53 ? 26  THR A CG2 1 
ATOM   76  N  N   . LEU A 1 16 ? -1.151  13.878  6.916   1.00 29.46 ? 27  LEU A N   1 
ATOM   77  C  CA  . LEU A 1 16 ? -1.263  14.190  5.480   1.00 30.21 ? 27  LEU A CA  1 
ATOM   78  C  C   . LEU A 1 16 ? 0.078   13.952  4.745   1.00 31.81 ? 27  LEU A C   1 
ATOM   79  O  O   . LEU A 1 16 ? 1.137   14.472  5.153   1.00 28.29 ? 27  LEU A O   1 
ATOM   80  C  CB  . LEU A 1 16 ? -1.708  15.639  5.244   1.00 31.73 ? 27  LEU A CB  1 
ATOM   81  C  CG  . LEU A 1 16 ? -2.251  15.980  3.862   1.00 37.54 ? 27  LEU A CG  1 
ATOM   82  C  CD1 . LEU A 1 16 ? -3.656  15.331  3.636   1.00 41.32 ? 27  LEU A CD1 1 
ATOM   83  C  CD2 . LEU A 1 16 ? -2.306  17.458  3.649   1.00 46.61 ? 27  LEU A CD2 1 
ATOM   84  N  N   . VAL A 1 17 ? 0.003   13.181  3.659   1.00 29.06 ? 28  VAL A N   1 
ATOM   85  C  CA  . VAL A 1 17 ? 1.137   12.795  2.810   1.00 28.71 ? 28  VAL A CA  1 
ATOM   86  C  C   . VAL A 1 17 ? 0.866   13.076  1.316   1.00 33.57 ? 28  VAL A C   1 
ATOM   87  O  O   . VAL A 1 17 ? -0.301  13.142  0.902   1.00 31.77 ? 28  VAL A O   1 
ATOM   88  C  CB  . VAL A 1 17 ? 1.540   11.314  3.049   1.00 30.44 ? 28  VAL A CB  1 
ATOM   89  C  CG1 . VAL A 1 17 ? 1.952   11.079  4.513   1.00 29.51 ? 28  VAL A CG1 1 
ATOM   90  C  CG2 . VAL A 1 17 ? 0.453   10.338  2.638   1.00 31.13 ? 28  VAL A CG2 1 
ATOM   91  N  N   . ARG A 1 18 ? 1.962   13.246  0.524   1.00 30.10 ? 29  ARG A N   1 
ATOM   92  C  CA  . ARG A 1 18 ? 1.874   13.463  -0.913  1.00 29.51 ? 29  ARG A CA  1 
ATOM   93  C  C   . ARG A 1 18 ? 2.549   12.276  -1.602  1.00 32.19 ? 29  ARG A C   1 
ATOM   94  O  O   . ARG A 1 18 ? 3.785   12.148  -1.595  1.00 31.30 ? 29  ARG A O   1 
ATOM   95  C  CB  . ARG A 1 18 ? 2.540   14.791  -1.338  1.00 29.27 ? 29  ARG A CB  1 
ATOM   96  C  CG  . ARG A 1 18 ? 2.346   15.085  -2.838  1.00 34.23 ? 29  ARG A CG  1 
ATOM   97  C  CD  . ARG A 1 18 ? 2.939   16.443  -3.245  1.00 43.60 ? 29  ARG A CD  1 
ATOM   98  N  NE  . ARG A 1 18 ? 2.362   17.539  -2.466  1.00 51.95 ? 29  ARG A NE  1 
ATOM   99  C  CZ  . ARG A 1 18 ? 1.298   18.258  -2.827  1.00 73.91 ? 29  ARG A CZ  1 
ATOM   100 N  NH1 . ARG A 1 18 ? 0.673   18.009  -3.971  1.00 56.20 ? 29  ARG A NH1 1 
ATOM   101 N  NH2 . ARG A 1 18 ? 0.852   19.236  -2.044  1.00 62.30 ? 29  ARG A NH2 1 
ATOM   102 N  N   . PRO A 1 19 ? 1.758   11.371  -2.166  1.00 29.25 ? 30  PRO A N   1 
ATOM   103 C  CA  . PRO A 1 19 ? 2.361   10.274  -2.940  1.00 29.00 ? 30  PRO A CA  1 
ATOM   104 C  C   . PRO A 1 19 ? 3.232   10.715  -4.100  1.00 31.63 ? 30  PRO A C   1 
ATOM   105 O  O   . PRO A 1 19 ? 2.959   11.709  -4.766  1.00 30.36 ? 30  PRO A O   1 
ATOM   106 C  CB  . PRO A 1 19 ? 1.154   9.499   -3.453  1.00 31.02 ? 30  PRO A CB  1 
ATOM   107 C  CG  . PRO A 1 19 ? 0.036   9.770   -2.413  1.00 33.51 ? 30  PRO A CG  1 
ATOM   108 C  CD  . PRO A 1 19 ? 0.278   11.231  -2.101  1.00 29.06 ? 30  PRO A CD  1 
ATOM   109 N  N   . LYS A 1 20 ? 4.297   9.952   -4.327  1.00 27.78 ? 31  LYS A N   1 
ATOM   110 C  CA  . LYS A 1 20 ? 5.121   10.156  -5.526  1.00 25.26 ? 31  LYS A CA  1 
ATOM   111 C  C   . LYS A 1 20 ? 4.253   9.735   -6.729  1.00 27.95 ? 31  LYS A C   1 
ATOM   112 O  O   . LYS A 1 20 ? 3.240   9.004   -6.569  1.00 27.64 ? 31  LYS A O   1 
ATOM   113 C  CB  . LYS A 1 20 ? 6.421   9.322   -5.478  1.00 24.65 ? 31  LYS A CB  1 
ATOM   114 C  CG  . LYS A 1 20 ? 7.515   10.000  -4.581  1.00 27.27 ? 31  LYS A CG  1 
ATOM   115 C  CD  . LYS A 1 20 ? 8.710   9.080   -4.372  1.00 34.56 ? 31  LYS A CD  1 
ATOM   116 C  CE  . LYS A 1 20 ? 9.837   9.666   -3.557  1.00 39.71 ? 31  LYS A CE  1 
ATOM   117 N  NZ  . LYS A 1 20 ? 10.902  8.652   -3.288  1.00 49.09 ? 31  LYS A NZ  1 
ATOM   118 N  N   . PRO A 1 21 ? 4.611   10.150  -7.952  1.00 28.65 ? 32  PRO A N   1 
ATOM   119 C  CA  . PRO A 1 21 ? 3.718   9.869   -9.118  1.00 28.11 ? 32  PRO A CA  1 
ATOM   120 C  C   . PRO A 1 21 ? 3.226   8.433   -9.394  1.00 32.01 ? 32  PRO A C   1 
ATOM   121 O  O   . PRO A 1 21 ? 2.099   8.266   -9.855  1.00 30.73 ? 32  PRO A O   1 
ATOM   122 C  CB  . PRO A 1 21 ? 4.558   10.332  -10.309 1.00 29.79 ? 32  PRO A CB  1 
ATOM   123 C  CG  . PRO A 1 21 ? 5.359   11.413  -9.754  1.00 33.85 ? 32  PRO A CG  1 
ATOM   124 C  CD  . PRO A 1 21 ? 5.777   10.940  -8.371  1.00 29.45 ? 32  PRO A CD  1 
ATOM   125 N  N   . LEU A 1 22 ? 4.051   7.409   -9.175  1.00 28.48 ? 33  LEU A N   1 
ATOM   126 C  CA  . LEU A 1 22 ? 3.611   6.055   -9.454  1.00 27.11 ? 33  LEU A CA  1 
ATOM   127 C  C   . LEU A 1 22 ? 2.730   5.476   -8.380  1.00 30.49 ? 33  LEU A C   1 
ATOM   128 O  O   . LEU A 1 22 ? 1.774   4.716   -8.670  1.00 29.57 ? 33  LEU A O   1 
ATOM   129 C  CB  . LEU A 1 22 ? 4.777   5.136   -9.769  1.00 27.28 ? 33  LEU A CB  1 
ATOM   130 C  CG  . LEU A 1 22 ? 5.511   5.445   -11.048 1.00 29.67 ? 33  LEU A CG  1 
ATOM   131 C  CD1 . LEU A 1 22 ? 6.700   4.476   -11.207 1.00 31.81 ? 33  LEU A CD1 1 
ATOM   132 C  CD2 . LEU A 1 22 ? 4.543   5.326   -12.315 1.00 25.76 ? 33  LEU A CD2 1 
ATOM   133 N  N   . LEU A 1 23 ? 3.014   5.808   -7.124  1.00 24.88 ? 34  LEU A N   1 
ATOM   134 C  CA  . LEU A 1 23 ? 2.048   5.514   -6.076  1.00 25.13 ? 34  LEU A CA  1 
ATOM   135 C  C   . LEU A 1 23 ? 0.727   6.242   -6.366  1.00 28.60 ? 34  LEU A C   1 
ATOM   136 O  O   . LEU A 1 23 ? -0.349  5.671   -6.181  1.00 28.49 ? 34  LEU A O   1 
ATOM   137 C  CB  . LEU A 1 23 ? 2.576   5.908   -4.699  1.00 25.37 ? 34  LEU A CB  1 
ATOM   138 C  CG  . LEU A 1 23 ? 1.598   5.573   -3.490  1.00 30.17 ? 34  LEU A CG  1 
ATOM   139 C  CD1 . LEU A 1 23 ? 1.240   4.073   -3.445  1.00 33.79 ? 34  LEU A CD1 1 
ATOM   140 C  CD2 . LEU A 1 23 ? 2.213   5.938   -2.142  1.00 29.59 ? 34  LEU A CD2 1 
ATOM   141 N  N   . LEU A 1 24 ? 0.783   7.492   -6.813  1.00 28.34 ? 35  LEU A N   1 
ATOM   142 C  CA  . LEU A 1 24 ? -0.461  8.215   -7.124  1.00 29.88 ? 35  LEU A CA  1 
ATOM   143 C  C   . LEU A 1 24 ? -1.229  7.518   -8.249  1.00 32.96 ? 35  LEU A C   1 
ATOM   144 O  O   . LEU A 1 24 ? -2.445  7.375   -8.163  1.00 32.86 ? 35  LEU A O   1 
ATOM   145 C  CB  . LEU A 1 24 ? -0.179  9.681   -7.515  1.00 32.45 ? 35  LEU A CB  1 
ATOM   146 C  CG  . LEU A 1 24 ? -1.413  10.585  -7.595  1.00 39.74 ? 35  LEU A CG  1 
ATOM   147 C  CD1 . LEU A 1 24 ? -2.064  10.753  -6.258  1.00 39.88 ? 35  LEU A CD1 1 
ATOM   148 C  CD2 . LEU A 1 24 ? -1.027  11.986  -8.094  1.00 43.12 ? 35  LEU A CD2 1 
ATOM   149 N  N   . LYS A 1 25 ? -0.530  7.105   -9.291  1.00 32.15 ? 36  LYS A N   1 
ATOM   150 C  CA  . LYS A 1 25 ? -1.130  6.315   -10.384 1.00 31.96 ? 36  LYS A CA  1 
ATOM   151 C  C   . LYS A 1 25 ? -1.920  5.127   -9.809  1.00 34.66 ? 36  LYS A C   1 
ATOM   152 O  O   . LYS A 1 25 ? -3.079  4.896   -10.150 1.00 33.75 ? 36  LYS A O   1 
ATOM   153 C  CB  . LYS A 1 25 ? -0.022  5.847   -11.355 1.00 32.79 ? 36  LYS A CB  1 
ATOM   154 C  CG  . LYS A 1 25 ? -0.489  4.836   -12.431 1.00 34.49 ? 36  LYS A CG  1 
ATOM   155 C  CD  . LYS A 1 25 ? 0.646   4.515   -13.399 1.00 35.82 ? 36  LYS A CD  1 
ATOM   156 C  CE  . LYS A 1 25 ? 0.335   3.345   -14.306 1.00 42.81 ? 36  LYS A CE  1 
ATOM   157 N  NZ  . LYS A 1 25 ? -0.968  3.545   -15.014 1.00 52.37 ? 36  LYS A NZ  1 
ATOM   158 N  N   . LEU A 1 26 ? -1.304  4.378   -8.936  1.00 30.43 ? 37  LEU A N   1 
ATOM   159 C  CA  . LEU A 1 26 ? -1.959  3.222   -8.314  1.00 31.14 ? 37  LEU A CA  1 
ATOM   160 C  C   . LEU A 1 26 ? -3.231  3.631   -7.595  1.00 36.50 ? 37  LEU A C   1 
ATOM   161 O  O   . LEU A 1 26 ? -4.284  2.992   -7.750  1.00 33.11 ? 37  LEU A O   1 
ATOM   162 C  CB  . LEU A 1 26 ? -0.970  2.569   -7.357  1.00 33.10 ? 37  LEU A CB  1 
ATOM   163 C  CG  . LEU A 1 26 ? -1.326  1.267   -6.742  1.00 36.41 ? 37  LEU A CG  1 
ATOM   164 C  CD1 . LEU A 1 26 ? -0.068  0.523   -6.325  1.00 37.57 ? 37  LEU A CD1 1 
ATOM   165 C  CD2 . LEU A 1 26 ? -2.283  1.421   -5.624  1.00 36.32 ? 37  LEU A CD2 1 
ATOM   166 N  N   . LEU A 1 27 ? -3.160  4.708   -6.808  1.00 31.36 ? 38  LEU A N   1 
ATOM   167 C  CA  . LEU A 1 27 ? -4.343  5.097   -6.036  1.00 31.50 ? 38  LEU A CA  1 
ATOM   168 C  C   . LEU A 1 27 ? -5.443  5.576   -6.948  1.00 33.15 ? 38  LEU A C   1 
ATOM   169 O  O   . LEU A 1 27 ? -6.613  5.239   -6.728  1.00 33.27 ? 38  LEU A O   1 
ATOM   170 C  CB  . LEU A 1 27 ? -4.018  6.187   -5.010  1.00 29.37 ? 38  LEU A CB  1 
ATOM   171 C  CG  . LEU A 1 27 ? -2.885  5.930   -4.016  1.00 33.72 ? 38  LEU A CG  1 
ATOM   172 C  CD1 . LEU A 1 27 ? -2.605  7.215   -3.170  1.00 34.69 ? 38  LEU A CD1 1 
ATOM   173 C  CD2 . LEU A 1 27 ? -3.169  4.724   -3.135  1.00 31.40 ? 38  LEU A CD2 1 
ATOM   174 N  N   . LYS A 1 28 ? -5.086  6.353   -7.968  1.00 32.17 ? 39  LYS A N   1 
ATOM   175 C  CA  . LYS A 1 28 ? -6.050  6.825   -8.957  1.00 32.77 ? 39  LYS A CA  1 
ATOM   176 C  C   . LYS A 1 28 ? -6.703  5.667   -9.706  1.00 38.29 ? 39  LYS A C   1 
ATOM   177 O  O   . LYS A 1 28 ? -7.871  5.793   -10.077 1.00 36.98 ? 39  LYS A O   1 
ATOM   178 C  CB  . LYS A 1 28 ? -5.433  7.826   -9.931  1.00 37.38 ? 39  LYS A CB  1 
ATOM   179 C  CG  . LYS A 1 28 ? -5.167  9.163   -9.276  1.00 48.53 ? 39  LYS A CG  1 
ATOM   180 C  CD  . LYS A 1 28 ? -4.557  10.124  -10.251 1.00 61.70 ? 39  LYS A CD  1 
ATOM   181 C  CE  . LYS A 1 28 ? -4.465  11.531  -9.712  1.00 73.79 ? 39  LYS A CE  1 
ATOM   182 N  NZ  . LYS A 1 28 ? -3.782  12.392  -10.707 1.00 91.70 ? 39  LYS A NZ  1 
ATOM   183 N  N   . SER A 1 29 ? -5.982  4.547   -9.914  1.00 35.66 ? 40  SER A N   1 
ATOM   184 C  CA  . SER A 1 29 ? -6.541  3.410   -10.666 1.00 35.95 ? 40  SER A CA  1 
ATOM   185 C  C   . SER A 1 29 ? -7.717  2.758   -9.906  1.00 38.13 ? 40  SER A C   1 
ATOM   186 O  O   . SER A 1 29 ? -8.499  2.064   -10.526 1.00 38.19 ? 40  SER A O   1 
ATOM   187 C  CB  . SER A 1 29 ? -5.464  2.375   -10.969 1.00 32.46 ? 40  SER A CB  1 
ATOM   188 O  OG  . SER A 1 29 ? -5.239  1.539   -9.848  1.00 36.12 ? 40  SER A OG  1 
ATOM   189 N  N   . VAL A 1 30 ? -7.836  3.002   -8.568  1.00 34.62 ? 41  VAL A N   1 
ATOM   190 C  CA  . VAL A 1 30 ? -8.941  2.482   -7.735  1.00 33.22 ? 41  VAL A CA  1 
ATOM   191 C  C   . VAL A 1 30 ? -9.834  3.606   -7.234  1.00 38.35 ? 41  VAL A C   1 
ATOM   192 O  O   . VAL A 1 30 ? -10.524 3.438   -6.248  1.00 38.45 ? 41  VAL A O   1 
ATOM   193 C  CB  . VAL A 1 30 ? -8.480  1.574   -6.570  1.00 37.16 ? 41  VAL A CB  1 
ATOM   194 C  CG1 . VAL A 1 30 ? -8.108  0.188   -7.060  1.00 39.31 ? 41  VAL A CG1 1 
ATOM   195 C  CG2 . VAL A 1 30 ? -7.342  2.201   -5.768  1.00 36.62 ? 41  VAL A CG2 1 
ATOM   196 N  N   . GLY A 1 31 ? -9.824  4.742   -7.912  1.00 37.93 ? 42  GLY A N   1 
ATOM   197 C  CA  . GLY A 1 31 ? -10.854 5.749   -7.712  1.00 38.18 ? 42  GLY A CA  1 
ATOM   198 C  C   . GLY A 1 31 ? -10.456 6.954   -6.913  1.00 41.79 ? 42  GLY A C   1 
ATOM   199 O  O   . GLY A 1 31 ? -11.290 7.850   -6.759  1.00 42.94 ? 42  GLY A O   1 
ATOM   200 N  N   . ALA A 1 32 ? -9.194  7.008   -6.405  1.00 35.15 ? 43  ALA A N   1 
ATOM   201 C  CA  . ALA A 1 32 ? -8.759  8.105   -5.568  1.00 32.63 ? 43  ALA A CA  1 
ATOM   202 C  C   . ALA A 1 32 ? -8.634  9.322   -6.468  1.00 43.19 ? 43  ALA A C   1 
ATOM   203 O  O   . ALA A 1 32 ? -8.277  9.166   -7.612  1.00 44.50 ? 43  ALA A O   1 
ATOM   204 C  CB  . ALA A 1 32 ? -7.441  7.773   -4.866  1.00 33.72 ? 43  ALA A CB  1 
ATOM   205 N  N   . GLN A 1 33 ? -8.948  10.519  -5.980  1.00 42.31 ? 44  GLN A N   1 
ATOM   206 C  CA  . GLN A 1 33 ? -9.152  11.699  -6.840  1.00 44.60 ? 44  GLN A CA  1 
ATOM   207 C  C   . GLN A 1 33 ? -8.420  12.947  -6.361  1.00 49.83 ? 44  GLN A C   1 
ATOM   208 O  O   . GLN A 1 33 ? -8.809  14.050  -6.751  1.00 51.58 ? 44  GLN A O   1 
ATOM   209 C  CB  . GLN A 1 33 ? -10.670 11.988  -6.922  1.00 47.20 ? 44  GLN A CB  1 
ATOM   210 C  CG  . GLN A 1 33 ? -11.377 11.180  -8.006  1.00 65.56 ? 44  GLN A CG  1 
ATOM   211 C  CD  . GLN A 1 33 ? -12.879 11.345  -7.935  1.00 96.57 ? 44  GLN A CD  1 
ATOM   212 O  OE1 . GLN A 1 33 ? -13.620 10.386  -7.695  1.00 93.53 ? 44  GLN A OE1 1 
ATOM   213 N  NE2 . GLN A 1 33 ? -13.370 12.568  -8.144  1.00 93.05 ? 44  GLN A NE2 1 
ATOM   214 N  N   . LYS A 1 34 ? -7.368  12.788  -5.541  1.00 43.28 ? 45  LYS A N   1 
ATOM   215 C  CA  . LYS A 1 34 ? -6.637  13.897  -4.927  1.00 40.17 ? 45  LYS A CA  1 
ATOM   216 C  C   . LYS A 1 34 ? -5.170  13.686  -5.041  1.00 39.97 ? 45  LYS A C   1 
ATOM   217 O  O   . LYS A 1 34 ? -4.724  12.597  -5.382  1.00 38.24 ? 45  LYS A O   1 
ATOM   218 C  CB  . LYS A 1 34 ? -6.948  13.961  -3.426  1.00 42.77 ? 45  LYS A CB  1 
ATOM   219 C  CG  . LYS A 1 34 ? -8.408  14.080  -3.040  1.00 63.48 ? 45  LYS A CG  1 
ATOM   220 C  CD  . LYS A 1 34 ? -8.587  14.066  -1.514  1.00 73.00 ? 45  LYS A CD  1 
ATOM   221 C  CE  . LYS A 1 34 ? -8.242  12.751  -0.840  1.00 76.57 ? 45  LYS A CE  1 
ATOM   222 N  NZ  . LYS A 1 34 ? -8.542  12.780  0.618   1.00 86.95 ? 45  LYS A NZ  1 
ATOM   223 N  N   . ASP A 1 35 ? -4.406  14.734  -4.718  1.00 38.67 ? 46  ASP A N   1 
ATOM   224 C  CA  . ASP A 1 35 ? -2.943  14.687  -4.698  1.00 38.17 ? 46  ASP A CA  1 
ATOM   225 C  C   . ASP A 1 35 ? -2.377  14.420  -3.327  1.00 38.14 ? 46  ASP A C   1 
ATOM   226 O  O   . ASP A 1 35 ? -1.207  14.077  -3.240  1.00 36.39 ? 46  ASP A O   1 
ATOM   227 C  CB  . ASP A 1 35 ? -2.371  16.010  -5.267  1.00 41.16 ? 46  ASP A CB  1 
ATOM   228 C  CG  . ASP A 1 35 ? -2.592  16.149  -6.766  1.00 57.64 ? 46  ASP A CG  1 
ATOM   229 O  OD1 . ASP A 1 35 ? -2.826  15.117  -7.426  1.00 58.04 ? 46  ASP A OD1 1 
ATOM   230 O  OD2 . ASP A 1 35 ? -2.526  17.293  -7.273  1.00 68.42 ? 46  ASP A OD2 1 
ATOM   231 N  N   . THR A 1 36 ? -3.174  14.585  -2.255  1.00 37.87 ? 47  THR A N   1 
ATOM   232 C  CA  . THR A 1 36 ? -2.708  14.350  -0.892  1.00 35.63 ? 47  THR A CA  1 
ATOM   233 C  C   . THR A 1 36 ? -3.756  13.571  -0.110  1.00 38.66 ? 47  THR A C   1 
ATOM   234 O  O   . THR A 1 36 ? -4.950  13.680  -0.331  1.00 37.46 ? 47  THR A O   1 
ATOM   235 C  CB  . THR A 1 36 ? -2.362  15.674  -0.153  1.00 41.71 ? 47  THR A CB  1 
ATOM   236 O  OG1 . THR A 1 36 ? -3.518  16.476  -0.141  1.00 38.16 ? 47  THR A OG1 1 
ATOM   237 C  CG2 . THR A 1 36 ? -1.194  16.430  -0.760  1.00 39.16 ? 47  THR A CG2 1 
ATOM   238 N  N   . TYR A 1 37 ? -3.263  12.755  0.802   1.00 33.92 ? 48  TYR A N   1 
ATOM   239 C  CA  . TYR A 1 37 ? -4.084  11.791  1.530   1.00 32.67 ? 48  TYR A CA  1 
ATOM   240 C  C   . TYR A 1 37 ? -3.545  11.703  2.935   1.00 34.17 ? 48  TYR A C   1 
ATOM   241 O  O   . TYR A 1 37 ? -2.372  11.973  3.163   1.00 32.24 ? 48  TYR A O   1 
ATOM   242 C  CB  . TYR A 1 37 ? -3.943  10.406  0.898   1.00 34.10 ? 48  TYR A CB  1 
ATOM   243 C  CG  . TYR A 1 37 ? -4.418  10.361  -0.533  1.00 35.83 ? 48  TYR A CG  1 
ATOM   244 C  CD1 . TYR A 1 37 ? -3.592  10.764  -1.573  1.00 36.48 ? 48  TYR A CD1 1 
ATOM   245 C  CD2 . TYR A 1 37 ? -5.728  10.019  -0.839  1.00 39.57 ? 48  TYR A CD2 1 
ATOM   246 C  CE1 . TYR A 1 37 ? -4.035  10.776  -2.884  1.00 35.80 ? 48  TYR A CE1 1 
ATOM   247 C  CE2 . TYR A 1 37 ? -6.189  10.037  -2.154  1.00 39.41 ? 48  TYR A CE2 1 
ATOM   248 C  CZ  . TYR A 1 37 ? -5.344  10.427  -3.169  1.00 41.51 ? 48  TYR A CZ  1 
ATOM   249 O  OH  . TYR A 1 37 ? -5.813  10.443  -4.452  1.00 47.56 ? 48  TYR A OH  1 
ATOM   250 N  N   . THR A 1 38 ? -4.386  11.289  3.857   1.00 29.56 ? 49  THR A N   1 
ATOM   251 C  CA  . THR A 1 38 ? -3.838  10.759  5.106   1.00 31.57 ? 49  THR A CA  1 
ATOM   252 C  C   . THR A 1 38 ? -3.151  9.413   4.840   1.00 32.96 ? 49  THR A C   1 
ATOM   253 O  O   . THR A 1 38 ? -3.528  8.712   3.894   1.00 32.40 ? 49  THR A O   1 
ATOM   254 C  CB  . THR A 1 38 ? -4.920  10.617  6.208   1.00 35.65 ? 49  THR A CB  1 
ATOM   255 O  OG1 . THR A 1 38 ? -5.793  9.561   5.855   1.00 34.97 ? 49  THR A OG1 1 
ATOM   256 C  CG2 . THR A 1 38 ? -5.703  11.868  6.453   1.00 36.95 ? 49  THR A CG2 1 
ATOM   257 N  N   . MET A 1 39 ? -2.162  9.015   5.656   1.00 31.84 ? 50  MET A N   1 
ATOM   258 C  CA  . MET A 1 39 ? -1.625  7.665   5.537   1.00 33.46 ? 50  MET A CA  1 
ATOM   259 C  C   . MET A 1 39 ? -2.724  6.616   5.544   1.00 34.74 ? 50  MET A C   1 
ATOM   260 O  O   . MET A 1 39 ? -2.657  5.679   4.761   1.00 32.45 ? 50  MET A O   1 
ATOM   261 C  CB  . MET A 1 39 ? -0.620  7.293   6.646   1.00 36.43 ? 50  MET A CB  1 
ATOM   262 C  CG  . MET A 1 39 ? 0.706   7.856   6.490   1.00 41.39 ? 50  MET A CG  1 
ATOM   263 S  SD  . MET A 1 39 ? 1.568   7.202   5.049   1.00 42.84 ? 50  MET A SD  1 
ATOM   264 C  CE  . MET A 1 39 ? 2.673   6.000   5.727   1.00 39.99 ? 50  MET A CE  1 
ATOM   265 N  N   . LYS A 1 40 ? -3.714  6.756   6.443   1.00 30.78 ? 51  LYS A N   1 
ATOM   266 C  CA  . LYS A 1 40 ? -4.801  5.796   6.565   1.00 29.59 ? 51  LYS A CA  1 
ATOM   267 C  C   . LYS A 1 40 ? -5.577  5.708   5.277   1.00 31.10 ? 51  LYS A C   1 
ATOM   268 O  O   . LYS A 1 40 ? -5.985  4.640   4.868   1.00 32.81 ? 51  LYS A O   1 
ATOM   269 C  CB  . LYS A 1 40 ? -5.698  6.158   7.761   1.00 32.59 ? 51  LYS A CB  1 
ATOM   270 C  CG  . LYS A 1 40 ? -6.544  5.027   8.247   1.00 39.84 ? 51  LYS A CG  1 
ATOM   271 C  CD  . LYS A 1 40 ? -7.247  5.335   9.571   1.00 45.22 ? 51  LYS A CD  1 
ATOM   272 C  CE  . LYS A 1 40 ? -8.461  6.206   9.412   1.00 68.81 ? 51  LYS A CE  1 
ATOM   273 N  NZ  . LYS A 1 40 ? -9.218  6.354   10.699  1.00 79.40 ? 51  LYS A NZ  1 
ATOM   274 N  N   . GLU A 1 41 ? -5.761  6.832   4.605   1.00 28.38 ? 52  GLU A N   1 
ATOM   275 C  CA  . GLU A 1 41 ? -6.396  6.835   3.282   1.00 27.50 ? 52  GLU A CA  1 
ATOM   276 C  C   . GLU A 1 41 ? -5.549  6.136   2.209   1.00 29.07 ? 52  GLU A C   1 
ATOM   277 O  O   . GLU A 1 41 ? -6.097  5.407   1.384   1.00 30.24 ? 52  GLU A O   1 
ATOM   278 C  CB  . GLU A 1 41 ? -6.719  8.267   2.835   1.00 29.78 ? 52  GLU A CB  1 
ATOM   279 C  CG  . GLU A 1 41 ? -7.908  8.804   3.582   1.00 37.24 ? 52  GLU A CG  1 
ATOM   280 C  CD  . GLU A 1 41 ? -8.167  10.285  3.389   1.00 59.51 ? 52  GLU A CD  1 
ATOM   281 O  OE1 . GLU A 1 41 ? -7.268  10.990  2.879   1.00 40.35 ? 52  GLU A OE1 1 
ATOM   282 O  OE2 . GLU A 1 41 ? -9.274  10.743  3.748   1.00 62.87 ? 52  GLU A OE2 1 
ATOM   283 N  N   . VAL A 1 42 ? -4.216  6.341   2.223   1.00 24.45 ? 53  VAL A N   1 
ATOM   284 C  CA  . VAL A 1 42 ? -3.320  5.658   1.281   1.00 24.44 ? 53  VAL A CA  1 
ATOM   285 C  C   . VAL A 1 42 ? -3.463  4.122   1.512   1.00 26.72 ? 53  VAL A C   1 
ATOM   286 O  O   . VAL A 1 42 ? -3.624  3.301   0.563   1.00 27.81 ? 53  VAL A O   1 
ATOM   287 C  CB  . VAL A 1 42 ? -1.850  6.105   1.489   1.00 29.32 ? 53  VAL A CB  1 
ATOM   288 C  CG1 . VAL A 1 42 ? -0.943  5.262   0.601   1.00 28.19 ? 53  VAL A CG1 1 
ATOM   289 C  CG2 . VAL A 1 42 ? -1.655  7.590   1.201   1.00 30.10 ? 53  VAL A CG2 1 
ATOM   290 N  N   . LEU A 1 43 ? -3.431  3.741   2.786   1.00 26.09 ? 54  LEU A N   1 
ATOM   291 C  CA  . LEU A 1 43 ? -3.549  2.315   3.105   1.00 27.59 ? 54  LEU A CA  1 
ATOM   292 C  C   . LEU A 1 43 ? -4.925  1.704   2.641   1.00 30.42 ? 54  LEU A C   1 
ATOM   293 O  O   . LEU A 1 43 ? -5.006  0.548   2.224   1.00 28.25 ? 54  LEU A O   1 
ATOM   294 C  CB  . LEU A 1 43 ? -3.358  2.048   4.597   1.00 27.88 ? 54  LEU A CB  1 
ATOM   295 C  CG  . LEU A 1 43 ? -1.966  1.820   5.145   1.00 31.05 ? 54  LEU A CG  1 
ATOM   296 C  CD1 . LEU A 1 43 ? -1.352  0.531   4.578   1.00 29.11 ? 54  LEU A CD1 1 
ATOM   297 C  CD2 . LEU A 1 43 ? -1.084  3.009   4.941   1.00 37.08 ? 54  LEU A CD2 1 
ATOM   298 N  N   . PHE A 1 44 ? -6.000  2.483   2.732   1.00 30.83 ? 55  PHE A N   1 
ATOM   299 C  CA  . PHE A 1 44 ? -7.305  2.016   2.304   1.00 30.16 ? 55  PHE A CA  1 
ATOM   300 C  C   . PHE A 1 44 ? -7.309  1.732   0.807   1.00 32.34 ? 55  PHE A C   1 
ATOM   301 O  O   . PHE A 1 44 ? -7.721  0.669   0.380   1.00 32.24 ? 55  PHE A O   1 
ATOM   302 C  CB  . PHE A 1 44 ? -8.387  3.051   2.630   1.00 32.73 ? 55  PHE A CB  1 
ATOM   303 C  CG  . PHE A 1 44 ? -9.737  2.712   2.073   1.00 33.28 ? 55  PHE A CG  1 
ATOM   304 C  CD1 . PHE A 1 44 ? -10.599 1.873   2.767   1.00 38.56 ? 55  PHE A CD1 1 
ATOM   305 C  CD2 . PHE A 1 44 ? -10.152 3.227   0.855   1.00 37.51 ? 55  PHE A CD2 1 
ATOM   306 C  CE1 . PHE A 1 44 ? -11.869 1.564   2.258   1.00 40.81 ? 55  PHE A CE1 1 
ATOM   307 C  CE2 . PHE A 1 44 ? -11.400 2.893   0.323   1.00 39.87 ? 55  PHE A CE2 1 
ATOM   308 C  CZ  . PHE A 1 44 ? -12.255 2.068   1.031   1.00 39.74 ? 55  PHE A CZ  1 
ATOM   309 N  N   . TYR A 1 45 ? -6.885  2.706   0.013   1.00 28.70 ? 56  TYR A N   1 
ATOM   310 C  CA  . TYR A 1 45 ? -6.838  2.526   -1.446  1.00 26.82 ? 56  TYR A CA  1 
ATOM   311 C  C   . TYR A 1 45 ? -5.835  1.468   -1.857  1.00 28.14 ? 56  TYR A C   1 
ATOM   312 O  O   . TYR A 1 45 ? -6.117  0.738   -2.796  1.00 28.97 ? 56  TYR A O   1 
ATOM   313 C  CB  . TYR A 1 45 ? -6.507  3.829   -2.134  1.00 28.28 ? 56  TYR A CB  1 
ATOM   314 C  CG  . TYR A 1 45 ? -7.665  4.789   -2.138  1.00 32.82 ? 56  TYR A CG  1 
ATOM   315 C  CD1 . TYR A 1 45 ? -8.839  4.494   -2.825  1.00 34.03 ? 56  TYR A CD1 1 
ATOM   316 C  CD2 . TYR A 1 45 ? -7.615  5.973   -1.408  1.00 34.94 ? 56  TYR A CD2 1 
ATOM   317 C  CE1 . TYR A 1 45 ? -9.920  5.371   -2.820  1.00 38.54 ? 56  TYR A CE1 1 
ATOM   318 C  CE2 . TYR A 1 45 ? -8.702  6.854   -1.381  1.00 35.24 ? 56  TYR A CE2 1 
ATOM   319 C  CZ  . TYR A 1 45 ? -9.847  6.551   -2.102  1.00 42.57 ? 56  TYR A CZ  1 
ATOM   320 O  OH  . TYR A 1 45 ? -10.927 7.402   -2.138  1.00 44.95 ? 56  TYR A OH  1 
ATOM   321 N  N   . LEU A 1 46 ? -4.662  1.356   -1.184  1.00 25.87 ? 57  LEU A N   1 
ATOM   322 C  CA  . LEU A 1 46 ? -3.763  0.212   -1.436  1.00 24.85 ? 57  LEU A CA  1 
ATOM   323 C  C   . LEU A 1 46 ? -4.461  -1.141  -1.216  1.00 28.06 ? 57  LEU A C   1 
ATOM   324 O  O   . LEU A 1 46 ? -4.293  -2.084  -2.004  1.00 26.02 ? 57  LEU A O   1 
ATOM   325 C  CB  . LEU A 1 46 ? -2.495  0.281   -0.591  1.00 26.26 ? 57  LEU A CB  1 
ATOM   326 C  CG  . LEU A 1 46 ? -1.436  1.260   -1.021  1.00 29.43 ? 57  LEU A CG  1 
ATOM   327 C  CD1 . LEU A 1 46 ? -0.411  1.433   0.070   1.00 29.09 ? 57  LEU A CD1 1 
ATOM   328 C  CD2 . LEU A 1 46 ? -0.741  0.793   -2.323  1.00 35.56 ? 57  LEU A CD2 1 
ATOM   329 N  N   . GLY A 1 47 ? -5.230  -1.214  -0.150  1.00 29.30 ? 58  GLY A N   1 
ATOM   330 C  CA  . GLY A 1 47 ? -6.090  -2.353  0.168   1.00 30.19 ? 58  GLY A CA  1 
ATOM   331 C  C   . GLY A 1 47 ? -7.079  -2.650  -0.937  1.00 30.27 ? 58  GLY A C   1 
ATOM   332 O  O   . GLY A 1 47 ? -7.192  -3.781  -1.395  1.00 30.49 ? 58  GLY A O   1 
ATOM   333 N  N   . GLN A 1 48 ? -7.786  -1.620  -1.428  1.00 28.68 ? 59  GLN A N   1 
ATOM   334 C  CA  . GLN A 1 48 ? -8.764  -1.818  -2.519  1.00 27.41 ? 59  GLN A CA  1 
ATOM   335 C  C   . GLN A 1 48 ? -8.058  -2.288  -3.801  1.00 29.21 ? 59  GLN A C   1 
ATOM   336 O  O   . GLN A 1 48 ? -8.575  -3.142  -4.523  1.00 30.04 ? 59  GLN A O   1 
ATOM   337 C  CB  . GLN A 1 48 ? -9.512  -0.496  -2.828  1.00 28.62 ? 59  GLN A CB  1 
ATOM   338 C  CG  . GLN A 1 48 ? -10.354 0.102   -1.723  1.00 32.59 ? 59  GLN A CG  1 
ATOM   339 C  CD  . GLN A 1 48 ? -11.304 -0.871  -1.092  1.00 52.39 ? 59  GLN A CD  1 
ATOM   340 O  OE1 . GLN A 1 48 ? -11.339 -1.011  0.127   1.00 58.89 ? 59  GLN A OE1 1 
ATOM   341 N  NE2 . GLN A 1 48 ? -12.081 -1.572  -1.885  1.00 51.39 ? 59  GLN A NE2 1 
ATOM   342 N  N   . TYR A 1 49 ? -6.872  -1.728  -4.089  1.00 30.37 ? 60  TYR A N   1 
ATOM   343 C  CA  . TYR A 1 49 ? -6.032  -2.200  -5.187  1.00 28.96 ? 60  TYR A CA  1 
ATOM   344 C  C   . TYR A 1 49 ? -5.639  -3.678  -5.057  1.00 26.60 ? 60  TYR A C   1 
ATOM   345 O  O   . TYR A 1 49 ? -5.762  -4.425  -6.011  1.00 26.57 ? 60  TYR A O   1 
ATOM   346 C  CB  . TYR A 1 49 ? -4.785  -1.319  -5.284  1.00 29.09 ? 60  TYR A CB  1 
ATOM   347 C  CG  . TYR A 1 49 ? -3.872  -1.691  -6.421  1.00 26.61 ? 60  TYR A CG  1 
ATOM   348 C  CD1 . TYR A 1 49 ? -4.066  -1.166  -7.701  1.00 28.25 ? 60  TYR A CD1 1 
ATOM   349 C  CD2 . TYR A 1 49 ? -2.767  -2.514  -6.211  1.00 26.00 ? 60  TYR A CD2 1 
ATOM   350 C  CE1 . TYR A 1 49 ? -3.189  -1.460  -8.738  1.00 28.42 ? 60  TYR A CE1 1 
ATOM   351 C  CE2 . TYR A 1 49 ? -1.908  -2.845  -7.255  1.00 23.50 ? 60  TYR A CE2 1 
ATOM   352 C  CZ  . TYR A 1 49 ? -2.115  -2.302  -8.511  1.00 27.71 ? 60  TYR A CZ  1 
ATOM   353 O  OH  . TYR A 1 49 ? -1.306  -2.591  -9.560  1.00 27.57 ? 60  TYR A OH  1 
ATOM   354 N  N   . ILE A 1 50 ? -5.176  -4.085  -3.887  1.00 25.11 ? 61  ILE A N   1 
ATOM   355 C  CA  . ILE A 1 50 ? -4.740  -5.467  -3.628  1.00 23.85 ? 61  ILE A CA  1 
ATOM   356 C  C   . ILE A 1 50 ? -5.932  -6.456  -3.880  1.00 30.97 ? 61  ILE A C   1 
ATOM   357 O  O   . ILE A 1 50 ? -5.773  -7.540  -4.486  1.00 28.52 ? 61  ILE A O   1 
ATOM   358 C  CB  . ILE A 1 50 ? -4.181  -5.581  -2.196  1.00 26.24 ? 61  ILE A CB  1 
ATOM   359 C  CG1 . ILE A 1 50 ? -2.774  -4.955  -2.137  1.00 26.01 ? 61  ILE A CG1 1 
ATOM   360 C  CG2 . ILE A 1 50 ? -4.115  -7.028  -1.694  1.00 25.50 ? 61  ILE A CG2 1 
ATOM   361 C  CD1 . ILE A 1 50 ? -2.337  -4.512  -0.745  1.00 25.87 ? 61  ILE A CD1 1 
ATOM   362 N  N   . MET A 1 51 ? -7.115  -6.066  -3.390  1.00 28.37 ? 62  MET A N   1 
ATOM   363 C  CA  . MET A 1 51 ? -8.318  -6.909  -3.510  1.00 29.58 ? 62  MET A CA  1 
ATOM   364 C  C   . MET A 1 51 ? -8.780  -6.935  -4.954  1.00 34.71 ? 62  MET A C   1 
ATOM   365 O  O   . MET A 1 51 ? -9.129  -8.005  -5.459  1.00 34.66 ? 62  MET A O   1 
ATOM   366 C  CB  . MET A 1 51 ? -9.426  -6.442  -2.549  1.00 33.03 ? 62  MET A CB  1 
ATOM   367 C  CG  . MET A 1 51 ? -9.029  -6.498  -1.046  1.00 35.79 ? 62  MET A CG  1 
ATOM   368 S  SD  . MET A 1 51 ? -8.516  -8.168  -0.578  1.00 40.54 ? 62  MET A SD  1 
ATOM   369 C  CE  . MET A 1 51 ? -8.943  -8.157  1.251   1.00 40.11 ? 62  MET A CE  1 
ATOM   370 N  N   . THR A 1 52 ? -8.774  -5.777  -5.645  1.00 31.85 ? 63  THR A N   1 
ATOM   371 C  CA  . THR A 1 52 ? -9.124  -5.704  -7.066  1.00 30.36 ? 63  THR A CA  1 
ATOM   372 C  C   . THR A 1 52 ? -8.248  -6.591  -7.947  1.00 34.64 ? 63  THR A C   1 
ATOM   373 O  O   . THR A 1 52 ? -8.769  -7.301  -8.820  1.00 34.62 ? 63  THR A O   1 
ATOM   374 C  CB  . THR A 1 52 ? -9.146  -4.201  -7.552  1.00 36.62 ? 63  THR A CB  1 
ATOM   375 O  OG1 . THR A 1 52 ? -10.123 -3.509  -6.787  1.00 38.99 ? 63  THR A OG1 1 
ATOM   376 C  CG2 . THR A 1 52 ? -9.517  -4.056  -9.015  1.00 36.20 ? 63  THR A CG2 1 
ATOM   377 N  N   . LYS A 1 53 ? -6.941  -6.585  -7.722  1.00 30.21 ? 64  LYS A N   1 
ATOM   378 C  CA  . LYS A 1 53 ? -6.024  -7.356  -8.536  1.00 27.59 ? 64  LYS A CA  1 
ATOM   379 C  C   . LYS A 1 53 ? -5.775  -8.770  -8.015  1.00 29.47 ? 64  LYS A C   1 
ATOM   380 O  O   . LYS A 1 53 ? -4.964  -9.504  -8.578  1.00 29.81 ? 64  LYS A O   1 
ATOM   381 C  CB  . LYS A 1 53 ? -4.748  -6.590  -8.677  1.00 29.72 ? 64  LYS A CB  1 
ATOM   382 C  CG  . LYS A 1 53 ? -5.008  -5.267  -9.414  1.00 36.49 ? 64  LYS A CG  1 
ATOM   383 C  CD  . LYS A 1 53 ? -3.786  -4.726  -10.032 1.00 43.20 ? 64  LYS A CD  1 
ATOM   384 C  CE  . LYS A 1 53 ? -3.434  -5.301  -11.340 1.00 40.15 ? 64  LYS A CE  1 
ATOM   385 N  NZ  . LYS A 1 53 ? -2.335  -4.536  -11.984 1.00 42.24 ? 64  LYS A NZ  1 
ATOM   386 N  N   . ARG A 1 54 ? -6.458  -9.149  -6.941  1.00 29.84 ? 65  ARG A N   1 
ATOM   387 C  CA  . ARG A 1 54 ? -6.373  -10.459 -6.345  1.00 29.43 ? 65  ARG A CA  1 
ATOM   388 C  C   . ARG A 1 54 ? -4.955  -10.851 -6.045  1.00 31.64 ? 65  ARG A C   1 
ATOM   389 O  O   . ARG A 1 54 ? -4.509  -11.955 -6.381  1.00 31.29 ? 65  ARG A O   1 
ATOM   390 C  CB  . ARG A 1 54 ? -7.072  -11.493 -7.248  1.00 32.95 ? 65  ARG A CB  1 
ATOM   391 C  CG  . ARG A 1 54 ? -8.546  -11.196 -7.411  1.00 34.65 ? 65  ARG A CG  1 
ATOM   392 C  CD  . ARG A 1 54 ? -9.173  -12.039 -8.501  1.00 48.41 ? 65  ARG A CD  1 
ATOM   393 N  NE  . ARG A 1 54 ? -10.637 -11.881 -8.487  1.00 60.88 ? 65  ARG A NE  1 
ATOM   394 C  CZ  . ARG A 1 54 ? -11.466 -12.213 -9.480  1.00 80.76 ? 65  ARG A CZ  1 
ATOM   395 N  NH1 . ARG A 1 54 ? -10.995 -12.734 -10.611 1.00 80.72 ? 65  ARG A NH1 1 
ATOM   396 N  NH2 . ARG A 1 54 ? -12.775 -12.023 -9.350  1.00 59.67 ? 65  ARG A NH2 1 
ATOM   397 N  N   . LEU A 1 55 ? -4.211  -9.930  -5.419  1.00 25.18 ? 66  LEU A N   1 
ATOM   398 C  CA  . LEU A 1 55 ? -2.834  -10.145 -5.020  1.00 22.64 ? 66  LEU A CA  1 
ATOM   399 C  C   . LEU A 1 55 ? -2.778  -10.847 -3.671  1.00 28.47 ? 66  LEU A C   1 
ATOM   400 O  O   . LEU A 1 55 ? -2.186  -10.351 -2.704  1.00 27.33 ? 66  LEU A O   1 
ATOM   401 C  CB  . LEU A 1 55 ? -2.134  -8.782  -4.942  1.00 21.28 ? 66  LEU A CB  1 
ATOM   402 C  CG  . LEU A 1 55 ? -2.197  -7.935  -6.209  1.00 23.44 ? 66  LEU A CG  1 
ATOM   403 C  CD1 . LEU A 1 55 ? -1.425  -6.643  -6.035  1.00 23.95 ? 66  LEU A CD1 1 
ATOM   404 C  CD2 . LEU A 1 55 ? -1.691  -8.716  -7.383  1.00 26.90 ? 66  LEU A CD2 1 
ATOM   405 N  N   . TYR A 1 56 ? -3.395  -11.991 -3.614  1.00 27.04 ? 67  TYR A N   1 
ATOM   406 C  CA  . TYR A 1 56 ? -3.588  -12.781 -2.399  1.00 28.54 ? 67  TYR A CA  1 
ATOM   407 C  C   . TYR A 1 56 ? -3.771  -14.243 -2.767  1.00 31.10 ? 67  TYR A C   1 
ATOM   408 O  O   . TYR A 1 56 ? -3.947  -14.594 -3.944  1.00 26.73 ? 67  TYR A O   1 
ATOM   409 C  CB  . TYR A 1 56 ? -4.769  -12.244 -1.534  1.00 29.13 ? 67  TYR A CB  1 
ATOM   410 C  CG  . TYR A 1 56 ? -6.131  -12.192 -2.187  1.00 25.95 ? 67  TYR A CG  1 
ATOM   411 C  CD1 . TYR A 1 56 ? -6.856  -13.355 -2.438  1.00 25.36 ? 67  TYR A CD1 1 
ATOM   412 C  CD2 . TYR A 1 56 ? -6.719  -10.984 -2.519  1.00 29.68 ? 67  TYR A CD2 1 
ATOM   413 C  CE1 . TYR A 1 56 ? -8.105  -13.314 -3.031  1.00 27.02 ? 67  TYR A CE1 1 
ATOM   414 C  CE2 . TYR A 1 56 ? -7.996  -10.935 -3.084  1.00 32.10 ? 67  TYR A CE2 1 
ATOM   415 C  CZ  . TYR A 1 56 ? -8.662  -12.100 -3.381  1.00 32.41 ? 67  TYR A CZ  1 
ATOM   416 O  OH  . TYR A 1 56 ? -9.911  -12.077 -3.950  1.00 29.48 ? 67  TYR A OH  1 
ATOM   417 N  N   . ASP A 1 57 ? -3.758  -15.097 -1.751  1.00 27.22 ? 68  ASP A N   1 
ATOM   418 C  CA  . ASP A 1 57 ? -3.940  -16.515 -1.937  1.00 26.46 ? 68  ASP A CA  1 
ATOM   419 C  C   . ASP A 1 57 ? -4.507  -17.167 -0.711  1.00 27.01 ? 68  ASP A C   1 
ATOM   420 O  O   . ASP A 1 57 ? -4.026  -16.900 0.386   1.00 25.52 ? 68  ASP A O   1 
ATOM   421 C  CB  . ASP A 1 57 ? -2.599  -17.173 -2.293  1.00 26.85 ? 68  ASP A CB  1 
ATOM   422 C  CG  . ASP A 1 57 ? -2.804  -18.556 -2.867  1.00 38.03 ? 68  ASP A CG  1 
ATOM   423 O  OD1 . ASP A 1 57 ? -2.928  -18.658 -4.078  1.00 40.19 ? 68  ASP A OD1 1 
ATOM   424 O  OD2 . ASP A 1 57 ? -2.858  -19.548 -2.067  1.00 31.84 ? 68  ASP A OD2 1 
ATOM   425 N  N   . ALA A 1 58 ? -5.506  -17.994 -0.891  1.00 24.51 ? 69  ALA A N   1 
ATOM   426 C  CA  . ALA A 1 58 ? -6.162  -18.758 0.206   1.00 26.23 ? 69  ALA A CA  1 
ATOM   427 C  C   . ALA A 1 58 ? -5.241  -19.606 1.048   1.00 29.00 ? 69  ALA A C   1 
ATOM   428 O  O   . ALA A 1 58 ? -5.520  -19.826 2.229   1.00 27.85 ? 69  ALA A O   1 
ATOM   429 C  CB  . ALA A 1 58 ? -7.264  -19.624 -0.365  1.00 27.50 ? 69  ALA A CB  1 
ATOM   430 N  N   . ALA A 1 59 ? -4.126  -20.121 0.441   1.00 27.43 ? 70  ALA A N   1 
ATOM   431 C  CA  . ALA A 1 59 ? -3.163  -20.931 1.209   1.00 29.43 ? 70  ALA A CA  1 
ATOM   432 C  C   . ALA A 1 59 ? -2.361  -20.137 2.189   1.00 29.65 ? 70  ALA A C   1 
ATOM   433 O  O   . ALA A 1 59 ? -1.849  -20.720 3.112   1.00 34.04 ? 70  ALA A O   1 
ATOM   434 C  CB  . ALA A 1 59 ? -2.196  -21.667 0.272   1.00 31.23 ? 70  ALA A CB  1 
ATOM   435 N  N   . GLN A 1 60 ? -2.200  -18.839 2.001   1.00 27.85 ? 71  GLN A N   1 
ATOM   436 C  CA  . GLN A 1 60 ? -1.391  -17.986 2.894   1.00 28.25 ? 71  GLN A CA  1 
ATOM   437 C  C   . GLN A 1 60 ? -2.079  -16.676 3.030   1.00 30.83 ? 71  GLN A C   1 
ATOM   438 O  O   . GLN A 1 60 ? -1.705  -15.714 2.387   1.00 26.57 ? 71  GLN A O   1 
ATOM   439 C  CB  . GLN A 1 60 ? 0.029   -17.785 2.328   1.00 27.94 ? 71  GLN A CB  1 
ATOM   440 C  CG  . GLN A 1 60 ? 0.825   -19.072 2.159   1.00 29.51 ? 71  GLN A CG  1 
ATOM   441 C  CD  . GLN A 1 60 ? 1.247   -19.691 3.457   1.00 50.90 ? 71  GLN A CD  1 
ATOM   442 O  OE1 . GLN A 1 60 ? 1.304   -19.038 4.502   1.00 45.95 ? 71  GLN A OE1 1 
ATOM   443 N  NE2 . GLN A 1 60 ? 1.554   -20.972 3.418   1.00 47.49 ? 71  GLN A NE2 1 
ATOM   444 N  N   . GLN A 1 61 ? -3.088  -16.640 3.894   1.00 27.67 ? 72  GLN A N   1 
ATOM   445 C  CA  . GLN A 1 61 ? -4.116  -15.579 3.870   1.00 29.39 ? 72  GLN A CA  1 
ATOM   446 C  C   . GLN A 1 61 ? -3.707  -14.211 4.342   1.00 31.49 ? 72  GLN A C   1 
ATOM   447 O  O   . GLN A 1 61 ? -4.507  -13.269 4.172   1.00 30.11 ? 72  GLN A O   1 
ATOM   448 C  CB  . GLN A 1 61 ? -5.332  -15.995 4.638   1.00 29.72 ? 72  GLN A CB  1 
ATOM   449 C  CG  . GLN A 1 61 ? -6.063  -16.990 3.874   1.00 39.06 ? 72  GLN A CG  1 
ATOM   450 C  CD  . GLN A 1 61 ? -7.401  -17.284 4.449   1.00 29.52 ? 72  GLN A CD  1 
ATOM   451 O  OE1 . GLN A 1 61 ? -8.152  -16.404 4.906   1.00 29.55 ? 72  GLN A OE1 1 
ATOM   452 N  NE2 . GLN A 1 61 ? -7.755  -18.521 4.409   1.00 30.87 ? 72  GLN A NE2 1 
ATOM   453 N  N   . HIS A 1 62 ? -2.536  -14.100 4.906   1.00 24.62 ? 73  HIS A N   1 
ATOM   454 C  CA  . HIS A 1 62 ? -1.977  -12.840 5.397   1.00 27.41 ? 73  HIS A CA  1 
ATOM   455 C  C   . HIS A 1 62 ? -0.914  -12.241 4.429   1.00 28.81 ? 73  HIS A C   1 
ATOM   456 O  O   . HIS A 1 62 ? -0.340  -11.198 4.739   1.00 28.64 ? 73  HIS A O   1 
ATOM   457 C  CB  . HIS A 1 62 ? -1.342  -13.051 6.803   1.00 30.23 ? 73  HIS A CB  1 
ATOM   458 C  CG  . HIS A 1 62 ? -2.357  -13.201 7.891   1.00 35.77 ? 73  HIS A CG  1 
ATOM   459 N  ND1 . HIS A 1 62 ? -2.791  -14.452 8.294   1.00 37.87 ? 73  HIS A ND1 1 
ATOM   460 C  CD2 . HIS A 1 62 ? -2.969  -12.262 8.642   1.00 37.10 ? 73  HIS A CD2 1 
ATOM   461 C  CE1 . HIS A 1 62 ? -3.674  -14.242 9.241   1.00 36.90 ? 73  HIS A CE1 1 
ATOM   462 N  NE2 . HIS A 1 62 ? -3.794  -12.935 9.500   1.00 37.87 ? 73  HIS A NE2 1 
ATOM   463 N  N   . ILE A 1 63 ? -0.641  -12.907 3.278   1.00 25.62 ? 74  ILE A N   1 
ATOM   464 C  CA  A ILE A 1 63 ? 0.433   -12.513 2.376   0.50 24.76 ? 74  ILE A CA  1 
ATOM   465 C  CA  B ILE A 1 63 ? 0.433   -12.522 2.362   0.50 23.99 ? 74  ILE A CA  1 
ATOM   466 C  C   . ILE A 1 63 ? -0.125  -11.820 1.149   1.00 26.67 ? 74  ILE A C   1 
ATOM   467 O  O   . ILE A 1 63 ? -1.046  -12.313 0.506   1.00 23.09 ? 74  ILE A O   1 
ATOM   468 C  CB  A ILE A 1 63 ? 1.330   -13.715 2.014   0.50 27.21 ? 74  ILE A CB  1 
ATOM   469 C  CB  B ILE A 1 63 ? 1.274   -13.723 1.900   0.50 25.60 ? 74  ILE A CB  1 
ATOM   470 C  CG1 A ILE A 1 63 ? 1.899   -14.328 3.299   0.50 27.25 ? 74  ILE A CG1 1 
ATOM   471 C  CG1 B ILE A 1 63 ? 1.898   -14.468 3.074   0.50 24.26 ? 74  ILE A CG1 1 
ATOM   472 C  CG2 A ILE A 1 63 ? 2.448   -13.301 1.013   0.50 26.27 ? 74  ILE A CG2 1 
ATOM   473 C  CG2 B ILE A 1 63 ? 2.350   -13.299 0.854   0.50 23.85 ? 74  ILE A CG2 1 
ATOM   474 C  CD1 A ILE A 1 63 ? 2.896   -15.418 3.172   0.50 30.99 ? 74  ILE A CD1 1 
ATOM   475 C  CD1 B ILE A 1 63 ? 2.911   -13.671 3.924   0.50 23.64 ? 74  ILE A CD1 1 
ATOM   476 N  N   . VAL A 1 64 ? 0.467   -10.666 0.827   1.00 23.08 ? 75  VAL A N   1 
ATOM   477 C  CA  . VAL A 1 64 ? 0.195   -9.973  -0.423  1.00 23.35 ? 75  VAL A CA  1 
ATOM   478 C  C   . VAL A 1 64 ? 1.222   -10.472 -1.389  1.00 26.14 ? 75  VAL A C   1 
ATOM   479 O  O   . VAL A 1 64 ? 2.401   -10.427 -1.071  1.00 23.37 ? 75  VAL A O   1 
ATOM   480 C  CB  . VAL A 1 64 ? 0.230   -8.444  -0.236  1.00 24.25 ? 75  VAL A CB  1 
ATOM   481 C  CG1 . VAL A 1 64 ? 0.070   -7.682  -1.575  1.00 22.97 ? 75  VAL A CG1 1 
ATOM   482 C  CG2 . VAL A 1 64 ? -0.875  -8.052  0.758   1.00 25.03 ? 75  VAL A CG2 1 
ATOM   483 N  N   . TYR A 1 65 ? 0.757   -10.966 -2.545  1.00 22.30 ? 76  TYR A N   1 
ATOM   484 C  CA  . TYR A 1 65 ? 1.608   -11.510 -3.594  1.00 23.37 ? 76  TYR A CA  1 
ATOM   485 C  C   . TYR A 1 65 ? 1.624   -10.483 -4.695  1.00 25.86 ? 76  TYR A C   1 
ATOM   486 O  O   . TYR A 1 65 ? 0.718   -10.403 -5.512  1.00 24.28 ? 76  TYR A O   1 
ATOM   487 C  CB  . TYR A 1 65 ? 1.095   -12.856 -4.091  1.00 24.94 ? 76  TYR A CB  1 
ATOM   488 C  CG  . TYR A 1 65 ? 1.345   -13.952 -3.084  1.00 22.85 ? 76  TYR A CG  1 
ATOM   489 C  CD1 . TYR A 1 65 ? 2.585   -14.580 -3.002  1.00 26.26 ? 76  TYR A CD1 1 
ATOM   490 C  CD2 . TYR A 1 65 ? 0.358   -14.341 -2.191  1.00 21.67 ? 76  TYR A CD2 1 
ATOM   491 C  CE1 . TYR A 1 65 ? 2.829   -15.569 -2.076  1.00 25.09 ? 76  TYR A CE1 1 
ATOM   492 C  CE2 . TYR A 1 65 ? 0.599   -15.325 -1.249  1.00 21.35 ? 76  TYR A CE2 1 
ATOM   493 C  CZ  . TYR A 1 65 ? 1.816   -15.950 -1.205  1.00 26.54 ? 76  TYR A CZ  1 
ATOM   494 O  OH  . TYR A 1 65 ? 2.032   -16.870 -0.236  1.00 31.00 ? 76  TYR A OH  1 
ATOM   495 N  N   . CYS A 1 66 ? 2.646   -9.683  -4.717  1.00 22.58 ? 77  CYS A N   1 
ATOM   496 C  CA  . CYS A 1 66 ? 2.709   -8.470  -5.570  1.00 22.60 ? 77  CYS A CA  1 
ATOM   497 C  C   . CYS A 1 66 ? 3.794   -8.538  -6.647  1.00 25.24 ? 77  CYS A C   1 
ATOM   498 O  O   . CYS A 1 66 ? 4.085   -7.533  -7.291  1.00 23.56 ? 77  CYS A O   1 
ATOM   499 C  CB  . CYS A 1 66 ? 2.840   -7.222  -4.687  1.00 23.09 ? 77  CYS A CB  1 
ATOM   500 S  SG  . CYS A 1 66 ? 4.192   -7.242  -3.470  1.00 26.58 ? 77  CYS A SG  1 
ATOM   501 N  N   . SER A 1 67 ? 4.375   -9.730  -6.888  1.00 23.94 ? 78  SER A N   1 
ATOM   502 C  CA  A SER A 1 67 ? 5.416   -9.848  -7.893  0.80 23.03 ? 78  SER A CA  1 
ATOM   503 C  CA  B SER A 1 67 ? 5.400   -9.895  -7.912  0.20 23.34 ? 78  SER A CA  1 
ATOM   504 C  C   . SER A 1 67 ? 4.810   -9.576  -9.283  1.00 27.99 ? 78  SER A C   1 
ATOM   505 O  O   . SER A 1 67 ? 3.626   -9.779  -9.492  1.00 27.40 ? 78  SER A O   1 
ATOM   506 C  CB  A SER A 1 67 ? 6.022   -11.250 -7.881  0.80 26.20 ? 78  SER A CB  1 
ATOM   507 C  CB  B SER A 1 67 ? 5.912   -11.332 -7.915  0.20 25.52 ? 78  SER A CB  1 
ATOM   508 O  OG  A SER A 1 67 ? 5.055   -12.198 -8.297  0.80 29.56 ? 78  SER A OG  1 
ATOM   509 O  OG  B SER A 1 67 ? 6.790   -11.543 -9.004  0.20 27.13 ? 78  SER A OG  1 
ATOM   510 N  N   . ASN A 1 68 ? 5.605   -9.119  -10.211 1.00 25.67 ? 79  ASN A N   1 
ATOM   511 C  CA  . ASN A 1 68 ? 5.075   -8.787  -11.545 1.00 27.84 ? 79  ASN A CA  1 
ATOM   512 C  C   . ASN A 1 68 ? 3.840   -7.817  -11.514 1.00 32.94 ? 79  ASN A C   1 
ATOM   513 O  O   . ASN A 1 68 ? 2.904   -7.946  -12.298 1.00 29.91 ? 79  ASN A O   1 
ATOM   514 C  CB  . ASN A 1 68 ? 4.752   -10.088 -12.371 1.00 35.83 ? 79  ASN A CB  1 
ATOM   515 C  CG  . ASN A 1 68 ? 4.518   -9.791  -13.832 1.00 36.49 ? 79  ASN A CG  1 
ATOM   516 O  OD1 . ASN A 1 68 ? 5.183   -8.915  -14.419 1.00 39.63 ? 79  ASN A OD1 1 
ATOM   517 N  ND2 . ASN A 1 68 ? 3.568   -10.474 -14.451 1.00 41.21 ? 79  ASN A ND2 1 
ATOM   518 N  N   . ASP A 1 69 ? 3.846   -6.870  -10.583 1.00 27.40 ? 80  ASP A N   1 
ATOM   519 C  CA  . ASP A 1 69 ? 2.760   -5.887  -10.420 1.00 26.21 ? 80  ASP A CA  1 
ATOM   520 C  C   . ASP A 1 69 ? 3.436   -4.607  -10.032 1.00 27.24 ? 80  ASP A C   1 
ATOM   521 O  O   . ASP A 1 69 ? 4.459   -4.659  -9.350  1.00 24.87 ? 80  ASP A O   1 
ATOM   522 C  CB  . ASP A 1 69 ? 1.726   -6.342  -9.368  1.00 27.37 ? 80  ASP A CB  1 
ATOM   523 C  CG  . ASP A 1 69 ? 0.491   -5.448  -9.356  1.00 28.80 ? 80  ASP A CG  1 
ATOM   524 O  OD1 . ASP A 1 69 ? 0.551   -4.369  -8.757  1.00 25.29 ? 80  ASP A OD1 1 
ATOM   525 O  OD2 . ASP A 1 69 ? -0.520  -5.826  -9.966  1.00 27.84 ? 80  ASP A OD2 1 
ATOM   526 N  N   . LEU A 1 70 ? 2.897   -3.458  -10.483 1.00 25.32 ? 81  LEU A N   1 
ATOM   527 C  CA  . LEU A 1 70 ? 3.342   -2.144  -10.043 1.00 25.77 ? 81  LEU A CA  1 
ATOM   528 C  C   . LEU A 1 70 ? 3.524   -2.047  -8.548  1.00 25.06 ? 81  LEU A C   1 
ATOM   529 O  O   . LEU A 1 70 ? 4.479   -1.421  -8.117  1.00 24.72 ? 81  LEU A O   1 
ATOM   530 C  CB  . LEU A 1 70 ? 2.355   -1.063  -10.525 1.00 27.79 ? 81  LEU A CB  1 
ATOM   531 C  CG  . LEU A 1 70 ? 2.633   0.369   -10.044 1.00 32.51 ? 81  LEU A CG  1 
ATOM   532 C  CD1 . LEU A 1 70 ? 3.882   0.902   -10.651 1.00 35.07 ? 81  LEU A CD1 1 
ATOM   533 C  CD2 . LEU A 1 70 ? 1.460   1.298   -10.401 1.00 33.14 ? 81  LEU A CD2 1 
ATOM   534 N  N   . LEU A 1 71 ? 2.647   -2.656  -7.743  1.00 23.80 ? 82  LEU A N   1 
ATOM   535 C  CA  . LEU A 1 71 ? 2.813   -2.585  -6.258  1.00 22.17 ? 82  LEU A CA  1 
ATOM   536 C  C   . LEU A 1 71 ? 4.141   -3.235  -5.844  1.00 22.30 ? 82  LEU A C   1 
ATOM   537 O  O   . LEU A 1 71 ? 4.796   -2.680  -4.994  1.00 24.45 ? 82  LEU A O   1 
ATOM   538 C  CB  . LEU A 1 71 ? 1.667   -3.272  -5.524  1.00 21.51 ? 82  LEU A CB  1 
ATOM   539 C  CG  . LEU A 1 71 ? 1.758   -3.301  -4.000  1.00 23.57 ? 82  LEU A CG  1 
ATOM   540 C  CD1 . LEU A 1 71 ? 1.884   -1.943  -3.463  1.00 24.24 ? 82  LEU A CD1 1 
ATOM   541 C  CD2 . LEU A 1 71 ? 0.500   -3.935  -3.434  1.00 25.97 ? 82  LEU A CD2 1 
ATOM   542 N  N   . GLY A 1 72 ? 4.481   -4.380  -6.416  1.00 21.37 ? 83  GLY A N   1 
ATOM   543 C  CA  . GLY A 1 72 ? 5.761   -5.033  -6.190  1.00 23.83 ? 83  GLY A CA  1 
ATOM   544 C  C   . GLY A 1 72 ? 6.959   -4.176  -6.541  1.00 26.24 ? 83  GLY A C   1 
ATOM   545 O  O   . GLY A 1 72 ? 7.965   -4.129  -5.810  1.00 25.94 ? 83  GLY A O   1 
ATOM   546 N  N   . ASP A 1 73 ? 6.840   -3.459  -7.646  1.00 24.37 ? 84  ASP A N   1 
ATOM   547 C  CA  . ASP A 1 73 ? 7.912   -2.543  -8.108  1.00 24.42 ? 84  ASP A CA  1 
ATOM   548 C  C   . ASP A 1 73 ? 8.080   -1.391  -7.104  1.00 25.51 ? 84  ASP A C   1 
ATOM   549 O  O   . ASP A 1 73 ? 9.191   -1.018  -6.767  1.00 25.38 ? 84  ASP A O   1 
ATOM   550 C  CB  . ASP A 1 73 ? 7.563   -1.991  -9.474  1.00 24.78 ? 84  ASP A CB  1 
ATOM   551 C  CG  . ASP A 1 73 ? 7.470   -3.034  -10.590 1.00 33.80 ? 84  ASP A CG  1 
ATOM   552 O  OD1 . ASP A 1 73 ? 8.054   -4.106  -10.445 1.00 32.18 ? 84  ASP A OD1 1 
ATOM   553 O  OD2 . ASP A 1 73 ? 6.824   -2.763  -11.585 1.00 33.31 ? 84  ASP A OD2 1 
ATOM   554 N  N   . LEU A 1 74 ? 6.974   -0.815  -6.639  1.00 22.94 ? 85  LEU A N   1 
ATOM   555 C  CA  . LEU A 1 74 ? 6.991   0.291   -5.682  1.00 23.81 ? 85  LEU A CA  1 
ATOM   556 C  C   . LEU A 1 74 ? 7.513   -0.117  -4.323  1.00 26.95 ? 85  LEU A C   1 
ATOM   557 O  O   . LEU A 1 74 ? 8.246   0.646   -3.689  1.00 24.38 ? 85  LEU A O   1 
ATOM   558 C  CB  . LEU A 1 74 ? 5.588   0.906   -5.528  1.00 24.14 ? 85  LEU A CB  1 
ATOM   559 C  CG  . LEU A 1 74 ? 5.006   1.513   -6.775  1.00 29.22 ? 85  LEU A CG  1 
ATOM   560 C  CD1 . LEU A 1 74 ? 3.642   2.053   -6.538  1.00 28.73 ? 85  LEU A CD1 1 
ATOM   561 C  CD2 . LEU A 1 74 ? 5.912   2.621   -7.392  1.00 32.65 ? 85  LEU A CD2 1 
ATOM   562 N  N   . PHE A 1 75 ? 7.162   -1.301  -3.879  1.00 25.14 ? 86  PHE A N   1 
ATOM   563 C  CA  . PHE A 1 75 ? 7.550   -1.768  -2.542  1.00 25.24 ? 86  PHE A CA  1 
ATOM   564 C  C   . PHE A 1 75 ? 8.855   -2.478  -2.546  1.00 28.12 ? 86  PHE A C   1 
ATOM   565 O  O   . PHE A 1 75 ? 9.462   -2.606  -1.479  1.00 29.11 ? 86  PHE A O   1 
ATOM   566 C  CB  . PHE A 1 75 ? 6.438   -2.639  -1.940  1.00 25.10 ? 86  PHE A CB  1 
ATOM   567 C  CG  . PHE A 1 75 ? 5.269   -1.954  -1.257  1.00 24.11 ? 86  PHE A CG  1 
ATOM   568 C  CD1 . PHE A 1 75 ? 5.025   -0.598  -1.428  1.00 24.72 ? 86  PHE A CD1 1 
ATOM   569 C  CD2 . PHE A 1 75 ? 4.446   -2.656  -0.400  1.00 25.69 ? 86  PHE A CD2 1 
ATOM   570 C  CE1 . PHE A 1 75 ? 3.974   0.029   -0.755  1.00 25.50 ? 86  PHE A CE1 1 
ATOM   571 C  CE2 . PHE A 1 75 ? 3.412   -2.031  0.272   1.00 26.96 ? 86  PHE A CE2 1 
ATOM   572 C  CZ  . PHE A 1 75 ? 3.167   -0.695  0.086   1.00 24.17 ? 86  PHE A CZ  1 
ATOM   573 N  N   . GLY A 1 76 ? 9.301   -2.930  -3.711  1.00 25.48 ? 87  GLY A N   1 
ATOM   574 C  CA  . GLY A 1 76 ? 10.615  -3.530  -3.876  1.00 28.11 ? 87  GLY A CA  1 
ATOM   575 C  C   . GLY A 1 76 ? 10.680  -4.944  -3.368  1.00 32.38 ? 87  GLY A C   1 
ATOM   576 O  O   . GLY A 1 76 ? 11.775  -5.423  -3.071  1.00 29.67 ? 87  GLY A O   1 
ATOM   577 N  N   . VAL A 1 77 ? 9.502   -5.630  -3.264  1.00 26.88 ? 88  VAL A N   1 
ATOM   578 C  CA  . VAL A 1 77 ? 9.414   -7.015  -2.822  1.00 26.64 ? 88  VAL A CA  1 
ATOM   579 C  C   . VAL A 1 77 ? 8.424   -7.823  -3.663  1.00 27.48 ? 88  VAL A C   1 
ATOM   580 O  O   . VAL A 1 77 ? 7.515   -7.241  -4.262  1.00 27.01 ? 88  VAL A O   1 
ATOM   581 C  CB  . VAL A 1 77 ? 8.971   -7.092  -1.330  1.00 29.75 ? 88  VAL A CB  1 
ATOM   582 C  CG1 . VAL A 1 77 ? 9.983   -6.406  -0.414  1.00 31.13 ? 88  VAL A CG1 1 
ATOM   583 C  CG2 . VAL A 1 77 ? 7.563   -6.512  -1.126  1.00 29.37 ? 88  VAL A CG2 1 
ATOM   584 N  N   . PRO A 1 78 ? 8.588   -9.144  -3.764  1.00 24.35 ? 89  PRO A N   1 
ATOM   585 C  CA  . PRO A 1 78 ? 7.574   -9.969  -4.439  1.00 24.73 ? 89  PRO A CA  1 
ATOM   586 C  C   . PRO A 1 78 ? 6.368   -10.339 -3.589  1.00 24.38 ? 89  PRO A C   1 
ATOM   587 O  O   . PRO A 1 78 ? 5.363   -10.770 -4.130  1.00 23.75 ? 89  PRO A O   1 
ATOM   588 C  CB  . PRO A 1 78 ? 8.330   -11.220 -4.776  1.00 27.51 ? 89  PRO A CB  1 
ATOM   589 C  CG  . PRO A 1 78 ? 9.356   -11.312 -3.748  1.00 30.91 ? 89  PRO A CG  1 
ATOM   590 C  CD  . PRO A 1 78 ? 9.758   -9.968  -3.379  1.00 27.68 ? 89  PRO A CD  1 
ATOM   591 N  N   . SER A 1 79 ? 6.491   -10.190 -2.295  1.00 24.86 ? 90  SER A N   1 
ATOM   592 C  CA  . SER A 1 79 ? 5.436   -10.512 -1.363  1.00 23.31 ? 90  SER A CA  1 
ATOM   593 C  C   . SER A 1 79 ? 5.732   -9.867  -0.033  1.00 25.70 ? 90  SER A C   1 
ATOM   594 O  O   . SER A 1 79 ? 6.884   -9.534  0.219   1.00 26.69 ? 90  SER A O   1 
ATOM   595 C  CB  . SER A 1 79 ? 5.301   -12.034 -1.216  1.00 25.89 ? 90  SER A CB  1 
ATOM   596 O  OG  . SER A 1 79 ? 6.415   -12.616 -0.577  1.00 27.83 ? 90  SER A OG  1 
ATOM   597 N  N   . PHE A 1 80 ? 4.710   -9.662  0.790   1.00 22.04 ? 91  PHE A N   1 
ATOM   598 C  CA  . PHE A 1 80 ? 4.868   -9.227  2.185   1.00 23.08 ? 91  PHE A CA  1 
ATOM   599 C  C   . PHE A 1 80 ? 3.694   -9.595  3.041   1.00 26.45 ? 91  PHE A C   1 
ATOM   600 O  O   . PHE A 1 80 ? 2.636   -9.863  2.529   1.00 24.57 ? 91  PHE A O   1 
ATOM   601 C  CB  . PHE A 1 80 ? 5.028   -7.732  2.250   1.00 23.01 ? 91  PHE A CB  1 
ATOM   602 C  CG  . PHE A 1 80 ? 3.880   -6.888  1.733   1.00 22.98 ? 91  PHE A CG  1 
ATOM   603 C  CD1 . PHE A 1 80 ? 3.767   -6.599  0.387   1.00 24.72 ? 91  PHE A CD1 1 
ATOM   604 C  CD2 . PHE A 1 80 ? 2.916   -6.392  2.594   1.00 22.57 ? 91  PHE A CD2 1 
ATOM   605 C  CE1 . PHE A 1 80 ? 2.708   -5.821  -0.090  1.00 22.74 ? 91  PHE A CE1 1 
ATOM   606 C  CE2 . PHE A 1 80 ? 1.889   -5.558  2.126   1.00 24.38 ? 91  PHE A CE2 1 
ATOM   607 C  CZ  . PHE A 1 80 ? 1.789   -5.279  0.790   1.00 24.31 ? 91  PHE A CZ  1 
ATOM   608 N  N   . SER A 1 81 ? 3.883   -9.565  4.360   1.00 27.07 ? 92  SER A N   1 
ATOM   609 C  CA  . SER A 1 81 ? 2.837   -9.956  5.292   1.00 25.79 ? 92  SER A CA  1 
ATOM   610 C  C   . SER A 1 81 ? 2.103   -8.720  5.785   1.00 28.03 ? 92  SER A C   1 
ATOM   611 O  O   . SER A 1 81 ? 2.751   -7.744  6.179   1.00 27.19 ? 92  SER A O   1 
ATOM   612 C  CB  . SER A 1 81 ? 3.419   -10.714 6.469   1.00 31.67 ? 92  SER A CB  1 
ATOM   613 O  OG  . SER A 1 81 ? 2.373   -10.783 7.405   1.00 31.47 ? 92  SER A OG  1 
ATOM   614 N  N   . VAL A 1 82 ? 0.784   -8.781  5.787   1.00 25.61 ? 93  VAL A N   1 
ATOM   615 C  CA  . VAL A 1 82 ? -0.091  -7.695  6.267   1.00 25.96 ? 93  VAL A CA  1 
ATOM   616 C  C   . VAL A 1 82 ? 0.068   -7.454  7.775   1.00 31.31 ? 93  VAL A C   1 
ATOM   617 O  O   . VAL A 1 82 ? -0.357  -6.406  8.240   1.00 30.53 ? 93  VAL A O   1 
ATOM   618 C  CB  . VAL A 1 82 ? -1.577  -7.833  5.866   1.00 27.22 ? 93  VAL A CB  1 
ATOM   619 C  CG1 . VAL A 1 82 ? -1.714  -7.885  4.336   1.00 28.60 ? 93  VAL A CG1 1 
ATOM   620 C  CG2 . VAL A 1 82 ? -2.291  -9.019  6.582   1.00 27.57 ? 93  VAL A CG2 1 
ATOM   621 N  N   . LYS A 1 83 ? 0.679   -8.413  8.520   1.00 28.61 ? 94  LYS A N   1 
ATOM   622 C  CA  . LYS A 1 83 ? 0.926   -8.272  9.944   1.00 31.25 ? 94  LYS A CA  1 
ATOM   623 C  C   . LYS A 1 83 ? 2.149   -7.342  10.241  1.00 36.77 ? 94  LYS A C   1 
ATOM   624 O  O   . LYS A 1 83 ? 2.304   -6.917  11.388  1.00 36.55 ? 94  LYS A O   1 
ATOM   625 C  CB  . LYS A 1 83 ? 1.238   -9.632  10.561  1.00 32.52 ? 94  LYS A CB  1 
ATOM   626 C  CG  . LYS A 1 83 ? 0.131   -10.643 10.482  1.00 38.45 ? 94  LYS A CG  1 
ATOM   627 C  CD  . LYS A 1 83 ? 0.635   -11.976 11.054  1.00 54.92 ? 94  LYS A CD  1 
ATOM   628 C  CE  . LYS A 1 83 ? -0.311  -13.129 10.874  1.00 66.29 ? 94  LYS A CE  1 
ATOM   629 N  NZ  . LYS A 1 83 ? 0.186   -14.349 11.577  1.00 67.02 ? 94  LYS A NZ  1 
ATOM   630 N  N   . GLU A 1 84 ? 3.005   -7.064  9.245   1.00 31.26 ? 95  GLU A N   1 
ATOM   631 C  CA  . GLU A 1 84 ? 4.273   -6.305  9.429   1.00 30.39 ? 95  GLU A CA  1 
ATOM   632 C  C   . GLU A 1 84 ? 4.029   -4.822  9.211   1.00 30.06 ? 95  GLU A C   1 
ATOM   633 O  O   . GLU A 1 84 ? 4.413   -4.223  8.197   1.00 29.33 ? 95  GLU A O   1 
ATOM   634 C  CB  . GLU A 1 84 ? 5.344   -6.878  8.500   1.00 31.85 ? 95  GLU A CB  1 
ATOM   635 C  CG  . GLU A 1 84 ? 5.785   -8.294  8.873   1.00 44.12 ? 95  GLU A CG  1 
ATOM   636 C  CD  . GLU A 1 84 ? 6.832   -8.398  9.966   1.00 75.51 ? 95  GLU A CD  1 
ATOM   637 O  OE1 . GLU A 1 84 ? 6.942   -7.467  10.800  1.00 65.65 ? 95  GLU A OE1 1 
ATOM   638 O  OE2 . GLU A 1 84 ? 7.552   -9.426  9.981   1.00 73.90 ? 95  GLU A OE2 1 
ATOM   639 N  N   . HIS A 1 85 ? 3.346   -4.207  10.176  1.00 27.92 ? 96  HIS A N   1 
ATOM   640 C  CA  . HIS A 1 85 ? 2.794   -2.879  9.919   1.00 28.83 ? 96  HIS A CA  1 
ATOM   641 C  C   . HIS A 1 85 ? 3.879   -1.866  9.741   1.00 27.31 ? 96  HIS A C   1 
ATOM   642 O  O   . HIS A 1 85 ? 3.764   -1.039  8.862   1.00 25.27 ? 96  HIS A O   1 
ATOM   643 C  CB  . HIS A 1 85 ? 1.833   -2.436  11.043  1.00 32.08 ? 96  HIS A CB  1 
ATOM   644 C  CG  . HIS A 1 85 ? 0.575   -3.228  11.137  1.00 38.26 ? 96  HIS A CG  1 
ATOM   645 N  ND1 . HIS A 1 85 ? -0.251  -3.136  12.232  1.00 42.78 ? 96  HIS A ND1 1 
ATOM   646 C  CD2 . HIS A 1 85 ? 0.034   -4.098  10.265  1.00 42.09 ? 96  HIS A CD2 1 
ATOM   647 C  CE1 . HIS A 1 85 ? -1.266  -3.957  11.993  1.00 43.11 ? 96  HIS A CE1 1 
ATOM   648 N  NE2 . HIS A 1 85 ? -1.135  -4.546  10.814  1.00 42.73 ? 96  HIS A NE2 1 
ATOM   649 N  N   . ARG A 1 86 ? 4.944   -1.903  10.570  1.00 28.40 ? 97  ARG A N   1 
ATOM   650 C  CA  . ARG A 1 86 ? 6.064   -0.914  10.426  1.00 28.23 ? 97  ARG A CA  1 
ATOM   651 C  C   . ARG A 1 86 ? 6.782   -1.124  9.127   1.00 28.79 ? 97  ARG A C   1 
ATOM   652 O  O   . ARG A 1 86 ? 7.123   -0.178  8.450   1.00 28.93 ? 97  ARG A O   1 
ATOM   653 C  CB  . ARG A 1 86 ? 7.014   -0.980  11.627  1.00 28.23 ? 97  ARG A CB  1 
ATOM   654 C  CG  . ARG A 1 86 ? 8.278   -0.132  11.550  1.00 31.77 ? 97  ARG A CG  1 
ATOM   655 C  CD  . ARG A 1 86 ? 7.996   1.320   11.266  1.00 29.56 ? 97  ARG A CD  1 
ATOM   656 N  NE  . ARG A 1 86 ? 7.197   1.900   12.331  1.00 28.41 ? 97  ARG A NE  1 
ATOM   657 C  CZ  . ARG A 1 86 ? 6.512   3.037   12.257  1.00 25.47 ? 97  ARG A CZ  1 
ATOM   658 N  NH1 . ARG A 1 86 ? 5.810   3.464   13.301  1.00 29.26 ? 97  ARG A NH1 1 
ATOM   659 N  NH2 . ARG A 1 86 ? 6.495   3.736   11.138  1.00 28.71 ? 97  ARG A NH2 1 
ATOM   660 N  N   . LYS A 1 87 ? 7.019   -2.370  8.743   1.00 28.35 ? 98  LYS A N   1 
ATOM   661 C  CA  . LYS A 1 87 ? 7.665   -2.631  7.452   1.00 26.89 ? 98  LYS A CA  1 
ATOM   662 C  C   . LYS A 1 87 ? 6.832   -2.067  6.279   1.00 25.41 ? 98  LYS A C   1 
ATOM   663 O  O   . LYS A 1 87 ? 7.420   -1.478  5.365   1.00 25.86 ? 98  LYS A O   1 
ATOM   664 C  CB  . LYS A 1 87 ? 7.941   -4.120  7.263   1.00 29.55 ? 98  LYS A CB  1 
ATOM   665 C  CG  . LYS A 1 87 ? 9.071   -4.599  8.159   1.00 53.28 ? 98  LYS A CG  1 
ATOM   666 C  CD  . LYS A 1 87 ? 9.335   -6.089  8.032   1.00 61.38 ? 98  LYS A CD  1 
ATOM   667 C  CE  . LYS A 1 87 ? 10.516  -6.545  8.861   1.00 63.83 ? 98  LYS A CE  1 
ATOM   668 N  NZ  . LYS A 1 87 ? 10.112  -7.572  9.858   1.00 72.58 ? 98  LYS A NZ  1 
ATOM   669 N  N   . ILE A 1 88 ? 5.495   -2.220  6.318   1.00 24.14 ? 99  ILE A N   1 
ATOM   670 C  CA  . ILE A 1 88 ? 4.580   -1.663  5.298   1.00 22.72 ? 99  ILE A CA  1 
ATOM   671 C  C   . ILE A 1 88 ? 4.687   -0.125  5.287   1.00 26.74 ? 99  ILE A C   1 
ATOM   672 O  O   . ILE A 1 88 ? 4.818   0.445   4.221   1.00 25.22 ? 99  ILE A O   1 
ATOM   673 C  CB  . ILE A 1 88 ? 3.146   -2.143  5.517   1.00 24.54 ? 99  ILE A CB  1 
ATOM   674 C  CG1 . ILE A 1 88 ? 3.057   -3.633  5.187   1.00 27.00 ? 99  ILE A CG1 1 
ATOM   675 C  CG2 . ILE A 1 88 ? 2.102   -1.333  4.724   1.00 28.05 ? 99  ILE A CG2 1 
ATOM   676 C  CD1 . ILE A 1 88 ? 1.759   -4.252  5.658   1.00 26.27 ? 99  ILE A CD1 1 
ATOM   677 N  N   . TYR A 1 89 ? 4.665   0.529   6.479   1.00 25.72 ? 100 TYR A N   1 
ATOM   678 C  CA  . TYR A 1 89 ? 4.786   1.976   6.539   1.00 24.10 ? 100 TYR A CA  1 
ATOM   679 C  C   . TYR A 1 89 ? 6.090   2.446   5.880   1.00 26.68 ? 100 TYR A C   1 
ATOM   680 O  O   . TYR A 1 89 ? 6.070   3.377   5.073   1.00 25.85 ? 100 TYR A O   1 
ATOM   681 C  CB  . TYR A 1 89 ? 4.584   2.504   7.945   1.00 24.96 ? 100 TYR A CB  1 
ATOM   682 C  CG  . TYR A 1 89 ? 3.172   2.956   8.187   1.00 26.52 ? 100 TYR A CG  1 
ATOM   683 C  CD1 . TYR A 1 89 ? 2.101   2.090   8.001   1.00 30.35 ? 100 TYR A CD1 1 
ATOM   684 C  CD2 . TYR A 1 89 ? 2.900   4.244   8.633   1.00 25.58 ? 100 TYR A CD2 1 
ATOM   685 C  CE1 . TYR A 1 89 ? 0.789   2.513   8.198   1.00 31.75 ? 100 TYR A CE1 1 
ATOM   686 C  CE2 . TYR A 1 89 ? 1.599   4.678   8.824   1.00 26.32 ? 100 TYR A CE2 1 
ATOM   687 C  CZ  . TYR A 1 89 ? 0.547   3.813   8.608   1.00 30.29 ? 100 TYR A CZ  1 
ATOM   688 O  OH  . TYR A 1 89 ? -0.733  4.220   8.792   1.00 31.78 ? 100 TYR A OH  1 
ATOM   689 N  N   . THR A 1 90 ? 7.192   1.752   6.178   1.00 24.18 ? 101 THR A N   1 
ATOM   690 C  CA  . THR A 1 90 ? 8.503   2.071   5.566   1.00 24.42 ? 101 THR A CA  1 
ATOM   691 C  C   . THR A 1 90 ? 8.448   1.948   4.046   1.00 25.83 ? 101 THR A C   1 
ATOM   692 O  O   . THR A 1 90 ? 8.946   2.813   3.309   1.00 24.30 ? 101 THR A O   1 
ATOM   693 C  CB  . THR A 1 90 ? 9.580   1.180   6.160   1.00 27.90 ? 101 THR A CB  1 
ATOM   694 O  OG1 . THR A 1 90 ? 9.638   1.503   7.531   1.00 28.74 ? 101 THR A OG1 1 
ATOM   695 C  CG2 . THR A 1 90 ? 10.933  1.374   5.516   1.00 29.26 ? 101 THR A CG2 1 
ATOM   696 N  N   . MET A 1 91 ? 7.792   0.876   3.546   1.00 24.19 ? 102 MET A N   1 
ATOM   697 C  CA  . MET A 1 91 ? 7.665   0.707   2.103   1.00 22.17 ? 102 MET A CA  1 
ATOM   698 C  C   . MET A 1 91 ? 6.884   1.801   1.499   1.00 28.32 ? 102 MET A C   1 
ATOM   699 O  O   . MET A 1 91 ? 7.241   2.248   0.403   1.00 25.92 ? 102 MET A O   1 
ATOM   700 C  CB  . MET A 1 91 ? 7.075   -0.668  1.752   1.00 22.33 ? 102 MET A CB  1 
ATOM   701 C  CG  . MET A 1 91 ? 8.022   -1.797  2.110   1.00 25.23 ? 102 MET A CG  1 
ATOM   702 S  SD  . MET A 1 91 ? 7.549   -3.465  1.577   1.00 29.01 ? 102 MET A SD  1 
ATOM   703 C  CE  . MET A 1 91 ? 6.263   -3.766  2.583   1.00 26.86 ? 102 MET A CE  1 
ATOM   704 N  N   . ILE A 1 92 ? 5.838   2.281   2.210   1.00 25.29 ? 103 ILE A N   1 
ATOM   705 C  CA  . ILE A 1 92 ? 5.011   3.411   1.744   1.00 23.77 ? 103 ILE A CA  1 
ATOM   706 C  C   . ILE A 1 92 ? 5.857   4.692   1.824   1.00 21.62 ? 103 ILE A C   1 
ATOM   707 O  O   . ILE A 1 92 ? 5.806   5.450   0.895   1.00 24.68 ? 103 ILE A O   1 
ATOM   708 C  CB  . ILE A 1 92 ? 3.685   3.486   2.503   1.00 24.34 ? 103 ILE A CB  1 
ATOM   709 C  CG1 . ILE A 1 92 ? 2.829   2.180   2.184   1.00 24.16 ? 103 ILE A CG1 1 
ATOM   710 C  CG2 . ILE A 1 92 ? 2.934   4.753   2.065   1.00 27.85 ? 103 ILE A CG2 1 
ATOM   711 C  CD1 . ILE A 1 92 ? 1.554   2.025   2.946   1.00 29.36 ? 103 ILE A CD1 1 
ATOM   712 N  N   . TYR A 1 93 ? 6.667   4.938   2.903   1.00 23.22 ? 104 TYR A N   1 
ATOM   713 C  CA  . TYR A 1 93 ? 7.452   6.156   2.982   1.00 22.83 ? 104 TYR A CA  1 
ATOM   714 C  C   . TYR A 1 93 ? 8.439   6.292   1.800   1.00 28.17 ? 104 TYR A C   1 
ATOM   715 O  O   . TYR A 1 93 ? 8.692   7.403   1.324   1.00 28.28 ? 104 TYR A O   1 
ATOM   716 C  CB  . TYR A 1 93 ? 8.210   6.306   4.323   1.00 26.09 ? 104 TYR A CB  1 
ATOM   717 C  CG  . TYR A 1 93 ? 7.312   6.651   5.502   1.00 26.50 ? 104 TYR A CG  1 
ATOM   718 C  CD1 . TYR A 1 93 ? 6.592   7.837   5.526   1.00 29.68 ? 104 TYR A CD1 1 
ATOM   719 C  CD2 . TYR A 1 93 ? 7.206   5.801   6.595   1.00 24.44 ? 104 TYR A CD2 1 
ATOM   720 C  CE1 . TYR A 1 93 ? 5.771   8.162   6.586   1.00 30.84 ? 104 TYR A CE1 1 
ATOM   721 C  CE2 . TYR A 1 93 ? 6.398   6.130   7.696   1.00 23.13 ? 104 TYR A CE2 1 
ATOM   722 C  CZ  . TYR A 1 93 ? 5.676   7.314   7.676   1.00 27.75 ? 104 TYR A CZ  1 
ATOM   723 O  OH  . TYR A 1 93 ? 4.808   7.644   8.677   1.00 30.69 ? 104 TYR A OH  1 
ATOM   724 N  N   . ARG A 1 94 ? 8.954   5.169   1.305   1.00 26.22 ? 105 ARG A N   1 
ATOM   725 C  CA  . ARG A 1 94 ? 9.829   5.207   0.129   1.00 28.44 ? 105 ARG A CA  1 
ATOM   726 C  C   . ARG A 1 94 ? 9.090   5.806   -1.093  1.00 29.13 ? 105 ARG A C   1 
ATOM   727 O  O   . ARG A 1 94 ? 9.742   6.272   -2.019  1.00 30.75 ? 105 ARG A O   1 
ATOM   728 C  CB  . ARG A 1 94 ? 10.366  3.786   -0.168  1.00 29.59 ? 105 ARG A CB  1 
ATOM   729 C  CG  . ARG A 1 94 ? 11.411  3.329   0.874   1.00 38.02 ? 105 ARG A CG  1 
ATOM   730 C  CD  . ARG A 1 94 ? 11.761  1.852   0.711   1.00 54.61 ? 105 ARG A CD  1 
ATOM   731 N  NE  . ARG A 1 94 ? 12.806  1.476   1.673   1.00 67.16 ? 105 ARG A NE  1 
ATOM   732 C  CZ  . ARG A 1 94 ? 12.878  0.343   2.373   1.00 83.35 ? 105 ARG A CZ  1 
ATOM   733 N  NH1 . ARG A 1 94 ? 11.942  -0.594  2.244   1.00 73.39 ? 105 ARG A NH1 1 
ATOM   734 N  NH2 . ARG A 1 94 ? 13.885  0.140   3.216   1.00 70.50 ? 105 ARG A NH2 1 
ATOM   735 N  N   . ASN A 1 95 ? 7.743   5.796   -1.083  1.00 24.30 ? 106 ASN A N   1 
ATOM   736 C  CA  . ASN A 1 95 ? 6.895   6.238   -2.188  1.00 22.86 ? 106 ASN A CA  1 
ATOM   737 C  C   . ASN A 1 95 ? 6.162   7.549   -1.940  1.00 28.77 ? 106 ASN A C   1 
ATOM   738 O  O   . ASN A 1 95 ? 5.243   7.925   -2.687  1.00 28.10 ? 106 ASN A O   1 
ATOM   739 C  CB  . ASN A 1 95 ? 5.911   5.126   -2.516  1.00 24.05 ? 106 ASN A CB  1 
ATOM   740 C  CG  . ASN A 1 95 ? 6.640   3.945   -3.153  1.00 27.12 ? 106 ASN A CG  1 
ATOM   741 O  OD1 . ASN A 1 95 ? 7.006   3.987   -4.334  1.00 28.17 ? 106 ASN A OD1 1 
ATOM   742 N  ND2 . ASN A 1 95 ? 6.899   2.894   -2.386  1.00 27.86 ? 106 ASN A ND2 1 
ATOM   743 N  N   . LEU A 1 96 ? 6.552   8.254   -0.904  1.00 25.67 ? 107 LEU A N   1 
ATOM   744 C  CA  . LEU A 1 96 ? 6.015   9.580   -0.610  1.00 27.49 ? 107 LEU A CA  1 
ATOM   745 C  C   . LEU A 1 96 ? 7.049   10.653  -0.901  1.00 31.84 ? 107 LEU A C   1 
ATOM   746 O  O   . LEU A 1 96 ? 8.257   10.470  -0.693  1.00 32.75 ? 107 LEU A O   1 
ATOM   747 C  CB  . LEU A 1 96 ? 5.595   9.645   0.853   1.00 27.54 ? 107 LEU A CB  1 
ATOM   748 C  CG  . LEU A 1 96 ? 4.513   8.623   1.330   1.00 29.72 ? 107 LEU A CG  1 
ATOM   749 C  CD1 . LEU A 1 96 ? 4.251   8.808   2.816   1.00 29.13 ? 107 LEU A CD1 1 
ATOM   750 C  CD2 . LEU A 1 96 ? 3.224   8.704   0.457   1.00 27.17 ? 107 LEU A CD2 1 
ATOM   751 N  N   . VAL A 1 97 ? 6.559   11.776  -1.401  1.00 29.59 ? 108 VAL A N   1 
ATOM   752 C  CA  . VAL A 1 97 ? 7.352   12.988  -1.636  1.00 31.57 ? 108 VAL A CA  1 
ATOM   753 C  C   . VAL A 1 97 ? 8.006   13.401  -0.351  1.00 44.44 ? 108 VAL A C   1 
ATOM   754 O  O   . VAL A 1 97 ? 7.350   13.301  0.706   1.00 40.76 ? 108 VAL A O   1 
ATOM   755 C  CB  . VAL A 1 97 ? 6.518   14.101  -2.289  1.00 35.55 ? 108 VAL A CB  1 
ATOM   756 C  CG1 . VAL A 1 97 ? 7.297   15.418  -2.352  1.00 35.16 ? 108 VAL A CG1 1 
ATOM   757 C  CG2 . VAL A 1 97 ? 6.064   13.675  -3.684  1.00 35.98 ? 108 VAL A CG2 1 
HETATM 758 C  C1  . EDO B 2 .  ? -10.945 5.313   5.710   1.00 63.15 ? 201 EDO A C1  1 
HETATM 759 O  O1  . EDO B 2 .  ? -9.825  6.139   5.447   1.00 61.25 ? 201 EDO A O1  1 
HETATM 760 C  C2  . EDO B 2 .  ? -10.518 3.827   5.665   1.00 61.96 ? 201 EDO A C2  1 
HETATM 761 O  O2  . EDO B 2 .  ? -9.372  3.586   6.482   1.00 59.87 ? 201 EDO A O2  1 
HETATM 762 C  C1  . EDO C 2 .  ? -2.263  -19.099 6.625   1.00 46.62 ? 202 EDO A C1  1 
HETATM 763 O  O1  . EDO C 2 .  ? -3.412  -18.764 5.799   1.00 45.75 ? 202 EDO A O1  1 
HETATM 764 C  C2  . EDO C 2 .  ? -1.914  -17.954 7.601   1.00 39.84 ? 202 EDO A C2  1 
HETATM 765 O  O2  . EDO C 2 .  ? -2.878  -16.944 7.448   1.00 43.41 ? 202 EDO A O2  1 
HETATM 766 C  C1  . EDO D 2 .  ? -6.936  17.750  -3.577  1.00 66.50 ? 203 EDO A C1  1 
HETATM 767 O  O1  . EDO D 2 .  ? -7.663  17.384  -2.399  1.00 69.85 ? 203 EDO A O1  1 
HETATM 768 C  C2  . EDO D 2 .  ? -5.517  18.196  -3.167  1.00 61.25 ? 203 EDO A C2  1 
HETATM 769 O  O2  . EDO D 2 .  ? -4.979  17.200  -2.313  1.00 57.09 ? 203 EDO A O2  1 
HETATM 770 C  C11 . U3Z E 3 .  ? -5.609  -5.900  5.461   1.00 30.64 ? 204 U3Z A C11 1 
HETATM 771 C  C13 . U3Z E 3 .  ? -5.509  -6.716  4.244   1.00 26.61 ? 204 U3Z A C13 1 
HETATM 772 C  C14 . U3Z E 3 .  ? -5.408  -8.072  4.116   1.00 24.41 ? 204 U3Z A C14 1 
HETATM 773 C  C15 . U3Z E 3 .  ? -5.331  -8.671  2.846   1.00 25.10 ? 204 U3Z A C15 1 
HETATM 774 C  C16 . U3Z E 3 .  ? -5.142  -10.189 2.739   1.00 28.94 ? 204 U3Z A C16 1 
HETATM 775 C  C21 . U3Z E 3 .  ? -5.466  -6.442  1.870   1.00 24.19 ? 204 U3Z A C21 1 
HETATM 776 C  C22 . U3Z E 3 .  ? -5.546  -5.889  3.137   1.00 27.73 ? 204 U3Z A C22 1 
HETATM 777 C  C23 . U3Z E 3 .  ? -5.602  -4.436  3.610   1.00 25.21 ? 204 U3Z A C23 1 
HETATM 778 C  C25 . U3Z E 3 .  ? -7.972  -4.035  3.497   1.00 30.02 ? 204 U3Z A C25 1 
HETATM 779 C  C26 . U3Z E 3 .  ? -8.956  -3.230  2.684   1.00 29.96 ? 204 U3Z A C26 1 
HETATM 780 C  C27 . U3Z E 3 .  ? -9.269  -3.715  1.304   1.00 33.73 ? 204 U3Z A C27 1 
HETATM 781 C  C28 . U3Z E 3 .  ? -10.284 -3.887  2.400   1.00 34.47 ? 204 U3Z A C28 1 
HETATM 782 O  O30 . U3Z E 3 .  ? -9.073  -1.356  4.251   1.00 35.15 ? 204 U3Z A O30 1 
HETATM 783 C  C31 . U3Z E 3 .  ? -4.248  -3.794  3.210   1.00 25.27 ? 204 U3Z A C31 1 
HETATM 784 C  C36 . U3Z E 3 .  ? -1.873  -4.009  2.771   1.00 23.43 ? 204 U3Z A C36 1 
HETATM 785 C  C37 . U3Z E 3 .  ? -3.089  -4.571  3.161   1.00 29.04 ? 204 U3Z A C37 1 
HETATM 786 C  C01 . U3Z E 3 .  ? -4.136  -1.643  6.743   1.00 28.08 ? 204 U3Z A C01 1 
HETATM 787 C  C02 . U3Z E 3 .  ? -2.914  -1.145  7.167   1.00 28.84 ? 204 U3Z A C02 1 
HETATM 788 C  C03 . U3Z E 3 .  ? -1.830  -2.009  7.318   1.00 27.84 ? 204 U3Z A C03 1 
HETATM 789 C  C04 . U3Z E 3 .  ? -0.555  -1.506  7.760   1.00 31.57 ? 204 U3Z A C04 1 
HETATM 790 C  C05 . U3Z E 3 .  ? 0.488   -1.091  8.124   1.00 28.11 ? 204 U3Z A C05 1 
HETATM 791 C  C06 . U3Z E 3 .  ? -1.995  -3.363  7.034   1.00 25.15 ? 204 U3Z A C06 1 
HETATM 792 C  C07 . U3Z E 3 .  ? -3.228  -3.854  6.635   1.00 24.81 ? 204 U3Z A C07 1 
HETATM 793 C  C08 . U3Z E 3 .  ? -4.301  -2.994  6.453   1.00 27.99 ? 204 U3Z A C08 1 
HETATM 794 C  C09 . U3Z E 3 .  ? -5.644  -3.503  6.000   1.00 23.20 ? 204 U3Z A C09 1 
HETATM 795 N  N10 . U3Z E 3 .  ? -5.627  -4.609  5.052   1.00 27.95 ? 204 U3Z A N10 1 
HETATM 796 O  O12 . U3Z E 3 .  ? -5.671  -6.272  6.633   1.00 30.88 ? 204 U3Z A O12 1 
HETATM 797 C  C17 . U3Z E 3 .  ? -6.302  -10.944 2.076   1.00 27.29 ? 204 U3Z A C17 1 
HETATM 798 C  C18 . U3Z E 3 .  ? -3.837  -10.498 1.995   1.00 30.35 ? 204 U3Z A C18 1 
HETATM 799 O  O19 . U3Z E 3 .  ? -4.885  -10.683 4.067   1.00 30.65 ? 204 U3Z A O19 1 
HETATM 800 C  C20 . U3Z E 3 .  ? -5.339  -7.840  1.726   1.00 24.57 ? 204 U3Z A C20 1 
HETATM 801 O  O24 . U3Z E 3 .  ? -6.649  -3.659  3.097   1.00 29.18 ? 204 U3Z A O24 1 
HETATM 802 C  C29 . U3Z E 3 .  ? -8.940  -1.735  2.884   1.00 31.61 ? 204 U3Z A C29 1 
HETATM 803 C  C32 . U3Z E 3 .  ? -4.171  -2.450  2.851   1.00 30.22 ? 204 U3Z A C32 1 
HETATM 804 C  C33 . U3Z E 3 .  ? -2.956  -1.891  2.453   1.00 28.37 ? 204 U3Z A C33 1 
HETATM 805 C  C34 . U3Z E 3 .  ? -1.827  -2.683  2.423   1.00 26.33 ? 204 U3Z A C34 1 
HETATM 806 CL CL1 . U3Z E 3 .  ? -0.314  -1.996  1.889   1.00 27.33 ? 204 U3Z A CL1 1 
HETATM 807 O  O   . HOH F 4 .  ? 11.234  -1.139  -0.200  1.00 50.34 ? 301 HOH A O   1 
HETATM 808 O  O   . HOH F 4 .  ? -2.284  14.442  -9.994  1.00 49.75 ? 302 HOH A O   1 
HETATM 809 O  O   . HOH F 4 .  ? 8.650   -8.796  2.055   1.00 44.45 ? 303 HOH A O   1 
HETATM 810 O  O   . HOH F 4 .  ? 1.018   -10.203 -9.754  1.00 60.80 ? 304 HOH A O   1 
HETATM 811 O  O   . HOH F 4 .  ? 11.353  -2.481  -7.267  1.00 36.45 ? 305 HOH A O   1 
HETATM 812 O  O   . HOH F 4 .  ? 6.664   -0.388  -12.781 1.00 52.26 ? 306 HOH A O   1 
HETATM 813 O  O   . HOH F 4 .  ? 4.460   -17.966 -0.327  1.00 40.90 ? 307 HOH A O   1 
HETATM 814 O  O   . HOH F 4 .  ? -3.140  -13.963 0.740   1.00 26.20 ? 308 HOH A O   1 
HETATM 815 O  O   . HOH F 4 .  ? 3.712   13.764  5.375   0.50 46.29 ? 309 HOH A O   1 
HETATM 816 O  O   . HOH F 4 .  ? -0.784  -8.224  -11.136 1.00 37.02 ? 310 HOH A O   1 
HETATM 817 O  O   . HOH F 4 .  ? 1.116   10.292  -11.310 1.00 51.81 ? 311 HOH A O   1 
HETATM 818 O  O   . HOH F 4 .  ? -5.590  -11.852 11.174  1.00 54.22 ? 312 HOH A O   1 
HETATM 819 O  O   . HOH F 4 .  ? -11.061 -9.660  -4.605  1.00 40.55 ? 313 HOH A O   1 
HETATM 820 O  O   . HOH F 4 .  ? -2.801  -6.617  10.413  1.00 44.51 ? 314 HOH A O   1 
HETATM 821 O  O   . HOH F 4 .  ? -7.310  -0.110  5.860   1.00 49.40 ? 315 HOH A O   1 
HETATM 822 O  O   . HOH F 4 .  ? -9.195  8.188   -9.952  1.00 46.32 ? 316 HOH A O   1 
HETATM 823 O  O   . HOH F 4 .  ? 0.605   13.441  -5.135  1.00 39.49 ? 317 HOH A O   1 
HETATM 824 O  O   . HOH F 4 .  ? -6.893  2.450   6.173   1.00 40.55 ? 318 HOH A O   1 
HETATM 825 O  O   . HOH F 4 .  ? -4.321  -17.103 -5.808  1.00 43.93 ? 319 HOH A O   1 
HETATM 826 O  O   . HOH F 4 .  ? 3.436   13.129  -7.029  1.00 38.67 ? 320 HOH A O   1 
HETATM 827 O  O   . HOH F 4 .  ? 5.324   -3.572  13.092  1.00 35.58 ? 321 HOH A O   1 
HETATM 828 O  O   . HOH F 4 .  ? -8.049  9.584   7.373   1.00 45.94 ? 322 HOH A O   1 
HETATM 829 O  O   . HOH F 4 .  ? -9.506  13.434  4.066   1.00 62.51 ? 323 HOH A O   1 
HETATM 830 O  O   . HOH F 4 .  ? -5.455  15.102  -8.124  1.00 60.86 ? 324 HOH A O   1 
HETATM 831 O  O   . HOH F 4 .  ? -3.050  2.795   8.684   1.00 37.98 ? 325 HOH A O   1 
HETATM 832 O  O   . HOH F 4 .  ? 4.591   -13.069 -10.836 1.00 45.74 ? 326 HOH A O   1 
HETATM 833 O  O   . HOH F 4 .  ? 13.329  -7.271  -1.801  1.00 44.88 ? 327 HOH A O   1 
HETATM 834 O  O   . HOH F 4 .  ? -11.760 -1.358  4.738   1.00 57.06 ? 328 HOH A O   1 
HETATM 835 O  O   . HOH F 4 .  ? 6.898   -6.443  -9.573  1.00 30.58 ? 329 HOH A O   1 
HETATM 836 O  O   . HOH F 4 .  ? 2.717   -10.728 -17.060 1.00 52.51 ? 330 HOH A O   1 
HETATM 837 O  O   . HOH F 4 .  ? 8.323   3.572   8.799   1.00 25.31 ? 331 HOH A O   1 
HETATM 838 O  O   . HOH F 4 .  ? 5.445   2.039   15.637  1.00 40.52 ? 332 HOH A O   1 
HETATM 839 O  O   . HOH F 4 .  ? -4.185  5.695   -12.568 1.00 38.72 ? 333 HOH A O   1 
HETATM 840 O  O   . HOH F 4 .  ? 2.761   9.518   8.263   1.00 33.95 ? 334 HOH A O   1 
HETATM 841 O  O   . HOH F 4 .  ? 10.897  -0.617  8.914   1.00 38.23 ? 335 HOH A O   1 
HETATM 842 O  O   . HOH F 4 .  ? 3.965   -12.759 -5.745  1.00 32.63 ? 336 HOH A O   1 
HETATM 843 O  O   . HOH F 4 .  ? 6.946   -4.632  10.829  1.00 32.57 ? 337 HOH A O   1 
HETATM 844 O  O   . HOH F 4 .  ? 5.600   -4.690  -13.266 1.00 49.29 ? 338 HOH A O   1 
HETATM 845 O  O   . HOH F 4 .  ? 0.905   -3.662  -12.493 1.00 28.86 ? 339 HOH A O   1 
HETATM 846 O  O   . HOH F 4 .  ? -3.262  -9.423  -10.849 1.00 36.64 ? 340 HOH A O   1 
HETATM 847 O  O   . HOH F 4 .  ? 10.400  9.678   1.255   1.00 43.32 ? 341 HOH A O   1 
HETATM 848 O  O   . HOH F 4 .  ? 6.597   -12.645 2.264   1.00 40.90 ? 342 HOH A O   1 
HETATM 849 O  O   . HOH F 4 .  ? -4.514  14.806  7.908   1.00 47.14 ? 343 HOH A O   1 
HETATM 850 O  O   . HOH F 4 .  ? -1.499  -1.358  -12.153 1.00 48.59 ? 344 HOH A O   1 
HETATM 851 O  O   . HOH F 4 .  ? -2.339  -20.610 -6.111  1.00 38.75 ? 345 HOH A O   1 
HETATM 852 O  O   . HOH F 4 .  ? 1.745   16.571  7.028   1.00 30.53 ? 346 HOH A O   1 
HETATM 853 O  O   . HOH F 4 .  ? -6.850  -17.898 -3.445  1.00 38.49 ? 347 HOH A O   1 
HETATM 854 O  O   . HOH F 4 .  ? -11.167 -14.533 -4.826  1.00 57.62 ? 348 HOH A O   1 
HETATM 855 O  O   . HOH F 4 .  ? -2.205  5.666   18.979  1.00 49.87 ? 349 HOH A O   1 
HETATM 856 O  O   . HOH F 4 .  ? -5.893  -14.891 -6.093  1.00 62.39 ? 350 HOH A O   1 
HETATM 857 O  O   . HOH F 4 .  ? -1.494  -6.603  -13.884 1.00 56.19 ? 351 HOH A O   1 
HETATM 858 O  O   . HOH F 4 .  ? -0.734  1.502   -17.150 1.00 61.81 ? 352 HOH A O   1 
HETATM 859 O  O   . HOH F 4 .  ? 4.543   -7.705  -17.062 1.00 68.74 ? 353 HOH A O   1 
HETATM 860 O  O   . HOH F 4 .  ? -6.708  15.560  1.183   1.00 64.46 ? 354 HOH A O   1 
HETATM 861 O  O   . HOH F 4 .  ? 11.071  0.706   -5.187  1.00 41.59 ? 355 HOH A O   1 
HETATM 862 O  O   . HOH F 4 .  ? -5.284  -21.486 4.718   1.00 48.47 ? 356 HOH A O   1 
HETATM 863 O  O   . HOH F 4 .  ? 6.699   -9.094  5.291   1.00 35.04 ? 357 HOH A O   1 
HETATM 864 O  O   . HOH F 4 .  ? -0.374  -16.053 5.671   1.00 38.76 ? 358 HOH A O   1 
HETATM 865 O  O   . HOH F 4 .  ? 9.892   3.125   -4.818  1.00 40.96 ? 359 HOH A O   1 
HETATM 866 O  O   . HOH F 4 .  ? -8.252  -9.342  -11.093 1.00 47.61 ? 360 HOH A O   1 
HETATM 867 O  O   . HOH F 4 .  ? -4.112  -5.755  13.907  1.00 66.53 ? 361 HOH A O   1 
HETATM 868 O  O   . HOH F 4 .  ? -1.534  6.469   -15.883 1.00 44.67 ? 362 HOH A O   1 
HETATM 869 O  O   . HOH F 4 .  ? 10.425  -2.095  4.718   1.00 45.90 ? 363 HOH A O   1 
HETATM 870 O  O   . HOH F 4 .  ? -10.706 -9.774  -11.646 1.00 50.69 ? 364 HOH A O   1 
HETATM 871 O  O   . HOH F 4 .  ? -11.144 0.355   -10.338 1.00 43.05 ? 365 HOH A O   1 
HETATM 872 O  O   . HOH F 4 .  ? -10.192 10.371  -2.991  1.00 43.66 ? 366 HOH A O   1 
HETATM 873 O  O   . HOH F 4 .  ? -0.747  8.835   18.700  1.00 32.00 ? 367 HOH A O   1 
HETATM 874 O  O   . HOH F 4 .  ? -10.748 9.764   1.038   1.00 57.48 ? 368 HOH A O   1 
HETATM 875 O  O   . HOH F 4 .  ? -6.313  6.500   13.628  1.00 58.77 ? 369 HOH A O   1 
HETATM 876 O  O   . HOH F 4 .  ? 11.861  -3.588  0.546   1.00 63.69 ? 370 HOH A O   1 
HETATM 877 O  O   . HOH F 4 .  ? 12.349  8.482   -0.326  1.00 50.10 ? 371 HOH A O   1 
HETATM 878 O  O   . HOH F 4 .  ? -2.593  0.907   -11.728 1.00 52.66 ? 372 HOH A O   1 
HETATM 879 O  O   . HOH F 4 .  ? -3.397  2.715   17.109  1.00 66.46 ? 373 HOH A O   1 
HETATM 880 O  O   . HOH F 4 .  ? 11.321  0.241   -2.465  1.00 60.31 ? 374 HOH A O   1 
HETATM 881 O  O   . HOH F 4 .  ? 4.428   -12.141 9.699   1.00 60.26 ? 375 HOH A O   1 
HETATM 882 O  O   . HOH F 4 .  ? -6.998  14.312  3.549   1.00 63.49 ? 376 HOH A O   1 
HETATM 883 O  O   . HOH F 4 .  ? -1.440  9.616   -11.527 1.00 61.24 ? 377 HOH A O   1 
HETATM 884 O  O   . HOH F 4 .  ? 2.077   1.726   19.023  1.00 54.24 ? 378 HOH A O   1 
HETATM 885 O  O   . HOH F 4 .  ? -4.329  -9.425  9.944   1.00 61.87 ? 379 HOH A O   1 
HETATM 886 O  O   . HOH F 4 .  ? 1.160   -23.035 0.435   1.00 49.63 ? 380 HOH A O   1 
HETATM 887 O  O   . HOH F 4 .  ? -3.210  -16.653 11.187  1.00 54.98 ? 381 HOH A O   1 
HETATM 888 O  O   . HOH F 4 .  ? -4.596  11.508  15.086  1.00 62.38 ? 382 HOH A O   1 
HETATM 889 O  O   . HOH F 4 .  ? -4.042  15.960  -11.724 1.00 73.18 ? 383 HOH A O   1 
HETATM 890 O  O   . HOH F 4 .  ? 12.949  11.706  -2.606  1.00 67.03 ? 384 HOH A O   1 
HETATM 891 O  O   . HOH F 4 .  ? 2.047   -12.715 -11.813 1.00 38.44 ? 385 HOH A O   1 
HETATM 892 O  O   . HOH F 4 .  ? -2.145  0.115   11.562  1.00 54.80 ? 386 HOH A O   1 
HETATM 893 O  O   . HOH F 4 .  ? -5.108  -4.752  10.097  1.00 69.79 ? 387 HOH A O   1 
HETATM 894 O  O   . HOH F 4 .  ? -9.241  -4.778  7.016   1.00 65.87 ? 388 HOH A O   1 
HETATM 895 O  O   . HOH F 4 .  ? -6.605  -20.344 -4.423  1.00 63.40 ? 389 HOH A O   1 
HETATM 896 O  O   . HOH F 4 .  ? -3.914  10.688  18.354  1.00 60.86 ? 390 HOH A O   1 
HETATM 897 O  O   . HOH F 4 .  ? -13.126 2.358   -3.276  1.00 53.65 ? 391 HOH A O   1 
HETATM 898 O  O   . HOH F 4 .  ? 9.806   -3.833  11.901  1.00 64.71 ? 392 HOH A O   1 
HETATM 899 O  O   . HOH F 4 .  ? -5.257  1.544   7.892   1.00 42.20 ? 393 HOH A O   1 
HETATM 900 O  O   . HOH F 4 .  ? 4.078   11.510  6.915   0.50 28.51 ? 394 HOH A O   1 
HETATM 901 O  O   . HOH F 4 .  ? 5.305   2.938   18.358  1.00 40.57 ? 395 HOH A O   1 
HETATM 902 O  O   . HOH F 4 .  ? 1.905   13.018  -9.828  1.00 62.30 ? 396 HOH A O   1 
HETATM 903 O  O   . HOH F 4 .  ? 1.082   -1.495  -14.037 1.00 49.24 ? 397 HOH A O   1 
HETATM 904 O  O   . HOH F 4 .  ? 11.023  13.621  -2.342  1.00 53.28 ? 398 HOH A O   1 
HETATM 905 O  O   . HOH F 4 .  ? 0.455   9.953   -13.854 1.00 60.85 ? 399 HOH A O   1 
HETATM 906 O  O   . HOH F 4 .  ? 4.198   -15.128 7.058   1.00 57.25 ? 400 HOH A O   1 
HETATM 907 O  O   . HOH F 4 .  ? 3.841   -11.448 12.702  1.00 60.94 ? 401 HOH A O   1 
HETATM 908 O  O   . HOH F 4 .  ? 8.624   -6.900  3.967   1.00 52.36 ? 402 HOH A O   1 
HETATM 909 O  O   . HOH F 4 .  ? -2.583  8.386   -13.812 1.00 59.33 ? 403 HOH A O   1 
HETATM 910 O  O   . HOH F 4 .  ? -5.890  -2.221  10.129  1.00 69.45 ? 404 HOH A O   1 
HETATM 911 O  O   . HOH F 4 .  ? -15.605 3.578   -0.204  1.00 50.42 ? 405 HOH A O   1 
# 
loop_
_atom_site_anisotrop.id 
_atom_site_anisotrop.type_symbol 
_atom_site_anisotrop.pdbx_label_atom_id 
_atom_site_anisotrop.pdbx_label_alt_id 
_atom_site_anisotrop.pdbx_label_comp_id 
_atom_site_anisotrop.pdbx_label_asym_id 
_atom_site_anisotrop.pdbx_label_seq_id 
_atom_site_anisotrop.pdbx_PDB_ins_code 
_atom_site_anisotrop.U[1][1] 
_atom_site_anisotrop.U[2][2] 
_atom_site_anisotrop.U[3][3] 
_atom_site_anisotrop.U[1][2] 
_atom_site_anisotrop.U[1][3] 
_atom_site_anisotrop.U[2][3] 
_atom_site_anisotrop.pdbx_auth_seq_id 
_atom_site_anisotrop.pdbx_auth_comp_id 
_atom_site_anisotrop.pdbx_auth_asym_id 
_atom_site_anisotrop.pdbx_auth_atom_id 
1   N N   . SER A 6  ? 0.9751 1.0398 0.8026 -0.0824 0.1398  -0.0679 17  SER A N   
2   C CA  . SER A 6  ? 0.9717 1.0266 0.7785 -0.0914 0.1377  -0.0580 17  SER A CA  
3   C C   . SER A 6  ? 0.9572 0.9967 0.7376 -0.0930 0.1236  -0.0526 17  SER A C   
4   O O   . SER A 6  ? 0.9758 1.0022 0.7254 -0.0993 0.1265  -0.0529 17  SER A O   
5   C CB  . SER A 6  ? 1.0131 1.0749 0.8408 -0.0907 0.1330  -0.0507 17  SER A CB  
6   O OG  . SER A 6  ? 1.1515 1.2015 0.9595 -0.0982 0.1284  -0.0402 17  SER A OG  
7   N N   . GLN A 7  ? 0.8281 0.8686 0.6214 -0.0873 0.1085  -0.0484 18  GLN A N   
8   C CA  . GLN A 7  ? 0.7863 0.8163 0.5654 -0.0869 0.0934  -0.0452 18  GLN A CA  
9   C C   . GLN A 7  ? 0.7413 0.7741 0.5279 -0.0809 0.0911  -0.0540 18  GLN A C   
10  O O   . GLN A 7  ? 0.7518 0.7767 0.5269 -0.0812 0.0807  -0.0542 18  GLN A O   
11  C CB  . GLN A 7  ? 0.7850 0.8162 0.5793 -0.0842 0.0801  -0.0370 18  GLN A CB  
12  C CG  . GLN A 7  ? 0.8527 0.8789 0.6405 -0.0898 0.0795  -0.0274 18  GLN A CG  
13  C CD  . GLN A 7  ? 0.9964 1.0293 0.8096 -0.0854 0.0725  -0.0224 18  GLN A CD  
14  O OE1 . GLN A 7  ? 0.8220 0.8564 0.6480 -0.0800 0.0619  -0.0227 18  GLN A OE1 
15  N NE2 . GLN A 7  ? 0.8577 0.8941 0.6788 -0.0882 0.0790  -0.0186 18  GLN A NE2 
16  N N   . ILE A 8  ? 0.5947 0.6377 0.4014 -0.0751 0.0997  -0.0612 19  ILE A N   
17  C CA  . ILE A 8  ? 0.5296 0.5728 0.3431 -0.0693 0.0978  -0.0689 19  ILE A CA  
18  C C   . ILE A 8  ? 0.5380 0.5798 0.3404 -0.0702 0.1099  -0.0781 19  ILE A C   
19  O O   . ILE A 8  ? 0.4737 0.5226 0.2830 -0.0705 0.1222  -0.0813 19  ILE A O   
20  C CB  . ILE A 8  ? 0.5151 0.5664 0.3563 -0.0615 0.0967  -0.0706 19  ILE A CB  
21  C CG1 . ILE A 8  ? 0.5219 0.5746 0.3749 -0.0608 0.0869  -0.0623 19  ILE A CG1 
22  C CG2 . ILE A 8  ? 0.4762 0.5240 0.3201 -0.0564 0.0953  -0.0782 19  ILE A CG2 
23  C CD1 . ILE A 8  ? 0.5437 0.5891 0.3896 -0.0626 0.0744  -0.0586 19  ILE A CD1 
24  N N   . PRO A 9  ? 0.5215 0.5549 0.3085 -0.0708 0.1072  -0.0835 20  PRO A N   
25  C CA  . PRO A 9  ? 0.5107 0.5417 0.2869 -0.0714 0.1197  -0.0932 20  PRO A CA  
26  C C   . PRO A 9  ? 0.5231 0.5641 0.3241 -0.0636 0.1286  -0.1007 20  PRO A C   
27  O O   . PRO A 9  ? 0.5200 0.5642 0.3404 -0.0569 0.1220  -0.1005 20  PRO A O   
28  C CB  . PRO A 9  ? 0.5605 0.5806 0.3202 -0.0722 0.1123  -0.0976 20  PRO A CB  
29  C CG  . PRO A 9  ? 0.6010 0.6174 0.3588 -0.0741 0.0962  -0.0896 20  PRO A CG  
30  C CD  . PRO A 9  ? 0.5469 0.5725 0.3268 -0.0713 0.0933  -0.0818 20  PRO A CD  
31  N N   . ALA A 10 ? 0.4621 0.5068 0.2621 -0.0647 0.1436  -0.1078 21  ALA A N   
32  C CA  . ALA A 10 ? 0.4878 0.5426 0.3139 -0.0567 0.1516  -0.1161 21  ALA A CA  
33  C C   . ALA A 10 ? 0.4926 0.5421 0.3252 -0.0489 0.1454  -0.1218 21  ALA A C   
34  O O   . ALA A 10 ? 0.4767 0.5312 0.3322 -0.0409 0.1425  -0.1235 21  ALA A O   
35  C CB  . ALA A 10 ? 0.5080 0.5657 0.3296 -0.0597 0.1695  -0.1252 21  ALA A CB  
36  N N   . SER A 11 ? 0.4743 0.5118 0.2849 -0.0515 0.1427  -0.1250 22  SER A N   
37  C CA  . SER A 11 ? 0.4608 0.4909 0.2753 -0.0452 0.1383  -0.1313 22  SER A CA  
38  C C   . SER A 11 ? 0.4604 0.4891 0.2880 -0.0412 0.1256  -0.1250 22  SER A C   
39  O O   . SER A 11 ? 0.4734 0.4983 0.3125 -0.0340 0.1236  -0.1290 22  SER A O   
40  C CB  . SER A 11 ? 0.5202 0.5374 0.3081 -0.0503 0.1375  -0.1359 22  SER A CB  
41  O OG  . SER A 11 ? 0.5763 0.5890 0.3485 -0.0574 0.1271  -0.1277 22  SER A OG  
42  N N   . GLU A 12 ? 0.4017 0.4317 0.2259 -0.0460 0.1174  -0.1155 23  GLU A N   
43  C CA  . GLU A 12 ? 0.4064 0.4353 0.2418 -0.0437 0.1072  -0.1096 23  GLU A CA  
44  C C   . GLU A 12 ? 0.4511 0.4878 0.3088 -0.0372 0.1083  -0.1076 23  GLU A C   
45  O O   . GLU A 12 ? 0.4523 0.4841 0.3197 -0.0317 0.1037  -0.1077 23  GLU A O   
46  C CB  . GLU A 12 ? 0.3942 0.4233 0.2217 -0.0503 0.0991  -0.1010 23  GLU A CB  
47  C CG  . GLU A 12 ? 0.4034 0.4315 0.2441 -0.0483 0.0900  -0.0961 23  GLU A CG  
48  C CD  . GLU A 12 ? 0.4182 0.4469 0.2554 -0.0537 0.0809  -0.0889 23  GLU A CD  
49  O OE1 . GLU A 12 ? 0.4401 0.4678 0.2616 -0.0590 0.0796  -0.0869 23  GLU A OE1 
50  O OE2 . GLU A 12 ? 0.4156 0.4443 0.2652 -0.0523 0.0749  -0.0856 23  GLU A OE2 
51  N N   . GLN A 13 ? 0.4209 0.4681 0.2852 -0.0383 0.1147  -0.1062 24  GLN A N   
52  C CA  . GLN A 13 ? 0.3830 0.4384 0.2695 -0.0327 0.1152  -0.1054 24  GLN A CA  
53  C C   . GLN A 13 ? 0.4547 0.5086 0.3540 -0.0236 0.1174  -0.1142 24  GLN A C   
54  O O   . GLN A 13 ? 0.4130 0.4671 0.3281 -0.0170 0.1121  -0.1135 24  GLN A O   
55  C CB  . GLN A 13 ? 0.4139 0.4813 0.3058 -0.0369 0.1234  -0.1038 24  GLN A CB  
56  C CG  . GLN A 13 ? 0.4316 0.4987 0.3103 -0.0456 0.1206  -0.0943 24  GLN A CG  
57  C CD  . GLN A 13 ? 0.6663 0.7435 0.5525 -0.0498 0.1292  -0.0925 24  GLN A CD  
58  O OE1 . GLN A 13 ? 0.5539 0.6408 0.4632 -0.0455 0.1307  -0.0940 24  GLN A OE1 
59  N NE2 . GLN A 13 ? 0.5840 0.6580 0.4500 -0.0586 0.1348  -0.0895 24  GLN A NE2 
60  N N   . GLU A 14 ? 0.4458 0.4963 0.3371 -0.0230 0.1248  -0.1229 25  GLU A N   
61  C CA  . GLU A 14 ? 0.4679 0.5167 0.3722 -0.0139 0.1274  -0.1322 25  GLU A CA  
62  C C   . GLU A 14 ? 0.5363 0.5684 0.4333 -0.0093 0.1197  -0.1338 25  GLU A C   
63  O O   . GLU A 14 ? 0.5676 0.5948 0.4733 -0.0011 0.1201  -0.1410 25  GLU A O   
64  C CB  . GLU A 14 ? 0.4885 0.5425 0.3909 -0.0152 0.1410  -0.1419 25  GLU A CB  
65  C CG  . GLU A 14 ? 0.6696 0.7401 0.5858 -0.0185 0.1503  -0.1418 25  GLU A CG  
66  C CD  . GLU A 14 ? 1.0216 1.1036 0.9691 -0.0112 0.1471  -0.1425 25  GLU A CD  
67  O OE1 . GLU A 14 ? 0.9132 0.9906 0.8744 -0.0010 0.1406  -0.1472 25  GLU A OE1 
68  O OE2 . GLU A 14 ? 0.8657 0.9596 0.8235 -0.0156 0.1502  -0.1381 25  GLU A OE2 
69  N N   . THR A 15 ? 0.4909 0.5138 0.3738 -0.0141 0.1128  -0.1276 26  THR A N   
70  C CA  . THR A 15 ? 0.4576 0.4637 0.3322 -0.0118 0.1078  -0.1297 26  THR A CA  
71  C C   . THR A 15 ? 0.4606 0.4585 0.3454 -0.0043 0.1006  -0.1272 26  THR A C   
72  O O   . THR A 15 ? 0.4547 0.4582 0.3474 -0.0045 0.0964  -0.1205 26  THR A O   
73  C CB  . THR A 15 ? 0.5371 0.5381 0.3960 -0.0206 0.1043  -0.1255 26  THR A CB  
74  O OG1 . THR A 15 ? 0.5571 0.5611 0.4031 -0.0259 0.1100  -0.1298 26  THR A OG1 
75  C CG2 . THR A 15 ? 0.5174 0.5012 0.3693 -0.0200 0.1002  -0.1274 26  THR A CG2 
76  N N   . LEU A 16 ? 0.4183 0.4009 0.3002 0.0018  0.0989  -0.1324 27  LEU A N   
77  C CA  . LEU A 16 ? 0.4321 0.3998 0.3160 0.0083  0.0910  -0.1302 27  LEU A CA  
78  C C   . LEU A 16 ? 0.4605 0.4162 0.3319 0.0021  0.0872  -0.1234 27  LEU A C   
79  O O   . LEU A 16 ? 0.4225 0.3706 0.2818 -0.0040 0.0895  -0.1248 27  LEU A O   
80  C CB  . LEU A 16 ? 0.4580 0.4088 0.3388 0.0164  0.0901  -0.1378 27  LEU A CB  
81  C CG  . LEU A 16 ? 0.5362 0.4707 0.4195 0.0254  0.0808  -0.1365 27  LEU A CG  
82  C CD1 . LEU A 16 ? 0.5709 0.5213 0.4777 0.0330  0.0773  -0.1376 27  LEU A CD1 
83  C CD2 . LEU A 16 ? 0.6617 0.5738 0.5355 0.0314  0.0790  -0.1427 27  LEU A CD2 
84  N N   . VAL A 17 ? 0.4250 0.3786 0.3005 0.0035  0.0816  -0.1171 28  VAL A N   
85  C CA  . VAL A 17 ? 0.4272 0.3701 0.2936 -0.0019 0.0793  -0.1110 28  VAL A CA  
86  C C   . VAL A 17 ? 0.4977 0.4199 0.3579 0.0038  0.0732  -0.1089 28  VAL A C   
87  O O   . VAL A 17 ? 0.4727 0.3941 0.3402 0.0122  0.0680  -0.1102 28  VAL A O   
88  C CB  . VAL A 17 ? 0.4406 0.4011 0.3148 -0.0080 0.0795  -0.1046 28  VAL A CB  
89  C CG1 . VAL A 17 ? 0.4237 0.3994 0.2982 -0.0142 0.0840  -0.1060 28  VAL A CG1 
90  C CG2 . VAL A 17 ? 0.4413 0.4128 0.3287 -0.0035 0.0760  -0.1014 28  VAL A CG2 
91  N N   . ARG A 18 ? 0.4644 0.3687 0.3106 -0.0014 0.0738  -0.1061 29  ARG A N   
92  C CA  . ARG A 18 ? 0.4692 0.3492 0.3028 0.0019  0.0691  -0.1034 29  ARG A CA  
93  C C   . ARG A 18 ? 0.5023 0.3848 0.3360 -0.0039 0.0697  -0.0972 29  ARG A C   
94  O O   . ARG A 18 ? 0.4930 0.3736 0.3226 -0.0123 0.0755  -0.0963 29  ARG A O   
95  C CB  . ARG A 18 ? 0.4824 0.3340 0.2958 0.0002  0.0717  -0.1063 29  ARG A CB  
96  C CG  . ARG A 18 ? 0.5616 0.3826 0.3563 0.0038  0.0663  -0.1032 29  ARG A CG  
97  C CD  . ARG A 18 ? 0.6982 0.4879 0.4704 0.0016  0.0694  -0.1057 29  ARG A CD  
98  N NE  . ARG A 18 ? 0.8034 0.5921 0.5784 0.0075  0.0680  -0.1119 29  ARG A NE  
99  C CZ  . ARG A 18 ? 1.0882 0.8613 0.8586 0.0183  0.0594  -0.1139 29  ARG A CZ  
100 N NH1 . ARG A 18 ? 0.8725 0.6289 0.6340 0.0244  0.0499  -0.1099 29  ARG A NH1 
101 N NH2 . ARG A 18 ? 0.9395 0.7131 0.7145 0.0234  0.0596  -0.1206 29  ARG A NH2 
102 N N   . PRO A 19 ? 0.4611 0.3489 0.3014 0.0004  0.0637  -0.0936 30  PRO A N   
103 C CA  . PRO A 19 ? 0.4589 0.3455 0.2975 -0.0045 0.0641  -0.0882 30  PRO A CA  
104 C C   . PRO A 19 ? 0.5090 0.3668 0.3260 -0.0085 0.0669  -0.0872 30  PRO A C   
105 O O   . PRO A 19 ? 0.5074 0.3396 0.3065 -0.0047 0.0642  -0.0886 30  PRO A O   
106 C CB  . PRO A 19 ? 0.4799 0.3720 0.3267 0.0021  0.0555  -0.0859 30  PRO A CB  
107 C CG  . PRO A 19 ? 0.4992 0.4106 0.3634 0.0080  0.0536  -0.0900 30  PRO A CG  
108 C CD  . PRO A 19 ? 0.4513 0.3484 0.3044 0.0096  0.0564  -0.0950 30  PRO A CD  
109 N N   . LYS A 20 ? 0.4588 0.3197 0.2770 -0.0163 0.0729  -0.0849 31  LYS A N   
110 C CA  . LYS A 20 ? 0.4425 0.2764 0.2409 -0.0213 0.0779  -0.0841 31  LYS A CA  
111 C C   . LYS A 20 ? 0.4866 0.3035 0.2719 -0.0158 0.0699  -0.0806 31  LYS A C   
112 O O   . LYS A 20 ? 0.4730 0.3056 0.2715 -0.0098 0.0615  -0.0788 31  LYS A O   
113 C CB  . LYS A 20 ? 0.4280 0.2724 0.2362 -0.0304 0.0865  -0.0837 31  LYS A CB  
114 C CG  . LYS A 20 ? 0.4562 0.3080 0.2720 -0.0372 0.0941  -0.0882 31  LYS A CG  
115 C CD  . LYS A 20 ? 0.5376 0.4051 0.3704 -0.0447 0.0999  -0.0885 31  LYS A CD  
116 C CE  . LYS A 20 ? 0.5969 0.4721 0.4399 -0.0515 0.1054  -0.0936 31  LYS A CE  
117 N NZ  . LYS A 20 ? 0.7024 0.5959 0.5669 -0.0571 0.1081  -0.0941 31  LYS A NZ  
118 N N   . PRO A 21 ? 0.5153 0.2992 0.2740 -0.0181 0.0722  -0.0799 32  PRO A N   
119 C CA  . PRO A 21 ? 0.5213 0.2842 0.2626 -0.0122 0.0622  -0.0768 32  PRO A CA  
120 C C   . PRO A 21 ? 0.5613 0.3397 0.3152 -0.0105 0.0564  -0.0737 32  PRO A C   
121 O O   . PRO A 21 ? 0.5478 0.3209 0.2989 -0.0029 0.0439  -0.0724 32  PRO A O   
122 C CB  . PRO A 21 ? 0.5659 0.2913 0.2746 -0.0189 0.0698  -0.0764 32  PRO A CB  
123 C CG  . PRO A 21 ? 0.6196 0.3406 0.3261 -0.0240 0.0793  -0.0798 32  PRO A CG  
124 C CD  . PRO A 21 ? 0.5391 0.3002 0.2797 -0.0264 0.0836  -0.0820 32  PRO A CD  
125 N N   . LEU A 22 ? 0.5063 0.3019 0.2739 -0.0172 0.0644  -0.0728 33  LEU A N   
126 C CA  . LEU A 22 ? 0.4814 0.2893 0.2595 -0.0158 0.0592  -0.0699 33  LEU A CA  
127 C C   . LEU A 22 ? 0.5037 0.3445 0.3103 -0.0111 0.0525  -0.0692 33  LEU A C   
128 O O   . LEU A 22 ? 0.4880 0.3343 0.3012 -0.0066 0.0433  -0.0675 33  LEU A O   
129 C CB  . LEU A 22 ? 0.4819 0.2920 0.2626 -0.0241 0.0697  -0.0694 33  LEU A CB  
130 C CG  . LEU A 22 ? 0.5334 0.3092 0.2847 -0.0295 0.0774  -0.0703 33  LEU A CG  
131 C CD1 . LEU A 22 ? 0.5545 0.3380 0.3161 -0.0375 0.0893  -0.0714 33  LEU A CD1 
132 C CD2 . LEU A 22 ? 0.5023 0.2496 0.2268 -0.0244 0.0665  -0.0679 33  LEU A CD2 
133 N N   . LEU A 23 ? 0.4203 0.2820 0.2431 -0.0125 0.0571  -0.0711 34  LEU A N   
134 C CA  . LEU A 23 ? 0.4074 0.2954 0.2520 -0.0081 0.0519  -0.0712 34  LEU A CA  
135 C C   . LEU A 23 ? 0.4553 0.3348 0.2966 0.0010  0.0421  -0.0732 34  LEU A C   
136 O O   . LEU A 23 ? 0.4436 0.3380 0.3009 0.0056  0.0350  -0.0731 34  LEU A O   
137 C CB  . LEU A 23 ? 0.4003 0.3069 0.2567 -0.0113 0.0585  -0.0733 34  LEU A CB  
138 C CG  . LEU A 23 ? 0.4454 0.3788 0.3222 -0.0082 0.0558  -0.0739 34  LEU A CG  
139 C CD1 . LEU A 23 ? 0.4810 0.4307 0.3722 -0.0095 0.0531  -0.0697 34  LEU A CD1 
140 C CD2 . LEU A 23 ? 0.4312 0.3790 0.3142 -0.0123 0.0621  -0.0759 34  LEU A CD2 
141 N N   . LEU A 24 ? 0.4664 0.3217 0.2888 0.0036  0.0411  -0.0755 35  LEU A N   
142 C CA  . LEU A 24 ? 0.4899 0.3352 0.3102 0.0135  0.0298  -0.0778 35  LEU A CA  
143 C C   . LEU A 24 ? 0.5344 0.3684 0.3495 0.0176  0.0181  -0.0754 35  LEU A C   
144 O O   . LEU A 24 ? 0.5242 0.3688 0.3555 0.0251  0.0078  -0.0773 35  LEU A O   
145 C CB  . LEU A 24 ? 0.5402 0.3559 0.3368 0.0153  0.0300  -0.0801 35  LEU A CB  
146 C CG  . LEU A 24 ? 0.6349 0.4420 0.4330 0.0265  0.0182  -0.0836 35  LEU A CG  
147 C CD1 . LEU A 24 ? 0.6170 0.4545 0.4438 0.0302  0.0201  -0.0882 35  LEU A CD1 
148 C CD2 . LEU A 24 ? 0.6987 0.4710 0.4686 0.0277  0.0181  -0.0848 35  LEU A CD2 
149 N N   . LYS A 25 ? 0.5386 0.3511 0.3319 0.0128  0.0198  -0.0723 36  LYS A N   
150 C CA  . LYS A 25 ? 0.5429 0.3432 0.3282 0.0154  0.0092  -0.0700 36  LYS A CA  
151 C C   . LYS A 25 ? 0.5557 0.3887 0.3725 0.0168  0.0050  -0.0697 36  LYS A C   
152 O O   . LYS A 25 ? 0.5406 0.3755 0.3664 0.0236  -0.0082 -0.0708 36  LYS A O   
153 C CB  . LYS A 25 ? 0.5694 0.3471 0.3293 0.0073  0.0170  -0.0672 36  LYS A CB  
154 C CG  . LYS A 25 ? 0.5979 0.3640 0.3485 0.0081  0.0078  -0.0650 36  LYS A CG  
155 C CD  . LYS A 25 ? 0.6327 0.3731 0.3553 -0.0003 0.0180  -0.0635 36  LYS A CD  
156 C CE  . LYS A 25 ? 0.7260 0.4587 0.4418 -0.0008 0.0115  -0.0619 36  LYS A CE  
157 N NZ  . LYS A 25 ? 0.8562 0.5723 0.5613 0.0079  -0.0084 -0.0619 36  LYS A NZ  
158 N N   . LEU A 26 ? 0.4881 0.3460 0.3221 0.0105  0.0154  -0.0684 37  LEU A N   
159 C CA  . LEU A 26 ? 0.4780 0.3653 0.3399 0.0102  0.0133  -0.0676 37  LEU A CA  
160 C C   . LEU A 26 ? 0.5325 0.4377 0.4166 0.0172  0.0072  -0.0714 37  LEU A C   
161 O O   . LEU A 26 ? 0.4805 0.3963 0.3812 0.0206  -0.0015 -0.0722 37  LEU A O   
162 C CB  . LEU A 26 ? 0.4925 0.3998 0.3653 0.0024  0.0256  -0.0654 37  LEU A CB  
163 C CG  . LEU A 26 ? 0.5186 0.4510 0.4139 -0.0002 0.0258  -0.0631 37  LEU A CG  
164 C CD1 . LEU A 26 ? 0.5305 0.4700 0.4269 -0.0079 0.0352  -0.0601 37  LEU A CD1 
165 C CD2 . LEU A 26 ? 0.5023 0.4582 0.4194 0.0025  0.0254  -0.0655 37  LEU A CD2 
166 N N   . LEU A 27 ? 0.4657 0.3744 0.3515 0.0191  0.0120  -0.0746 38  LEU A N   
167 C CA  . LEU A 27 ? 0.4533 0.3808 0.3627 0.0253  0.0086  -0.0796 38  LEU A CA  
168 C C   . LEU A 27 ? 0.4791 0.3920 0.3883 0.0351  -0.0067 -0.0827 38  LEU A C   
169 O O   . LEU A 27 ? 0.4661 0.3968 0.4012 0.0398  -0.0131 -0.0861 38  LEU A O   
170 C CB  . LEU A 27 ? 0.4247 0.3570 0.3342 0.0254  0.0172  -0.0832 38  LEU A CB  
171 C CG  . LEU A 27 ? 0.4762 0.4207 0.3843 0.0164  0.0305  -0.0810 38  LEU A CG  
172 C CD1 . LEU A 27 ? 0.4904 0.4335 0.3942 0.0173  0.0367  -0.0855 38  LEU A CD1 
173 C CD2 . LEU A 27 ? 0.4306 0.4029 0.3595 0.0119  0.0348  -0.0791 38  LEU A CD2 
174 N N   . LYS A 28 ? 0.4873 0.3670 0.3679 0.0379  -0.0128 -0.0817 39  LYS A N   
175 C CA  . LYS A 28 ? 0.5037 0.3631 0.3783 0.0476  -0.0301 -0.0839 39  LYS A CA  
176 C C   . LYS A 28 ? 0.5701 0.4324 0.4524 0.0483  -0.0412 -0.0824 39  LYS A C   
177 O O   . LYS A 28 ? 0.5489 0.4112 0.4450 0.0568  -0.0565 -0.0861 39  LYS A O   
178 C CB  . LYS A 28 ? 0.5889 0.4070 0.4245 0.0490  -0.0339 -0.0821 39  LYS A CB  
179 C CG  . LYS A 28 ? 0.7331 0.5461 0.5646 0.0513  -0.0278 -0.0852 39  LYS A CG  
180 C CD  . LYS A 28 ? 0.9277 0.6976 0.7190 0.0514  -0.0306 -0.0830 39  LYS A CD  
181 C CE  . LYS A 28 ? 1.0853 0.8462 0.8721 0.0551  -0.0275 -0.0868 39  LYS A CE  
182 N NZ  . LYS A 28 ? 1.3414 1.0572 1.0857 0.0534  -0.0287 -0.0838 39  LYS A NZ  
183 N N   . SER A 29 ? 0.5379 0.4031 0.4139 0.0396  -0.0343 -0.0775 40  SER A N   
184 C CA  . SER A 29 ? 0.5398 0.4055 0.4208 0.0394  -0.0446 -0.0763 40  SER A CA  
185 C C   . SER A 29 ? 0.5418 0.4424 0.4645 0.0418  -0.0479 -0.0800 40  SER A C   
186 O O   . SER A 29 ? 0.5392 0.4405 0.4713 0.0440  -0.0602 -0.0809 40  SER A O   
187 C CB  . SER A 29 ? 0.5016 0.3634 0.3683 0.0297  -0.0349 -0.0710 40  SER A CB  
188 O OG  . SER A 29 ? 0.5288 0.4229 0.4207 0.0236  -0.0233 -0.0699 40  SER A OG  
189 N N   . VAL A 30 ? 0.4803 0.4084 0.4268 0.0406  -0.0365 -0.0826 41  VAL A N   
190 C CA  . VAL A 30 ? 0.4385 0.3995 0.4242 0.0416  -0.0361 -0.0871 41  VAL A CA  
191 C C   . VAL A 30 ? 0.4946 0.4635 0.4991 0.0505  -0.0393 -0.0947 41  VAL A C   
192 O O   . VAL A 30 ? 0.4762 0.4733 0.5115 0.0499  -0.0325 -0.0994 41  VAL A O   
193 C CB  . VAL A 30 ? 0.4753 0.4625 0.4742 0.0317  -0.0196 -0.0841 41  VAL A CB  
194 C CG1 . VAL A 30 ? 0.5043 0.4906 0.4987 0.0249  -0.0201 -0.0785 41  VAL A CG1 
195 C CG2 . VAL A 30 ? 0.4745 0.4597 0.4572 0.0274  -0.0055 -0.0821 41  VAL A CG2 
196 N N   . GLY A 31 ? 0.5043 0.4470 0.4899 0.0584  -0.0490 -0.0963 42  GLY A N   
197 C CA  . GLY A 31 ? 0.4995 0.4461 0.5051 0.0691  -0.0572 -0.1044 42  GLY A CA  
198 C C   . GLY A 31 ? 0.5479 0.4925 0.5476 0.0710  -0.0471 -0.1073 42  GLY A C   
199 O O   . GLY A 31 ? 0.5565 0.5025 0.5726 0.0807  -0.0538 -0.1145 42  GLY A O   
200 N N   . ALA A 32 ? 0.4722 0.4133 0.4501 0.0621  -0.0317 -0.1023 43  ALA A N   
201 C CA  . ALA A 32 ? 0.4425 0.3826 0.4147 0.0627  -0.0213 -0.1052 43  ALA A CA  
202 C C   . ALA A 32 ? 0.5966 0.5013 0.5431 0.0704  -0.0325 -0.1057 43  ALA A C   
203 O O   . ALA A 32 ? 0.6304 0.5088 0.5516 0.0701  -0.0415 -0.1006 43  ALA A O   
204 C CB  . ALA A 32 ? 0.4598 0.4048 0.4167 0.0511  -0.0048 -0.1000 43  ALA A CB  
205 N N   . GLN A 33 ? 0.5847 0.4866 0.5364 0.0772  -0.0320 -0.1118 44  GLN A N   
206 C CA  . GLN A 33 ? 0.6315 0.4994 0.5637 0.0870  -0.0460 -0.1134 44  GLN A CA  
207 C C   . GLN A 33 ? 0.7093 0.5616 0.6224 0.0863  -0.0369 -0.1148 44  GLN A C   
208 O O   . GLN A 33 ? 0.7417 0.5712 0.6469 0.0958  -0.0472 -0.1181 44  GLN A O   
209 C CB  . GLN A 33 ? 0.6501 0.5280 0.6152 0.1002  -0.0610 -0.1216 44  GLN A CB  
210 C CG  . GLN A 33 ? 0.8827 0.7554 0.8529 0.1041  -0.0793 -0.1199 44  GLN A CG  
211 C CD  . GLN A 33 ? 1.2561 1.1457 1.2674 0.1163  -0.0931 -0.1294 44  GLN A CD  
212 O OE1 . GLN A 33 ? 1.1965 1.1155 1.2416 0.1151  -0.0934 -0.1326 44  GLN A OE1 
213 N NE2 . GLN A 33 ? 1.2175 1.0891 1.2289 0.1285  -0.1047 -0.1349 44  GLN A NE2 
214 N N   . LYS A 34 ? 0.6252 0.4883 0.5310 0.0754  -0.0191 -0.1123 45  LYS A N   
215 C CA  . LYS A 34 ? 0.5942 0.4468 0.4853 0.0733  -0.0093 -0.1145 45  LYS A CA  
216 C C   . LYS A 34 ? 0.6044 0.4456 0.4686 0.0613  0.0013  -0.1080 45  LYS A C   
217 O O   . LYS A 34 ? 0.5815 0.4286 0.4428 0.0544  0.0033  -0.1024 45  LYS A O   
218 C CB  . LYS A 34 ? 0.6073 0.4923 0.5254 0.0721  0.0033  -0.1212 45  LYS A CB  
219 C CG  . LYS A 34 ? 0.8514 0.7561 0.8045 0.0825  -0.0023 -0.1298 45  LYS A CG  
220 C CD  . LYS A 34 ? 0.9548 0.8895 0.9293 0.0787  0.0139  -0.1362 45  LYS A CD  
221 C CE  . LYS A 34 ? 0.9887 0.9497 0.9710 0.0673  0.0251  -0.1319 45  LYS A CE  
222 N NZ  . LYS A 34 ? 1.1060 1.0922 1.1056 0.0639  0.0400  -0.1384 45  LYS A NZ  
223 N N   . ASP A 35 ? 0.5989 0.4246 0.4458 0.0586  0.0086  -0.1095 46  ASP A N   
224 C CA  . ASP A 35 ? 0.6027 0.4194 0.4281 0.0467  0.0200  -0.1052 46  ASP A CA  
225 C C   . ASP A 35 ? 0.5882 0.4331 0.4279 0.0391  0.0336  -0.1072 46  ASP A C   
226 O O   . ASP A 35 ? 0.5693 0.4142 0.3991 0.0290  0.0419  -0.1037 46  ASP A O   
227 C CB  . ASP A 35 ? 0.6632 0.4421 0.4587 0.0471  0.0194  -0.1055 46  ASP A CB  
228 C CG  . ASP A 35 ? 0.8922 0.6354 0.6624 0.0513  0.0071  -0.1012 46  ASP A CG  
229 O OD1 . ASP A 35 ? 0.8956 0.6425 0.6672 0.0509  0.0015  -0.0970 46  ASP A OD1 
230 O OD2 . ASP A 35 ? 1.0478 0.7575 0.7945 0.0548  0.0028  -0.1019 46  ASP A OD2 
231 N N   . THR A 36 ? 0.5695 0.4374 0.4321 0.0434  0.0358  -0.1134 47  THR A N   
232 C CA  . THR A 36 ? 0.5298 0.4219 0.4021 0.0361  0.0480  -0.1155 47  THR A CA  
233 C C   . THR A 36 ? 0.5487 0.4715 0.4487 0.0387  0.0495  -0.1184 47  THR A C   
234 O O   . THR A 36 ? 0.5266 0.4536 0.4431 0.0478  0.0428  -0.1224 47  THR A O   
235 C CB  . THR A 36 ? 0.6128 0.4956 0.4766 0.0363  0.0539  -0.1219 47  THR A CB  
236 O OG1 . THR A 36 ? 0.5656 0.4445 0.4398 0.0476  0.0483  -0.1285 47  THR A OG1 
237 C CG2 . THR A 36 ? 0.5988 0.4530 0.4361 0.0310  0.0553  -0.1195 47  THR A CG2 
238 N N   . TYR A 37 ? 0.4802 0.4235 0.3850 0.0299  0.0583  -0.1162 48  TYR A N   
239 C CA  . TYR A 37 ? 0.4477 0.4186 0.3749 0.0292  0.0618  -0.1172 48  TYR A CA  
240 C C   . TYR A 37 ? 0.4629 0.4478 0.3875 0.0212  0.0732  -0.1187 48  TYR A C   
241 O O   . TYR A 37 ? 0.4470 0.4233 0.3548 0.0149  0.0761  -0.1166 48  TYR A O   
242 C CB  . TYR A 37 ? 0.4626 0.4399 0.3932 0.0251  0.0579  -0.1094 48  TYR A CB  
243 C CG  . TYR A 37 ? 0.4902 0.4517 0.4194 0.0319  0.0457  -0.1073 48  TYR A CG  
244 C CD1 . TYR A 37 ? 0.5153 0.4499 0.4209 0.0313  0.0411  -0.1035 48  TYR A CD1 
245 C CD2 . TYR A 37 ? 0.5271 0.4986 0.4778 0.0391  0.0386  -0.1101 48  TYR A CD2 
246 C CE1 . TYR A 37 ? 0.5152 0.4308 0.4142 0.0374  0.0293  -0.1016 48  TYR A CE1 
247 C CE2 . TYR A 37 ? 0.5318 0.4863 0.4793 0.0459  0.0249  -0.1087 48  TYR A CE2 
248 C CZ  . TYR A 37 ? 0.5776 0.5027 0.4969 0.0451  0.0200  -0.1041 48  TYR A CZ  
249 O OH  . TYR A 37 ? 0.6635 0.5685 0.5750 0.0514  0.0061  -0.1025 48  TYR A OH  
250 N N   . THR A 38 ? 0.3921 0.3979 0.3332 0.0209  0.0795  -0.1225 49  THR A N   
251 C CA  . THR A 38 ? 0.4153 0.4338 0.3503 0.0113  0.0890  -0.1210 49  THR A CA  
252 C C   . THR A 38 ? 0.4322 0.4559 0.3642 0.0041  0.0864  -0.1113 49  THR A C   
253 O O   . THR A 38 ? 0.4219 0.4462 0.3629 0.0066  0.0800  -0.1073 49  THR A O   
254 C CB  . THR A 38 ? 0.4557 0.4930 0.4058 0.0112  0.0986  -0.1275 49  THR A CB  
255 O OG1 . THR A 38 ? 0.4358 0.4874 0.4056 0.0120  0.0971  -0.1251 49  THR A OG1 
256 C CG2 . THR A 38 ? 0.4706 0.5048 0.4284 0.0193  0.1017  -0.1383 49  THR A CG2 
257 N N   . MET A 39 ? 0.4213 0.4476 0.3409 -0.0046 0.0903  -0.1078 50  MET A N   
258 C CA  . MET A 39 ? 0.4397 0.4723 0.3594 -0.0108 0.0880  -0.0993 50  MET A CA  
259 C C   . MET A 39 ? 0.4453 0.4930 0.3817 -0.0103 0.0892  -0.0975 50  MET A C   
260 O O   . MET A 39 ? 0.4142 0.4627 0.3560 -0.0109 0.0838  -0.0916 50  MET A O   
261 C CB  . MET A 39 ? 0.4806 0.5163 0.3874 -0.0195 0.0911  -0.0965 50  MET A CB  
262 C CG  . MET A 39 ? 0.5515 0.5752 0.4460 -0.0221 0.0879  -0.0961 50  MET A CG  
263 S SD  . MET A 39 ? 0.5717 0.5872 0.4688 -0.0224 0.0809  -0.0895 50  MET A SD  
264 C CE  . MET A 39 ? 0.5336 0.5570 0.4289 -0.0306 0.0787  -0.0830 50  MET A CE  
265 N N   . LYS A 40 ? 0.3884 0.4478 0.3333 -0.0101 0.0972  -0.1032 51  LYS A N   
266 C CA  . LYS A 40 ? 0.3622 0.4370 0.3251 -0.0110 0.1005  -0.1027 51  LYS A CA  
267 C C   . LYS A 40 ? 0.3752 0.4500 0.3565 -0.0033 0.0921  -0.1035 51  LYS A C   
268 O O   . LYS A 40 ? 0.3905 0.4729 0.3833 -0.0050 0.0894  -0.0994 51  LYS A O   
269 C CB  . LYS A 40 ? 0.3946 0.4804 0.3632 -0.0125 0.1130  -0.1105 51  LYS A CB  
270 C CG  . LYS A 40 ? 0.4770 0.5783 0.4586 -0.0180 0.1202  -0.1092 51  LYS A CG  
271 C CD  . LYS A 40 ? 0.5423 0.6520 0.5239 -0.0220 0.1357  -0.1169 51  LYS A CD  
272 C CE  . LYS A 40 ? 0.8300 0.9480 0.8364 -0.0136 0.1401  -0.1286 51  LYS A CE  
273 N NZ  . LYS A 40 ? 0.9602 1.0877 0.9689 -0.0187 0.1579  -0.1369 51  LYS A NZ  
274 N N   . GLU A 41 ? 0.3441 0.4079 0.3264 0.0052  0.0868  -0.1086 52  GLU A N   
275 C CA  . GLU A 41 ? 0.3306 0.3890 0.3253 0.0133  0.0756  -0.1089 52  GLU A CA  
276 C C   . GLU A 41 ? 0.3586 0.4047 0.3411 0.0110  0.0669  -0.1002 52  GLU A C   
277 O O   . GLU A 41 ? 0.3692 0.4173 0.3626 0.0132  0.0598  -0.0980 52  GLU A O   
278 C CB  . GLU A 41 ? 0.3642 0.4089 0.3583 0.0231  0.0708  -0.1160 52  GLU A CB  
279 C CG  . GLU A 41 ? 0.4467 0.5057 0.4625 0.0279  0.0773  -0.1263 52  GLU A CG  
280 C CD  . GLU A 41 ? 0.7336 0.7791 0.7484 0.0376  0.0739  -0.1340 52  GLU A CD  
281 O OE1 . GLU A 41 ? 0.5057 0.5295 0.4979 0.0386  0.0687  -0.1312 52  GLU A OE1 
282 O OE2 . GLU A 41 ? 0.7648 0.8214 0.8025 0.0438  0.0768  -0.1435 52  GLU A OE2 
283 N N   . VAL A 42 ? 0.3114 0.3451 0.2725 0.0065  0.0679  -0.0960 53  VAL A N   
284 C CA  . VAL A 42 ? 0.3185 0.3413 0.2690 0.0035  0.0623  -0.0888 53  VAL A CA  
285 C C   . VAL A 42 ? 0.3390 0.3768 0.2995 -0.0022 0.0634  -0.0832 53  VAL A C   
286 O O   . VAL A 42 ? 0.3524 0.3874 0.3169 -0.0015 0.0570  -0.0794 53  VAL A O   
287 C CB  . VAL A 42 ? 0.3904 0.4020 0.3217 -0.0016 0.0655  -0.0868 53  VAL A CB  
288 C CG1 . VAL A 42 ? 0.3811 0.3844 0.3056 -0.0054 0.0620  -0.0803 53  VAL A CG1 
289 C CG2 . VAL A 42 ? 0.4099 0.4040 0.3297 0.0029  0.0647  -0.0919 53  VAL A CG2 
290 N N   . LEU A 43 ? 0.3258 0.3773 0.2882 -0.0081 0.0714  -0.0828 54  LEU A N   
291 C CA  . LEU A 43 ? 0.3386 0.4018 0.3079 -0.0142 0.0729  -0.0771 54  LEU A CA  
292 C C   . LEU A 43 ? 0.3637 0.4375 0.3546 -0.0112 0.0705  -0.0788 54  LEU A C   
293 O O   . LEU A 43 ? 0.3334 0.4101 0.3299 -0.0142 0.0672  -0.0738 54  LEU A O   
294 C CB  . LEU A 43 ? 0.3409 0.4138 0.3046 -0.0214 0.0817  -0.0763 54  LEU A CB  
295 C CG  . LEU A 43 ? 0.3888 0.4556 0.3352 -0.0273 0.0815  -0.0713 54  LEU A CG  
296 C CD1 . LEU A 43 ? 0.3646 0.4297 0.3119 -0.0305 0.0759  -0.0634 54  LEU A CD1 
297 C CD2 . LEU A 43 ? 0.4731 0.5278 0.4080 -0.0249 0.0797  -0.0746 54  LEU A CD2 
298 N N   . PHE A 44 ? 0.3624 0.4419 0.3671 -0.0055 0.0718  -0.0866 55  PHE A N   
299 C CA  . PHE A 44 ? 0.3420 0.4327 0.3712 -0.0022 0.0687  -0.0898 55  PHE A CA  
300 C C   . PHE A 44 ? 0.3736 0.4522 0.4031 0.0027  0.0551  -0.0871 55  PHE A C   
301 O O   . PHE A 44 ? 0.3667 0.4510 0.4071 0.0005  0.0513  -0.0843 55  PHE A O   
302 C CB  . PHE A 44 ? 0.3664 0.4645 0.4127 0.0046  0.0716  -0.1002 55  PHE A CB  
303 C CG  . PHE A 44 ? 0.3595 0.4694 0.4356 0.0094  0.0661  -0.1052 55  PHE A CG  
304 C CD1 . PHE A 44 ? 0.4124 0.5427 0.5101 0.0036  0.0751  -0.1074 55  PHE A CD1 
305 C CD2 . PHE A 44 ? 0.4145 0.5138 0.4969 0.0193  0.0517  -0.1080 55  PHE A CD2 
306 C CE1 . PHE A 44 ? 0.4260 0.5689 0.5557 0.0076  0.0699  -0.1132 55  PHE A CE1 
307 C CE2 . PHE A 44 ? 0.4310 0.5411 0.5428 0.0240  0.0442  -0.1131 55  PHE A CE2 
308 C CZ  . PHE A 44 ? 0.4129 0.5464 0.5507 0.0182  0.0534  -0.1162 55  PHE A CZ  
309 N N   . TYR A 45 ? 0.3382 0.3982 0.3540 0.0091  0.0480  -0.0884 56  TYR A N   
310 C CA  . TYR A 45 ? 0.3220 0.3655 0.3315 0.0133  0.0353  -0.0858 56  TYR A CA  
311 C C   . TYR A 45 ? 0.3455 0.3824 0.3413 0.0066  0.0351  -0.0777 56  TYR A C   
312 O O   . TYR A 45 ? 0.3569 0.3887 0.3551 0.0074  0.0271  -0.0755 56  TYR A O   
313 C CB  . TYR A 45 ? 0.3537 0.3747 0.3460 0.0202  0.0294  -0.0884 56  TYR A CB  
314 C CG  . TYR A 45 ? 0.4051 0.4285 0.4134 0.0297  0.0244  -0.0966 56  TYR A CG  
315 C CD1 . TYR A 45 ? 0.4125 0.4399 0.4407 0.0359  0.0131  -0.0999 56  TYR A CD1 
316 C CD2 . TYR A 45 ? 0.4331 0.4556 0.4389 0.0325  0.0304  -0.1019 56  TYR A CD2 
317 C CE1 . TYR A 45 ? 0.4621 0.4929 0.5093 0.0456  0.0073  -0.1085 56  TYR A CE1 
318 C CE2 . TYR A 45 ? 0.4301 0.4554 0.4535 0.0420  0.0259  -0.1105 56  TYR A CE2 
319 C CZ  . TYR A 45 ? 0.5143 0.5439 0.5593 0.0489  0.0140  -0.1137 56  TYR A CZ  
320 O OH  . TYR A 45 ? 0.5366 0.5690 0.6024 0.0593  0.0076  -0.1228 56  TYR A OH  
321 N N   . LEU A 46 ? 0.3215 0.3578 0.3037 0.0001  0.0432  -0.0738 57  LEU A N   
322 C CA  . LEU A 46 ? 0.3119 0.3455 0.2868 -0.0062 0.0435  -0.0668 57  LEU A CA  
323 C C   . LEU A 46 ? 0.3420 0.3906 0.3335 -0.0101 0.0434  -0.0641 57  LEU A C   
324 O O   . LEU A 46 ? 0.3183 0.3613 0.3089 -0.0116 0.0385  -0.0602 57  LEU A O   
325 C CB  . LEU A 46 ? 0.3337 0.3674 0.2968 -0.0120 0.0509  -0.0640 57  LEU A CB  
326 C CG  . LEU A 46 ? 0.3852 0.4020 0.3311 -0.0110 0.0512  -0.0652 57  LEU A CG  
327 C CD1 . LEU A 46 ? 0.3812 0.4028 0.3213 -0.0164 0.0578  -0.0644 57  LEU A CD1 
328 C CD2 . LEU A 46 ? 0.4717 0.4718 0.4075 -0.0115 0.0472  -0.0621 57  LEU A CD2 
329 N N   . GLY A 47 ? 0.3473 0.4132 0.3527 -0.0121 0.0497  -0.0665 58  GLY A N   
330 C CA  . GLY A 47 ? 0.3477 0.4285 0.3708 -0.0164 0.0515  -0.0652 58  GLY A CA  
331 C C   . GLY A 47 ? 0.3437 0.4241 0.3822 -0.0117 0.0417  -0.0679 58  GLY A C   
332 O O   . GLY A 47 ? 0.3447 0.4256 0.3882 -0.0150 0.0379  -0.0643 58  GLY A O   
333 N N   . GLN A 48 ? 0.3223 0.3996 0.3677 -0.0033 0.0358  -0.0746 59  GLN A N   
334 C CA  . GLN A 48 ? 0.3021 0.3774 0.3620 0.0022  0.0233  -0.0780 59  GLN A CA  
335 C C   . GLN A 48 ? 0.3383 0.3926 0.3789 0.0027  0.0135  -0.0728 59  GLN A C   
336 O O   . GLN A 48 ? 0.3462 0.3999 0.3953 0.0024  0.0055  -0.0722 59  GLN A O   
337 C CB  . GLN A 48 ? 0.3160 0.3879 0.3836 0.0124  0.0166  -0.0860 59  GLN A CB  
338 C CG  . GLN A 48 ? 0.3523 0.4440 0.4421 0.0137  0.0256  -0.0935 59  GLN A CG  
339 C CD  . GLN A 48 ? 0.5857 0.7011 0.7038 0.0078  0.0322  -0.0957 59  GLN A CD  
340 O OE1 . GLN A 48 ? 0.6620 0.7913 0.7844 0.0014  0.0469  -0.0963 59  GLN A OE1 
341 N NE2 . GLN A 48 ? 0.5657 0.6849 0.7020 0.0092  0.0220  -0.0970 59  GLN A NE2 
342 N N   . TYR A 49 ? 0.3678 0.4039 0.3823 0.0030  0.0150  -0.0698 60  TYR A N   
343 C CA  . TYR A 49 ? 0.3636 0.3792 0.3577 0.0018  0.0099  -0.0653 60  TYR A CA  
344 C C   . TYR A 49 ? 0.3301 0.3525 0.3280 -0.0058 0.0132  -0.0597 60  TYR A C   
345 O O   . TYR A 49 ? 0.3338 0.3469 0.3289 -0.0060 0.0060  -0.0584 60  TYR A O   
346 C CB  . TYR A 49 ? 0.3790 0.3777 0.3487 0.0016  0.0148  -0.0639 60  TYR A CB  
347 C CG  . TYR A 49 ? 0.3621 0.3386 0.3104 -0.0002 0.0123  -0.0606 60  TYR A CG  
348 C CD1 . TYR A 49 ? 0.3968 0.3488 0.3278 0.0049  0.0029  -0.0623 60  TYR A CD1 
349 C CD2 . TYR A 49 ? 0.3555 0.3333 0.2991 -0.0069 0.0196  -0.0562 60  TYR A CD2 
350 C CE1 . TYR A 49 ? 0.4143 0.3434 0.3222 0.0022  0.0030  -0.0599 60  TYR A CE1 
351 C CE2 . TYR A 49 ? 0.3366 0.2943 0.2620 -0.0087 0.0194  -0.0543 60  TYR A CE2 
352 C CZ  . TYR A 49 ? 0.4043 0.3374 0.3111 -0.0046 0.0122  -0.0564 60  TYR A CZ  
353 O OH  . TYR A 49 ? 0.4168 0.3278 0.3029 -0.0072 0.0137  -0.0553 60  TYR A OH  
354 N N   . ILE A 50 ? 0.3053 0.3415 0.3073 -0.0118 0.0235  -0.0567 61  ILE A N   
355 C CA  . ILE A 50 ? 0.2868 0.3280 0.2914 -0.0188 0.0264  -0.0510 61  ILE A CA  
356 C C   . ILE A 50 ? 0.3672 0.4182 0.3914 -0.0202 0.0214  -0.0517 61  ILE A C   
357 O O   . ILE A 50 ? 0.3384 0.3835 0.3617 -0.0231 0.0176  -0.0484 61  ILE A O   
358 C CB  . ILE A 50 ? 0.3131 0.3661 0.3177 -0.0243 0.0366  -0.0480 61  ILE A CB  
359 C CG1 . ILE A 50 ? 0.3200 0.3619 0.3064 -0.0243 0.0396  -0.0466 61  ILE A CG1 
360 C CG2 . ILE A 50 ? 0.2992 0.3595 0.3101 -0.0314 0.0390  -0.0423 61  ILE A CG2 
361 C CD1 . ILE A 50 ? 0.3160 0.3671 0.2997 -0.0274 0.0472  -0.0461 61  ILE A CD1 
362 N N   . MET A 51 ? 0.3229 0.3888 0.3664 -0.0184 0.0220  -0.0567 62  MET A N   
363 C CA  . MET A 51 ? 0.3263 0.4044 0.3932 -0.0204 0.0185  -0.0589 62  MET A CA  
364 C C   . MET A 51 ? 0.3955 0.4607 0.4626 -0.0147 0.0038  -0.0617 62  MET A C   
365 O O   . MET A 51 ? 0.3924 0.4575 0.4670 -0.0179 -0.0015 -0.0605 62  MET A O   
366 C CB  . MET A 51 ? 0.3552 0.4541 0.4456 -0.0205 0.0250  -0.0649 62  MET A CB  
367 C CG  . MET A 51 ? 0.3881 0.4974 0.4744 -0.0275 0.0402  -0.0620 62  MET A CG  
368 S SD  . MET A 51 ? 0.4499 0.5595 0.5309 -0.0384 0.0453  -0.0529 62  MET A SD  
369 C CE  . MET A 51 ? 0.4374 0.5633 0.5233 -0.0467 0.0626  -0.0532 62  MET A CE  
370 N N   . THR A 52 ? 0.3673 0.4191 0.4237 -0.0065 -0.0037 -0.0654 63  THR A N   
371 C CA  . THR A 52 ? 0.3569 0.3906 0.4061 -0.0008 -0.0192 -0.0677 63  THR A CA  
372 C C   . THR A 52 ? 0.4245 0.4394 0.4523 -0.0045 -0.0217 -0.0624 63  THR A C   
373 O O   . THR A 52 ? 0.4256 0.4337 0.4561 -0.0043 -0.0322 -0.0634 63  THR A O   
374 C CB  . THR A 52 ? 0.4458 0.4641 0.4816 0.0084  -0.0259 -0.0717 63  THR A CB  
375 O OG1 . THR A 52 ? 0.4611 0.4983 0.5221 0.0123  -0.0245 -0.0779 63  THR A OG1 
376 C CG2 . THR A 52 ? 0.4525 0.4474 0.4755 0.0145  -0.0433 -0.0737 63  THR A CG2 
377 N N   . LYS A 53 ? 0.3778 0.3843 0.3857 -0.0079 -0.0122 -0.0577 64  LYS A N   
378 C CA  . LYS A 53 ? 0.3569 0.3456 0.3458 -0.0111 -0.0126 -0.0538 64  LYS A CA  
379 C C   . LYS A 53 ? 0.3733 0.3734 0.3730 -0.0185 -0.0069 -0.0495 64  LYS A C   
380 O O   . LYS A 53 ? 0.3862 0.3734 0.3732 -0.0213 -0.0059 -0.0466 64  LYS A O   
381 C CB  . LYS A 53 ? 0.3972 0.3702 0.3619 -0.0106 -0.0059 -0.0524 64  LYS A CB  
382 C CG  . LYS A 53 ? 0.4941 0.4491 0.4432 -0.0036 -0.0129 -0.0563 64  LYS A CG  
383 C CD  . LYS A 53 ? 0.5966 0.5280 0.5170 -0.0044 -0.0078 -0.0551 64  LYS A CD  
384 C CE  . LYS A 53 ? 0.5731 0.4799 0.4725 -0.0058 -0.0121 -0.0546 64  LYS A CE  
385 N NZ  . LYS A 53 ? 0.6178 0.4993 0.4879 -0.0066 -0.0057 -0.0548 64  LYS A NZ  
386 N N   . ARG A 54 ? 0.3629 0.3856 0.3853 -0.0219 -0.0025 -0.0491 65  ARG A N   
387 C CA  . ARG A 54 ? 0.3511 0.3836 0.3836 -0.0292 0.0025  -0.0446 65  ARG A CA  
388 C C   . ARG A 54 ? 0.3864 0.4117 0.4039 -0.0325 0.0098  -0.0391 65  ARG A C   
389 O O   . ARG A 54 ? 0.3850 0.4037 0.4002 -0.0360 0.0091  -0.0358 65  ARG A O   
390 C CB  . ARG A 54 ? 0.3945 0.4225 0.4348 -0.0307 -0.0068 -0.0456 65  ARG A CB  
391 C CG  . ARG A 54 ? 0.4052 0.4442 0.4670 -0.0279 -0.0148 -0.0518 65  ARG A CG  
392 C CD  . ARG A 54 ? 0.5808 0.6114 0.6471 -0.0283 -0.0270 -0.0539 65  ARG A CD  
393 N NE  . ARG A 54 ? 0.7242 0.7702 0.8188 -0.0265 -0.0346 -0.0605 65  ARG A NE  
394 C CZ  . ARG A 54 ? 0.9751 1.0155 1.0779 -0.0243 -0.0494 -0.0650 65  ARG A CZ  
395 N NH1 . ARG A 54 ? 0.9897 1.0068 1.0705 -0.0240 -0.0579 -0.0636 65  ARG A NH1 
396 N NH2 . ARG A 54 ? 0.6921 0.7496 0.8254 -0.0226 -0.0558 -0.0718 65  ARG A NH2 
397 N N   . LEU A 55 ? 0.3072 0.3336 0.3160 -0.0312 0.0162  -0.0387 66  LEU A N   
398 C CA  . LEU A 55 ? 0.2801 0.3019 0.2783 -0.0337 0.0223  -0.0347 66  LEU A CA  
399 C C   . LEU A 55 ? 0.3463 0.3821 0.3533 -0.0394 0.0280  -0.0299 66  LEU A C   
400 O O   . LEU A 55 ? 0.3316 0.3725 0.3343 -0.0405 0.0333  -0.0284 66  LEU A O   
401 C CB  . LEU A 55 ? 0.2688 0.2851 0.2546 -0.0301 0.0257  -0.0372 66  LEU A CB  
402 C CG  . LEU A 55 ? 0.3065 0.3053 0.2789 -0.0248 0.0207  -0.0415 66  LEU A CG  
403 C CD1 . LEU A 55 ? 0.3192 0.3117 0.2791 -0.0227 0.0255  -0.0435 66  LEU A CD1 
404 C CD2 . LEU A 55 ? 0.3595 0.3410 0.3216 -0.0257 0.0179  -0.0409 66  LEU A CD2 
405 N N   . TYR A 56 ? 0.3233 0.3635 0.3407 -0.0435 0.0263  -0.0275 67  TYR A N   
406 C CA  . TYR A 56 ? 0.3365 0.3872 0.3607 -0.0500 0.0313  -0.0225 67  TYR A CA  
407 C C   . TYR A 56 ? 0.3685 0.4147 0.3984 -0.0542 0.0281  -0.0190 67  TYR A C   
408 O O   . TYR A 56 ? 0.3156 0.3533 0.3467 -0.0521 0.0218  -0.0214 67  TYR A O   
409 C CB  . TYR A 56 ? 0.3351 0.4014 0.3703 -0.0519 0.0363  -0.0254 67  TYR A CB  
410 C CG  . TYR A 56 ? 0.2868 0.3599 0.3393 -0.0504 0.0322  -0.0310 67  TYR A CG  
411 C CD1 . TYR A 56 ? 0.2741 0.3498 0.3396 -0.0551 0.0297  -0.0300 67  TYR A CD1 
412 C CD2 . TYR A 56 ? 0.3313 0.4080 0.3885 -0.0441 0.0299  -0.0378 67  TYR A CD2 
413 C CE1 . TYR A 56 ? 0.2865 0.3694 0.3708 -0.0538 0.0245  -0.0361 67  TYR A CE1 
414 C CE2 . TYR A 56 ? 0.3533 0.4369 0.4295 -0.0419 0.0241  -0.0437 67  TYR A CE2 
415 C CZ  . TYR A 56 ? 0.3514 0.4384 0.4416 -0.0467 0.0208  -0.0430 67  TYR A CZ  
416 O OH  . TYR A 56 ? 0.3046 0.3992 0.4163 -0.0447 0.0138  -0.0495 67  TYR A OH  
417 N N   . ASP A 57 ? 0.3174 0.3677 0.3492 -0.0606 0.0321  -0.0133 68  ASP A N   
418 C CA  . ASP A 57 ? 0.3077 0.3531 0.3446 -0.0655 0.0296  -0.0094 68  ASP A CA  
419 C C   . ASP A 57 ? 0.3112 0.3635 0.3516 -0.0737 0.0357  -0.0045 68  ASP A C   
420 O O   . ASP A 57 ? 0.2952 0.3487 0.3257 -0.0757 0.0405  -0.0008 68  ASP A O   
421 C CB  . ASP A 57 ? 0.3204 0.3519 0.3479 -0.0638 0.0264  -0.0056 68  ASP A CB  
422 C CG  . ASP A 57 ? 0.4629 0.4863 0.4958 -0.0670 0.0223  -0.0034 68  ASP A CG  
423 O OD1 . ASP A 57 ? 0.4923 0.5084 0.5264 -0.0640 0.0177  -0.0077 68  ASP A OD1 
424 O OD2 . ASP A 57 ? 0.3845 0.4067 0.4185 -0.0730 0.0238  0.0028  68  ASP A OD2 
425 N N   . ALA A 58 ? 0.2743 0.3297 0.3273 -0.0789 0.0356  -0.0048 69  ALA A N   
426 C CA  . ALA A 58 ? 0.2935 0.3533 0.3499 -0.0887 0.0430  -0.0003 69  ALA A CA  
427 C C   . ALA A 58 ? 0.3381 0.3856 0.3783 -0.0930 0.0439  0.0089  69  ALA A C   
428 O O   . ALA A 58 ? 0.3255 0.3738 0.3589 -0.1002 0.0513  0.0132  69  ALA A O   
429 C CB  . ALA A 58 ? 0.3025 0.3654 0.3770 -0.0937 0.0414  -0.0027 69  ALA A CB  
430 N N   . ALA A 59 ? 0.3248 0.3591 0.3583 -0.0884 0.0362  0.0117  70  ALA A N   
431 C CA  . ALA A 59 ? 0.3589 0.3805 0.3788 -0.0908 0.0343  0.0203  70  ALA A CA  
432 C C   . ALA A 59 ? 0.3664 0.3883 0.3719 -0.0888 0.0359  0.0225  70  ALA A C   
433 O O   . ALA A 59 ? 0.4293 0.4417 0.4223 -0.0923 0.0348  0.0298  70  ALA A O   
434 C CB  . ALA A 59 ? 0.3857 0.3945 0.4064 -0.0857 0.0260  0.0210  70  ALA A CB  
435 N N   . GLN A 60 ? 0.3404 0.3712 0.3465 -0.0832 0.0373  0.0166  71  GLN A N   
436 C CA  . GLN A 60 ? 0.3497 0.3810 0.3426 -0.0812 0.0381  0.0176  71  GLN A CA  
437 C C   . GLN A 60 ? 0.3774 0.4214 0.3726 -0.0798 0.0446  0.0111  71  GLN A C   
438 O O   . GLN A 60 ? 0.3215 0.3687 0.3193 -0.0731 0.0428  0.0055  71  GLN A O   
439 C CB  . GLN A 60 ? 0.3484 0.3732 0.3401 -0.0737 0.0310  0.0166  71  GLN A CB  
440 C CG  . GLN A 60 ? 0.3723 0.3843 0.3646 -0.0735 0.0239  0.0220  71  GLN A CG  
441 C CD  . GLN A 60 ? 0.6505 0.6539 0.6296 -0.0778 0.0210  0.0303  71  GLN A CD  
442 O OE1 . GLN A 60 ? 0.5913 0.5968 0.5579 -0.0799 0.0231  0.0317  71  GLN A OE1 
443 N NE2 . GLN A 60 ? 0.6113 0.6024 0.5908 -0.0792 0.0153  0.0358  71  GLN A NE2 
444 N N   . GLN A 61 ? 0.3355 0.3860 0.3297 -0.0865 0.0529  0.0115  72  GLN A N   
445 C CA  . GLN A 61 ? 0.3493 0.4141 0.3533 -0.0856 0.0599  0.0037  72  GLN A CA  
446 C C   . GLN A 61 ? 0.3774 0.4463 0.3727 -0.0813 0.0624  -0.0003 72  GLN A C   
447 O O   . GLN A 61 ? 0.3530 0.4329 0.3582 -0.0789 0.0670  -0.0076 72  GLN A O   
448 C CB  . GLN A 61 ? 0.3497 0.4210 0.3585 -0.0947 0.0700  0.0039  72  GLN A CB  
449 C CG  . GLN A 61 ? 0.4621 0.5344 0.4876 -0.0977 0.0679  0.0039  72  GLN A CG  
450 C CD  . GLN A 61 ? 0.3342 0.4162 0.3713 -0.1068 0.0790  0.0017  72  GLN A CD  
451 O OE1 . GLN A 61 ? 0.3278 0.4226 0.3723 -0.1074 0.0879  -0.0047 72  GLN A OE1 
452 N NE2 . GLN A 61 ? 0.3518 0.4281 0.3929 -0.1140 0.0794  0.0061  72  GLN A NE2 
453 N N   . HIS A 62 ? 0.2987 0.3591 0.2777 -0.0804 0.0589  0.0038  73  HIS A N   
454 C CA  . HIS A 62 ? 0.3367 0.3990 0.3058 -0.0768 0.0601  0.0003  73  HIS A CA  
455 C C   . HIS A 62 ? 0.3545 0.4137 0.3265 -0.0685 0.0527  -0.0028 73  HIS A C   
456 O O   . HIS A 62 ? 0.3545 0.4143 0.3193 -0.0657 0.0530  -0.0060 73  HIS A O   
457 C CB  . HIS A 62 ? 0.3825 0.4363 0.3298 -0.0821 0.0605  0.0064  73  HIS A CB  
458 C CG  . HIS A 62 ? 0.4550 0.5105 0.3937 -0.0905 0.0713  0.0076  73  HIS A CG  
459 N ND1 . HIS A 62 ? 0.4853 0.5338 0.4196 -0.0985 0.0735  0.0143  73  HIS A ND1 
460 C CD2 . HIS A 62 ? 0.4715 0.5336 0.4045 -0.0928 0.0812  0.0025  73  HIS A CD2 
461 C CE1 . HIS A 62 ? 0.4748 0.5260 0.4011 -0.1058 0.0858  0.0130  73  HIS A CE1 
462 N NE2 . HIS A 62 ? 0.4846 0.5442 0.4101 -0.1025 0.0908  0.0056  73  HIS A NE2 
463 N N   . ILE A 63 ? 0.3125 0.3671 0.2939 -0.0656 0.0469  -0.0023 74  ILE A N   
464 C CA  A ILE A 63 ? 0.3030 0.3521 0.2856 -0.0594 0.0418  -0.0050 74  ILE A CA  
465 C CA  B ILE A 63 ? 0.2932 0.3423 0.2759 -0.0594 0.0418  -0.0050 74  ILE A CA  
466 C C   . ILE A 63 ? 0.3242 0.3749 0.3143 -0.0546 0.0423  -0.0116 74  ILE A C   
467 O O   . ILE A 63 ? 0.2756 0.3276 0.2742 -0.0551 0.0415  -0.0125 74  ILE A O   
468 C CB  A ILE A 63 ? 0.3364 0.3763 0.3212 -0.0594 0.0356  -0.0003 74  ILE A CB  
469 C CB  B ILE A 63 ? 0.3158 0.3556 0.3013 -0.0593 0.0357  -0.0006 74  ILE A CB  
470 C CG1 A ILE A 63 ? 0.3415 0.3772 0.3166 -0.0635 0.0329  0.0066  74  ILE A CG1 
471 C CG1 B ILE A 63 ? 0.3032 0.3383 0.2804 -0.0631 0.0324  0.0064  74  ILE A CG1 
472 C CG2 A ILE A 63 ? 0.3252 0.3597 0.3132 -0.0537 0.0329  -0.0046 74  ILE A CG2 
473 C CG2 B ILE A 63 ? 0.2943 0.3287 0.2832 -0.0535 0.0331  -0.0051 74  ILE A CG2 
474 C CD1 A ILE A 63 ? 0.3911 0.4174 0.3689 -0.0626 0.0254  0.0111  74  ILE A CD1 
475 C CD1 B ILE A 63 ? 0.2983 0.3333 0.2666 -0.0617 0.0302  0.0060  74  ILE A CD1 
476 N N   . VAL A 64 ? 0.2809 0.3296 0.2664 -0.0501 0.0426  -0.0163 75  VAL A N   
477 C CA  . VAL A 64 ? 0.2851 0.3296 0.2725 -0.0451 0.0416  -0.0219 75  VAL A CA  
478 C C   . VAL A 64 ? 0.3246 0.3578 0.3107 -0.0435 0.0387  -0.0216 75  VAL A C   
479 O O   . VAL A 64 ? 0.2912 0.3220 0.2748 -0.0437 0.0390  -0.0208 75  VAL A O   
480 C CB  . VAL A 64 ? 0.2980 0.3440 0.2793 -0.0419 0.0446  -0.0271 75  VAL A CB  
481 C CG1 . VAL A 64 ? 0.2858 0.3223 0.2646 -0.0366 0.0424  -0.0323 75  VAL A CG1 
482 C CG2 . VAL A 64 ? 0.3028 0.3607 0.2875 -0.0436 0.0489  -0.0283 75  VAL A CG2 
483 N N   . TYR A 65 ? 0.2775 0.3038 0.2660 -0.0421 0.0358  -0.0229 76  TYR A N   
484 C CA  . TYR A 65 ? 0.2959 0.3097 0.2823 -0.0410 0.0343  -0.0236 76  TYR A CA  
485 C C   . TYR A 65 ? 0.3344 0.3373 0.3109 -0.0371 0.0350  -0.0293 76  TYR A C   
486 O O   . TYR A 65 ? 0.3171 0.3145 0.2910 -0.0352 0.0314  -0.0315 76  TYR A O   
487 C CB  . TYR A 65 ? 0.3150 0.3254 0.3072 -0.0429 0.0306  -0.0212 76  TYR A CB  
488 C CG  . TYR A 65 ? 0.2845 0.3005 0.2832 -0.0469 0.0300  -0.0150 76  TYR A CG  
489 C CD1 . TYR A 65 ? 0.3290 0.3395 0.3292 -0.0468 0.0293  -0.0130 76  TYR A CD1 
490 C CD2 . TYR A 65 ? 0.2649 0.2904 0.2681 -0.0510 0.0302  -0.0113 76  TYR A CD2 
491 C CE1 . TYR A 65 ? 0.3122 0.3248 0.3163 -0.0499 0.0269  -0.0069 76  TYR A CE1 
492 C CE2 . TYR A 65 ? 0.2601 0.2865 0.2646 -0.0552 0.0296  -0.0049 76  TYR A CE2 
493 C CZ  . TYR A 65 ? 0.3285 0.3475 0.3325 -0.0544 0.0268  -0.0023 76  TYR A CZ  
494 O OH  . TYR A 65 ? 0.3857 0.4033 0.3888 -0.0580 0.0245  0.0044  76  TYR A OH  
495 N N   . CYS A 66 ? 0.2964 0.2947 0.2667 -0.0362 0.0391  -0.0318 77  CYS A N   
496 C CA  . CYS A 66 ? 0.3051 0.2912 0.2624 -0.0333 0.0410  -0.0368 77  CYS A CA  
497 C C   . CYS A 66 ? 0.3467 0.3164 0.2958 -0.0338 0.0452  -0.0398 77  CYS A C   
498 O O   . CYS A 66 ? 0.3342 0.2911 0.2699 -0.0327 0.0487  -0.0436 77  CYS A O   
499 C CB  . CYS A 66 ? 0.3095 0.3029 0.2649 -0.0327 0.0439  -0.0384 77  CYS A CB  
500 S SG  . CYS A 66 ? 0.3481 0.3513 0.3104 -0.0357 0.0476  -0.0369 77  CYS A SG  
501 N N   . SER A 67 ? 0.3285 0.2966 0.2845 -0.0355 0.0457  -0.0384 78  SER A N   
502 C CA  A SER A 67 ? 0.3239 0.2769 0.2741 -0.0365 0.0518  -0.0424 78  SER A CA  
503 C CA  B SER A 67 ? 0.3279 0.2807 0.2781 -0.0365 0.0517  -0.0424 78  SER A CA  
504 C C   . SER A 67 ? 0.4003 0.3325 0.3307 -0.0353 0.0509  -0.0454 78  SER A C   
505 O O   . SER A 67 ? 0.3940 0.3257 0.3213 -0.0336 0.0433  -0.0437 78  SER A O   
506 C CB  A SER A 67 ? 0.3591 0.3142 0.3223 -0.0378 0.0518  -0.0409 78  SER A CB  
507 C CB  B SER A 67 ? 0.3505 0.3055 0.3135 -0.0377 0.0511  -0.0406 78  SER A CB  
508 O OG  A SER A 67 ? 0.4030 0.3549 0.3652 -0.0376 0.0458  -0.0384 78  SER A OG  
509 O OG  B SER A 67 ? 0.3779 0.3173 0.3357 -0.0385 0.0581  -0.0457 78  SER A OG  
510 N N   . ASN A 68 ? 0.3815 0.2959 0.2980 -0.0365 0.0586  -0.0499 79  ASN A N   
511 C CA  . ASN A 68 ? 0.4255 0.3153 0.3170 -0.0357 0.0572  -0.0525 79  ASN A CA  
512 C C   . ASN A 68 ? 0.4943 0.3820 0.3753 -0.0321 0.0484  -0.0514 79  ASN A C   
513 O O   . ASN A 68 ? 0.4642 0.3394 0.3329 -0.0299 0.0401  -0.0516 79  ASN A O   
514 C CB  . ASN A 68 ? 0.5307 0.4109 0.4197 -0.0364 0.0535  -0.0524 79  ASN A CB  
515 C CG  . ASN A 68 ? 0.5592 0.4092 0.4181 -0.0366 0.0535  -0.0560 79  ASN A CG  
516 O OD1 . ASN A 68 ? 0.6112 0.4433 0.4511 -0.0384 0.0621  -0.0594 79  ASN A OD1 
517 N ND2 . ASN A 68 ? 0.6240 0.4658 0.4760 -0.0354 0.0438  -0.0552 79  ASN A ND2 
518 N N   . ASP A 69 ? 0.4178 0.3180 0.3052 -0.0309 0.0493  -0.0508 80  ASP A N   
519 C CA  . ASP A 69 ? 0.4046 0.3050 0.2862 -0.0268 0.0420  -0.0507 80  ASP A CA  
520 C C   . ASP A 69 ? 0.4204 0.3186 0.2960 -0.0273 0.0488  -0.0527 80  ASP A C   
521 O O   . ASP A 69 ? 0.3831 0.2921 0.2697 -0.0304 0.0564  -0.0531 80  ASP A O   
522 C CB  . ASP A 69 ? 0.4038 0.3289 0.3072 -0.0249 0.0349  -0.0477 80  ASP A CB  
523 C CG  . ASP A 69 ? 0.4227 0.3479 0.3237 -0.0199 0.0269  -0.0490 80  ASP A CG  
524 O OD1 . ASP A 69 ? 0.3770 0.3063 0.2775 -0.0184 0.0295  -0.0504 80  ASP A OD1 
525 O OD2 . ASP A 69 ? 0.4122 0.3328 0.3128 -0.0174 0.0176  -0.0494 80  ASP A OD2 
526 N N   . LEU A 70 ? 0.4070 0.2899 0.2651 -0.0240 0.0453  -0.0545 81  LEU A N   
527 C CA  . LEU A 70 ? 0.4154 0.2959 0.2678 -0.0240 0.0506  -0.0566 81  LEU A CA  
528 C C   . LEU A 70 ? 0.3899 0.2976 0.2646 -0.0247 0.0528  -0.0556 81  LEU A C   
529 O O   . LEU A 70 ? 0.3852 0.2940 0.2601 -0.0277 0.0604  -0.0575 81  LEU A O   
530 C CB  . LEU A 70 ? 0.4519 0.3163 0.2877 -0.0185 0.0423  -0.0577 81  LEU A CB  
531 C CG  . LEU A 70 ? 0.5152 0.3756 0.3444 -0.0177 0.0464  -0.0598 81  LEU A CG  
532 C CD1 . LEU A 70 ? 0.5609 0.4002 0.3713 -0.0233 0.0576  -0.0619 81  LEU A CD1 
533 C CD2 . LEU A 70 ? 0.5312 0.3787 0.3492 -0.0104 0.0354  -0.0609 81  LEU A CD2 
534 N N   . LEU A 71 ? 0.3612 0.2897 0.2535 -0.0227 0.0468  -0.0531 82  LEU A N   
535 C CA  . LEU A 71 ? 0.3272 0.2789 0.2363 -0.0241 0.0494  -0.0521 82  LEU A CA  
536 C C   . LEU A 71 ? 0.3239 0.2821 0.2412 -0.0291 0.0555  -0.0510 82  LEU A C   
537 O O   . LEU A 71 ? 0.3472 0.3132 0.2687 -0.0308 0.0591  -0.0521 82  LEU A O   
538 C CB  . LEU A 71 ? 0.3074 0.2778 0.2321 -0.0226 0.0438  -0.0496 82  LEU A CB  
539 C CG  . LEU A 71 ? 0.3226 0.3134 0.2597 -0.0249 0.0467  -0.0481 82  LEU A CG  
540 C CD1 . LEU A 71 ? 0.3331 0.3234 0.2644 -0.0236 0.0498  -0.0516 82  LEU A CD1 
541 C CD2 . LEU A 71 ? 0.3437 0.3495 0.2937 -0.0244 0.0432  -0.0462 82  LEU A CD2 
542 N N   . GLY A 72 ? 0.3119 0.2673 0.2327 -0.0309 0.0555  -0.0494 83  GLY A N   
543 C CA  . GLY A 72 ? 0.3383 0.2981 0.2691 -0.0345 0.0604  -0.0495 83  GLY A CA  
544 C C   . GLY A 72 ? 0.3741 0.3237 0.2992 -0.0371 0.0690  -0.0542 83  GLY A C   
545 O O   . GLY A 72 ? 0.3628 0.3225 0.3003 -0.0396 0.0721  -0.0555 83  GLY A O   
546 N N   . ASP A 73 ? 0.3641 0.2924 0.2695 -0.0368 0.0722  -0.0572 84  ASP A N   
547 C CA  . ASP A 73 ? 0.3723 0.2868 0.2688 -0.0405 0.0823  -0.0621 84  ASP A CA  
548 C C   . ASP A 73 ? 0.3821 0.3054 0.2817 -0.0407 0.0828  -0.0635 84  ASP A C   
549 O O   . ASP A 73 ? 0.3766 0.3034 0.2843 -0.0446 0.0894  -0.0670 84  ASP A O   
550 C CB  . ASP A 73 ? 0.3956 0.2813 0.2646 -0.0403 0.0846  -0.0638 84  ASP A CB  
551 C CG  . ASP A 73 ? 0.5172 0.3892 0.3779 -0.0409 0.0849  -0.0636 84  ASP A CG  
552 O OD1 . ASP A 73 ? 0.4874 0.3703 0.3650 -0.0427 0.0874  -0.0637 84  ASP A OD1 
553 O OD2 . ASP A 73 ? 0.5264 0.3760 0.3632 -0.0393 0.0820  -0.0635 84  ASP A OD2 
554 N N   . LEU A 74 ? 0.3503 0.2769 0.2445 -0.0365 0.0760  -0.0616 85  LEU A N   
555 C CA  . LEU A 74 ? 0.3585 0.2923 0.2540 -0.0362 0.0763  -0.0634 85  LEU A CA  
556 C C   . LEU A 74 ? 0.3842 0.3409 0.2989 -0.0382 0.0750  -0.0624 85  LEU A C   
557 O O   . LEU A 74 ? 0.3496 0.3096 0.2671 -0.0408 0.0782  -0.0655 85  LEU A O   
558 C CB  . LEU A 74 ? 0.3656 0.2983 0.2533 -0.0305 0.0694  -0.0623 85  LEU A CB  
559 C CG  . LEU A 74 ? 0.4454 0.3530 0.3119 -0.0274 0.0675  -0.0634 85  LEU A CG  
560 C CD1 . LEU A 74 ? 0.4390 0.3486 0.3040 -0.0209 0.0592  -0.0633 85  LEU A CD1 
561 C CD2 . LEU A 74 ? 0.5024 0.3874 0.3507 -0.0310 0.0757  -0.0672 85  LEU A CD2 
562 N N   . PHE A 75 ? 0.3527 0.3231 0.2792 -0.0374 0.0699  -0.0582 86  PHE A N   
563 C CA  . PHE A 75 ? 0.3431 0.3321 0.2838 -0.0391 0.0668  -0.0562 86  PHE A CA  
564 C C   . PHE A 75 ? 0.3739 0.3664 0.3281 -0.0422 0.0684  -0.0570 86  PHE A C   
565 O O   . PHE A 75 ? 0.3791 0.3835 0.3435 -0.0438 0.0652  -0.0566 86  PHE A O   
566 C CB  . PHE A 75 ? 0.3362 0.3366 0.2809 -0.0372 0.0607  -0.0509 86  PHE A CB  
567 C CG  . PHE A 75 ? 0.3235 0.3295 0.2631 -0.0348 0.0592  -0.0509 86  PHE A CG  
568 C CD1 . PHE A 75 ? 0.3372 0.3352 0.2670 -0.0327 0.0617  -0.0552 86  PHE A CD1 
569 C CD2 . PHE A 75 ? 0.3375 0.3560 0.2826 -0.0351 0.0562  -0.0471 86  PHE A CD2 
570 C CE1 . PHE A 75 ? 0.3457 0.3496 0.2735 -0.0301 0.0608  -0.0564 86  PHE A CE1 
571 C CE2 . PHE A 75 ? 0.3523 0.3769 0.2951 -0.0334 0.0568  -0.0483 86  PHE A CE2 
572 C CZ  . PHE A 75 ? 0.3216 0.3397 0.2570 -0.0305 0.0589  -0.0534 86  PHE A CZ  
573 N N   . GLY A 76 ? 0.3441 0.3257 0.2983 -0.0430 0.0729  -0.0587 87  GLY A N   
574 C CA  . GLY A 76 ? 0.3714 0.3554 0.3413 -0.0458 0.0764  -0.0615 87  GLY A CA  
575 C C   . GLY A 76 ? 0.4166 0.4122 0.4016 -0.0447 0.0695  -0.0570 87  GLY A C   
576 O O   . GLY A 76 ? 0.3740 0.3765 0.3768 -0.0459 0.0689  -0.0591 87  GLY A O   
577 N N   . VAL A 77 ? 0.3482 0.3457 0.3274 -0.0422 0.0638  -0.0512 88  VAL A N   
578 C CA  . VAL A 77 ? 0.3389 0.3442 0.3290 -0.0416 0.0573  -0.0460 88  VAL A CA  
579 C C   . VAL A 77 ? 0.3540 0.3522 0.3378 -0.0402 0.0563  -0.0431 88  VAL A C   
580 O O   . VAL A 77 ? 0.3551 0.3457 0.3255 -0.0390 0.0577  -0.0438 88  VAL A O   
581 C CB  . VAL A 77 ? 0.3740 0.3919 0.3645 -0.0418 0.0500  -0.0411 88  VAL A CB  
582 C CG1 . VAL A 77 ? 0.3874 0.4117 0.3837 -0.0434 0.0484  -0.0439 88  VAL A CG1 
583 C CG2 . VAL A 77 ? 0.3735 0.3920 0.3505 -0.0409 0.0501  -0.0391 88  VAL A CG2 
584 N N   . PRO A 78 ? 0.3107 0.3100 0.3044 -0.0400 0.0531  -0.0403 89  PRO A N   
585 C CA  . PRO A 78 ? 0.3193 0.3127 0.3077 -0.0392 0.0508  -0.0374 89  PRO A CA  
586 C C   . PRO A 78 ? 0.3123 0.3147 0.2994 -0.0395 0.0448  -0.0315 89  PRO A C   
587 O O   . PRO A 78 ? 0.3067 0.3056 0.2901 -0.0391 0.0429  -0.0301 89  PRO A O   
588 C CB  . PRO A 78 ? 0.3513 0.3420 0.3519 -0.0394 0.0503  -0.0372 89  PRO A CB  
589 C CG  . PRO A 78 ? 0.3862 0.3872 0.4011 -0.0395 0.0475  -0.0368 89  PRO A CG  
590 C CD  . PRO A 78 ? 0.3454 0.3496 0.3567 -0.0403 0.0509  -0.0405 89  PRO A CD  
591 N N   . SER A 79 ? 0.3138 0.3269 0.3040 -0.0407 0.0420  -0.0284 90  SER A N   
592 C CA  . SER A 79 ? 0.2923 0.3132 0.2802 -0.0422 0.0387  -0.0233 90  SER A CA  
593 C C   . SER A 79 ? 0.3209 0.3497 0.3059 -0.0436 0.0378  -0.0222 90  SER A C   
594 O O   . SER A 79 ? 0.3322 0.3611 0.3206 -0.0434 0.0371  -0.0244 90  SER A O   
595 C CB  . SER A 79 ? 0.3230 0.3432 0.3175 -0.0438 0.0342  -0.0177 90  SER A CB  
596 O OG  . SER A 79 ? 0.3451 0.3660 0.3463 -0.0441 0.0302  -0.0153 90  SER A OG  
597 N N   . PHE A 80 ? 0.2745 0.3095 0.2534 -0.0454 0.0382  -0.0198 91  PHE A N   
598 C CA  . PHE A 80 ? 0.2881 0.3286 0.2603 -0.0477 0.0375  -0.0182 91  PHE A CA  
599 C C   . PHE A 80 ? 0.3311 0.3762 0.2976 -0.0512 0.0391  -0.0141 91  PHE A C   
600 O O   . PHE A 80 ? 0.3053 0.3523 0.2758 -0.0513 0.0415  -0.0142 91  PHE A O   
601 C CB  . PHE A 80 ? 0.2886 0.3303 0.2553 -0.0462 0.0413  -0.0241 91  PHE A CB  
602 C CG  . PHE A 80 ? 0.2889 0.3315 0.2527 -0.0440 0.0461  -0.0279 91  PHE A CG  
603 C CD1 . PHE A 80 ? 0.3129 0.3482 0.2782 -0.0408 0.0472  -0.0315 91  PHE A CD1 
604 C CD2 . PHE A 80 ? 0.2833 0.3323 0.2420 -0.0453 0.0492  -0.0285 91  PHE A CD2 
605 C CE1 . PHE A 80 ? 0.2890 0.3234 0.2517 -0.0378 0.0490  -0.0350 91  PHE A CE1 
606 C CE2 . PHE A 80 ? 0.3055 0.3559 0.2650 -0.0421 0.0525  -0.0331 91  PHE A CE2 
607 C CZ  . PHE A 80 ? 0.3064 0.3493 0.2680 -0.0381 0.0513  -0.0361 91  PHE A CZ  
608 N N   . SER A 81 ? 0.3417 0.3881 0.2987 -0.0546 0.0378  -0.0111 92  SER A N   
609 C CA  . SER A 81 ? 0.3274 0.3763 0.2762 -0.0595 0.0413  -0.0072 92  SER A CA  
610 C C   . SER A 81 ? 0.3558 0.4108 0.2985 -0.0597 0.0487  -0.0125 92  SER A C   
611 O O   . SER A 81 ? 0.3476 0.4020 0.2836 -0.0584 0.0482  -0.0161 92  SER A O   
612 C CB  . SER A 81 ? 0.4079 0.4505 0.3449 -0.0637 0.0359  -0.0004 92  SER A CB  
613 O OG  . SER A 81 ? 0.4088 0.4526 0.3343 -0.0693 0.0425  0.0018  92  SER A OG  
614 N N   . VAL A 82 ? 0.3220 0.3828 0.2684 -0.0615 0.0552  -0.0136 93  VAL A N   
615 C CA  . VAL A 82 ? 0.3248 0.3927 0.2689 -0.0615 0.0633  -0.0195 93  VAL A CA  
616 C C   . VAL A 82 ? 0.3996 0.4650 0.3251 -0.0667 0.0670  -0.0180 93  VAL A C   
617 O O   . VAL A 82 ? 0.3899 0.4591 0.3109 -0.0663 0.0734  -0.0238 93  VAL A O   
618 C CB  . VAL A 82 ? 0.3333 0.4097 0.2913 -0.0618 0.0694  -0.0225 93  VAL A CB  
619 C CG1 . VAL A 82 ? 0.3461 0.4220 0.3186 -0.0559 0.0640  -0.0250 93  VAL A CG1 
620 C CG2 . VAL A 82 ? 0.3376 0.4154 0.2945 -0.0697 0.0740  -0.0171 93  VAL A CG2 
621 N N   . LYS A 83 ? 0.3723 0.4295 0.2853 -0.0716 0.0622  -0.0104 94  LYS A N   
622 C CA  . LYS A 83 ? 0.4155 0.4661 0.3057 -0.0770 0.0634  -0.0082 94  LYS A CA  
623 C C   . LYS A 83 ? 0.4895 0.5362 0.3714 -0.0738 0.0564  -0.0112 94  LYS A C   
624 O O   . LYS A 83 ? 0.4953 0.5364 0.3571 -0.0775 0.0575  -0.0115 94  LYS A O   
625 C CB  . LYS A 83 ? 0.4394 0.4789 0.3174 -0.0825 0.0579  0.0014  94  LYS A CB  
626 C CG  . LYS A 83 ? 0.5126 0.5532 0.3953 -0.0878 0.0648  0.0052  94  LYS A CG  
627 C CD  . LYS A 83 ? 0.7310 0.7566 0.5992 -0.0927 0.0573  0.0155  94  LYS A CD  
628 C CE  . LYS A 83 ? 0.8735 0.8979 0.7473 -0.0984 0.0628  0.0200  94  LYS A CE  
629 N NZ  . LYS A 83 ? 0.8952 0.9013 0.7500 -0.1036 0.0555  0.0304  94  LYS A NZ  
630 N N   . GLU A 84 ? 0.4144 0.4627 0.3106 -0.0678 0.0499  -0.0137 95  GLU A N   
631 C CA  . GLU A 84 ? 0.4055 0.4508 0.2984 -0.0655 0.0429  -0.0168 95  GLU A CA  
632 C C   . GLU A 84 ? 0.3994 0.4491 0.2936 -0.0625 0.0494  -0.0253 95  GLU A C   
633 O O   . GLU A 84 ? 0.3854 0.4370 0.2919 -0.0579 0.0490  -0.0299 95  GLU A O   
634 C CB  . GLU A 84 ? 0.4190 0.4631 0.3280 -0.0617 0.0342  -0.0153 95  GLU A CB  
635 C CG  . GLU A 84 ? 0.5773 0.6148 0.4844 -0.0639 0.0255  -0.0071 95  GLU A CG  
636 C CD  . GLU A 84 ? 0.9814 1.0114 0.8762 -0.0656 0.0144  -0.0044 95  GLU A CD  
637 O OE1 . GLU A 84 ? 0.8617 0.8905 0.7422 -0.0674 0.0149  -0.0078 95  GLU A OE1 
638 O OE2 . GLU A 84 ? 0.9612 0.9857 0.8610 -0.0648 0.0042  0.0007  95  GLU A OE2 
639 N N   . HIS A 85 ? 0.3771 0.4270 0.2568 -0.0656 0.0563  -0.0279 96  HIS A N   
640 C CA  . HIS A 85 ? 0.3862 0.4405 0.2688 -0.0624 0.0640  -0.0364 96  HIS A CA  
641 C C   . HIS A 85 ? 0.3680 0.4191 0.2505 -0.0596 0.0593  -0.0412 96  HIS A C   
642 O O   . HIS A 85 ? 0.3385 0.3910 0.2306 -0.0551 0.0621  -0.0465 96  HIS A O   
643 C CB  . HIS A 85 ? 0.4320 0.4870 0.2999 -0.0664 0.0739  -0.0393 96  HIS A CB  
644 C CG  . HIS A 85 ? 0.5071 0.5673 0.3793 -0.0694 0.0821  -0.0369 96  HIS A CG  
645 N ND1 . HIS A 85 ? 0.5691 0.6289 0.4275 -0.0750 0.0925  -0.0386 96  HIS A ND1 
646 C CD2 . HIS A 85 ? 0.5482 0.6136 0.4374 -0.0682 0.0819  -0.0337 96  HIS A CD2 
647 C CE1 . HIS A 85 ? 0.5675 0.6335 0.4370 -0.0774 0.0989  -0.0364 96  HIS A CE1 
648 N NE2 . HIS A 85 ? 0.5552 0.6248 0.4436 -0.0733 0.0919  -0.0335 96  HIS A NE2 
649 N N   . ARG A 86 ? 0.3874 0.4330 0.2587 -0.0626 0.0515  -0.0397 97  ARG A N   
650 C CA  . ARG A 86 ? 0.3852 0.4284 0.2590 -0.0609 0.0468  -0.0454 97  ARG A CA  
651 C C   . ARG A 86 ? 0.3852 0.4299 0.2788 -0.0573 0.0435  -0.0456 97  ARG A C   
652 O O   . ARG A 86 ? 0.3851 0.4289 0.2853 -0.0550 0.0460  -0.0514 97  ARG A O   
653 C CB  . ARG A 86 ? 0.3921 0.4293 0.2512 -0.0649 0.0372  -0.0441 97  ARG A CB  
654 C CG  . ARG A 86 ? 0.4353 0.4713 0.3005 -0.0642 0.0306  -0.0499 97  ARG A CG  
655 C CD  . ARG A 86 ? 0.4076 0.4435 0.2720 -0.0627 0.0390  -0.0583 97  ARG A CD  
656 N NE  . ARG A 86 ? 0.4013 0.4337 0.2444 -0.0651 0.0448  -0.0609 97  ARG A NE  
657 C CZ  . ARG A 86 ? 0.3653 0.3974 0.2051 -0.0633 0.0542  -0.0677 97  ARG A CZ  
658 N NH1 . ARG A 86 ? 0.4208 0.4496 0.2414 -0.0659 0.0602  -0.0704 97  ARG A NH1 
659 N NH2 . ARG A 86 ? 0.4012 0.4344 0.2552 -0.0589 0.0581  -0.0718 97  ARG A NH2 
660 N N   . LYS A 87 ? 0.3763 0.4219 0.2791 -0.0572 0.0385  -0.0395 98  LYS A N   
661 C CA  . LYS A 87 ? 0.3514 0.3976 0.2727 -0.0540 0.0373  -0.0404 98  LYS A CA  
662 C C   . LYS A 87 ? 0.3311 0.3771 0.2573 -0.0506 0.0459  -0.0438 98  LYS A C   
663 O O   . LYS A 87 ? 0.3355 0.3782 0.2689 -0.0487 0.0476  -0.0482 98  LYS A O   
664 C CB  . LYS A 87 ? 0.3823 0.4285 0.3119 -0.0542 0.0311  -0.0336 98  LYS A CB  
665 C CG  . LYS A 87 ? 0.6838 0.7280 0.6126 -0.0561 0.0195  -0.0313 98  LYS A CG  
666 C CD  . LYS A 87 ? 0.7844 0.8268 0.7210 -0.0557 0.0124  -0.0244 98  LYS A CD  
667 C CE  . LYS A 87 ? 0.8159 0.8553 0.7541 -0.0562 -0.0014 -0.0225 98  LYS A CE  
668 N NZ  . LYS A 87 ? 0.9349 0.9666 0.8561 -0.0589 -0.0083 -0.0137 98  LYS A NZ  
669 N N   . ILE A 88 ? 0.3155 0.3641 0.2377 -0.0500 0.0509  -0.0423 99  ILE A N   
670 C CA  . ILE A 88 ? 0.2963 0.3442 0.2229 -0.0459 0.0565  -0.0457 99  ILE A CA  
671 C C   . ILE A 88 ? 0.3505 0.3942 0.2713 -0.0440 0.0602  -0.0529 99  ILE A C   
672 O O   . ILE A 88 ? 0.3324 0.3696 0.2562 -0.0409 0.0616  -0.0561 99  ILE A O   
673 C CB  . ILE A 88 ? 0.3171 0.3708 0.2445 -0.0459 0.0603  -0.0437 99  ILE A CB  
674 C CG1 . ILE A 88 ? 0.3454 0.4005 0.2799 -0.0476 0.0568  -0.0370 99  ILE A CG1 
675 C CG2 . ILE A 88 ? 0.3601 0.4136 0.2921 -0.0410 0.0645  -0.0488 99  ILE A CG2 
676 C CD1 . ILE A 88 ? 0.3338 0.3951 0.2692 -0.0499 0.0610  -0.0346 99  ILE A CD1 
677 N N   . TYR A 89 ? 0.3406 0.3859 0.2509 -0.0462 0.0617  -0.0554 100 TYR A N   
678 C CA  . TYR A 89 ? 0.3237 0.3640 0.2280 -0.0447 0.0649  -0.0626 100 TYR A CA  
679 C C   . TYR A 89 ? 0.3574 0.3908 0.2655 -0.0452 0.0624  -0.0650 100 TYR A C   
680 O O   . TYR A 89 ? 0.3496 0.3753 0.2573 -0.0425 0.0657  -0.0694 100 TYR A O   
681 C CB  . TYR A 89 ? 0.3383 0.3805 0.2296 -0.0476 0.0670  -0.0652 100 TYR A CB  
682 C CG  . TYR A 89 ? 0.3577 0.4030 0.2470 -0.0451 0.0747  -0.0686 100 TYR A CG  
683 C CD1 . TYR A 89 ? 0.4013 0.4537 0.2983 -0.0444 0.0774  -0.0652 100 TYR A CD1 
684 C CD2 . TYR A 89 ? 0.3493 0.3914 0.2313 -0.0437 0.0794  -0.0759 100 TYR A CD2 
685 C CE1 . TYR A 89 ? 0.4162 0.4736 0.3166 -0.0420 0.0848  -0.0697 100 TYR A CE1 
686 C CE2 . TYR A 89 ? 0.3566 0.4027 0.2408 -0.0406 0.0868  -0.0804 100 TYR A CE2 
687 C CZ  . TYR A 89 ? 0.4005 0.4551 0.2953 -0.0397 0.0896  -0.0775 100 TYR A CZ  
688 O OH  . TYR A 89 ? 0.4151 0.4756 0.3168 -0.0368 0.0970  -0.0829 100 TYR A OH  
689 N N   . THR A 90 ? 0.3234 0.3591 0.2362 -0.0485 0.0565  -0.0624 101 THR A N   
690 C CA  . THR A 90 ? 0.3249 0.3565 0.2465 -0.0498 0.0551  -0.0657 101 THR A CA  
691 C C   . THR A 90 ? 0.3425 0.3678 0.2710 -0.0472 0.0593  -0.0658 101 THR A C   
692 O O   . THR A 90 ? 0.3262 0.3426 0.2545 -0.0475 0.0636  -0.0705 101 THR A O   
693 C CB  . THR A 90 ? 0.3646 0.4014 0.2942 -0.0528 0.0468  -0.0630 101 THR A CB  
694 O OG1 . THR A 90 ? 0.3786 0.4169 0.2965 -0.0553 0.0424  -0.0637 101 THR A OG1 
695 C CG2 . THR A 90 ? 0.3773 0.4125 0.3219 -0.0543 0.0461  -0.0673 101 THR A CG2 
696 N N   . MET A 91 ? 0.3197 0.3474 0.2520 -0.0453 0.0585  -0.0605 102 MET A N   
697 C CA  . MET A 91 ? 0.2959 0.3153 0.2312 -0.0429 0.0617  -0.0606 102 MET A CA  
698 C C   . MET A 91 ? 0.3804 0.3900 0.3056 -0.0398 0.0659  -0.0640 102 MET A C   
699 O O   . MET A 91 ? 0.3553 0.3523 0.2773 -0.0394 0.0693  -0.0666 102 MET A O   
700 C CB  . MET A 91 ? 0.2947 0.3181 0.2357 -0.0417 0.0590  -0.0547 102 MET A CB  
701 C CG  . MET A 91 ? 0.3259 0.3549 0.2778 -0.0442 0.0542  -0.0514 102 MET A CG  
702 S SD  . MET A 91 ? 0.3708 0.4015 0.3299 -0.0432 0.0512  -0.0449 102 MET A SD  
703 C CE  . MET A 91 ? 0.3433 0.3815 0.2957 -0.0436 0.0496  -0.0406 102 MET A CE  
704 N N   . ILE A 92 ? 0.3423 0.3564 0.2621 -0.0375 0.0660  -0.0648 103 ILE A N   
705 C CA  . ILE A 92 ? 0.3288 0.3337 0.2407 -0.0331 0.0686  -0.0688 103 ILE A CA  
706 C C   . ILE A 92 ? 0.3073 0.3025 0.2118 -0.0349 0.0716  -0.0743 103 ILE A C   
707 O O   . ILE A 92 ? 0.3533 0.3337 0.2506 -0.0329 0.0737  -0.0767 103 ILE A O   
708 C CB  . ILE A 92 ? 0.3327 0.3469 0.2452 -0.0302 0.0687  -0.0692 103 ILE A CB  
709 C CG1 . ILE A 92 ? 0.3247 0.3468 0.2464 -0.0291 0.0662  -0.0641 103 ILE A CG1 
710 C CG2 . ILE A 92 ? 0.3822 0.3867 0.2892 -0.0248 0.0702  -0.0745 103 ILE A CG2 
711 C CD1 . ILE A 92 ? 0.3851 0.4187 0.3118 -0.0279 0.0679  -0.0647 103 ILE A CD1 
712 N N   . TYR A 93 ? 0.3252 0.3267 0.2303 -0.0393 0.0714  -0.0762 104 TYR A N   
713 C CA  . TYR A 93 ? 0.3252 0.3177 0.2247 -0.0416 0.0741  -0.0821 104 TYR A CA  
714 C C   . TYR A 93 ? 0.3962 0.3765 0.2976 -0.0442 0.0776  -0.0834 104 TYR A C   
715 O O   . TYR A 93 ? 0.4052 0.3711 0.2982 -0.0450 0.0818  -0.0877 104 TYR A O   
716 C CB  . TYR A 93 ? 0.3633 0.3643 0.2637 -0.0463 0.0714  -0.0842 104 TYR A CB  
717 C CG  . TYR A 93 ? 0.3695 0.3761 0.2611 -0.0449 0.0712  -0.0853 104 TYR A CG  
718 C CD1 . TYR A 93 ? 0.4154 0.4143 0.2981 -0.0415 0.0754  -0.0904 104 TYR A CD1 
719 C CD2 . TYR A 93 ? 0.3400 0.3576 0.2309 -0.0471 0.0674  -0.0819 104 TYR A CD2 
720 C CE1 . TYR A 93 ? 0.4306 0.4346 0.3066 -0.0405 0.0770  -0.0928 104 TYR A CE1 
721 C CE2 . TYR A 93 ? 0.3259 0.3467 0.2062 -0.0470 0.0694  -0.0837 104 TYR A CE2 
722 C CZ  . TYR A 93 ? 0.3885 0.4033 0.2625 -0.0436 0.0750  -0.0896 104 TYR A CZ  
723 O OH  . TYR A 93 ? 0.4275 0.4456 0.2930 -0.0431 0.0790  -0.0925 104 TYR A OH  
724 N N   . ARG A 94 ? 0.3667 0.3513 0.2783 -0.0459 0.0765  -0.0800 105 ARG A N   
725 C CA  . ARG A 94 ? 0.3982 0.3709 0.3115 -0.0488 0.0819  -0.0819 105 ARG A CA  
726 C C   . ARG A 94 ? 0.4190 0.3716 0.3162 -0.0454 0.0857  -0.0819 105 ARG A C   
727 O O   . ARG A 94 ? 0.4471 0.3835 0.3378 -0.0486 0.0922  -0.0847 105 ARG A O   
728 C CB  . ARG A 94 ? 0.4049 0.3863 0.3330 -0.0501 0.0803  -0.0784 105 ARG A CB  
729 C CG  . ARG A 94 ? 0.5012 0.4977 0.4457 -0.0537 0.0756  -0.0795 105 ARG A CG  
730 C CD  . ARG A 94 ? 0.7035 0.7087 0.6628 -0.0533 0.0720  -0.0755 105 ARG A CD  
731 N NE  . ARG A 94 ? 0.8529 0.8705 0.8284 -0.0560 0.0654  -0.0769 105 ARG A NE  
732 C CZ  . ARG A 94 ? 1.0516 1.0797 1.0356 -0.0549 0.0566  -0.0722 105 ARG A CZ  
733 N NH1 . ARG A 94 ? 0.9268 0.9559 0.9058 -0.0518 0.0545  -0.0656 105 ARG A NH1 
734 N NH2 . ARG A 94 ? 0.8815 0.9182 0.8791 -0.0569 0.0490  -0.0741 105 ARG A NH2 
735 N N   . ASN A 95 ? 0.3601 0.3127 0.2505 -0.0393 0.0815  -0.0794 106 ASN A N   
736 C CA  . ASN A 95 ? 0.3529 0.2870 0.2287 -0.0347 0.0812  -0.0789 106 ASN A CA  
737 C C   . ASN A 95 ? 0.4343 0.3594 0.2994 -0.0305 0.0802  -0.0822 106 ASN A C   
738 O O   . ASN A 95 ? 0.4340 0.3451 0.2886 -0.0248 0.0768  -0.0819 106 ASN A O   
739 C CB  . ASN A 95 ? 0.3640 0.3051 0.2447 -0.0304 0.0756  -0.0742 106 ASN A CB  
740 C CG  . ASN A 95 ? 0.4005 0.3424 0.2875 -0.0340 0.0772  -0.0715 106 ASN A CG  
741 O OD1 . ASN A 95 ? 0.4235 0.3470 0.2998 -0.0354 0.0808  -0.0720 106 ASN A OD1 
742 N ND2 . ASN A 95 ? 0.3983 0.3593 0.3009 -0.0358 0.0750  -0.0688 106 ASN A ND2 
743 N N   . LEU A 96 ? 0.3921 0.3238 0.2595 -0.0328 0.0821  -0.0859 107 LEU A N   
744 C CA  . LEU A 96 ? 0.4217 0.3437 0.2792 -0.0293 0.0822  -0.0902 107 LEU A CA  
745 C C   . LEU A 96 ? 0.4861 0.3904 0.3333 -0.0345 0.0880  -0.0944 107 LEU A C   
746 O O   . LEU A 96 ? 0.4937 0.4027 0.3478 -0.0418 0.0921  -0.0958 107 LEU A O   
747 C CB  . LEU A 96 ? 0.4134 0.3543 0.2788 -0.0284 0.0808  -0.0922 107 LEU A CB  
748 C CG  . LEU A 96 ? 0.4313 0.3906 0.3073 -0.0245 0.0771  -0.0886 107 LEU A CG  
749 C CD1 . LEU A 96 ? 0.4180 0.3919 0.2969 -0.0255 0.0782  -0.0914 107 LEU A CD1 
750 C CD2 . LEU A 96 ? 0.4020 0.3537 0.2767 -0.0166 0.0734  -0.0881 107 LEU A CD2 
751 N N   . VAL A 97 ? 0.4697 0.3530 0.3016 -0.0308 0.0881  -0.0967 108 VAL A N   
752 C CA  . VAL A 97 ? 0.5058 0.3687 0.3250 -0.0355 0.0939  -0.1010 108 VAL A CA  
753 C C   . VAL A 97 ? 0.6610 0.5381 0.4895 -0.0402 0.0959  -0.1058 108 VAL A C   
754 O O   . VAL A 97 ? 0.6064 0.5003 0.4420 -0.0364 0.0920  -0.1067 108 VAL A O   
755 C CB  . VAL A 97 ? 0.5714 0.4081 0.3713 -0.0290 0.0914  -0.1022 108 VAL A CB  
756 C CG1 . VAL A 97 ? 0.5782 0.3933 0.3644 -0.0344 0.0977  -0.1069 108 VAL A CG1 
757 C CG2 . VAL A 97 ? 0.5874 0.4054 0.3742 -0.0257 0.0883  -0.0975 108 VAL A CG2 
# 
